data_6LP1
#
_entry.id   6LP1
#
_cell.length_a   59.886
_cell.length_b   164.635
_cell.length_c   187.573
_cell.angle_alpha   90.00
_cell.angle_beta   90.00
_cell.angle_gamma   90.00
#
_symmetry.space_group_name_H-M   'P 21 21 21'
#
loop_
_entity.id
_entity.type
_entity.pdbx_description
1 polymer 'Succinyl-CoA:3-ketoacid-coenzyme A transferase'
2 non-polymer 'CALCIUM ION'
3 non-polymer GLYCEROL
4 water water
#
_entity_poly.entity_id   1
_entity_poly.type   'polypeptide(L)'
_entity_poly.pdbx_seq_one_letter_code
;IGLDKVMSLSSAVQDIKNGATLAVGGFGTGGMPHAIMQEIKKMGVRDLIIYSDGAGVDGYGIGVLFENKQINKMIVSYVG
NNKIFARQYLEGDVELEFCPQGSLAERMRAGGAGIPAFYTPTAVGTVLQTGGQITKYDKNGGVLKESTPRETRFFGGRLY
CLENAIKTDFSIVKAWKGDRCGNLVFRGTARNFNVPVGQCGQTVIAEVENLVENGDIDPDEVHLPGVYVDRVVVPERYQT
LIEHRTVTRHDGAGNKPTKASTRGEEVRQRIARRAALEFANGMYVNLGIGIPTESSNYIPAGVNVVLQSENGLIGMGPFP
TEDKVDADWINAGKQTISHLAGSALFDSATSFAMIRGGHMDLTMLGALEVAANGDLANFMIPGKLVKGPGGAMDLVSCGT
RVVVTTTHCNKNGDPKIVERCRLPVTGKHCVCRIITEYAVFDVVDGRLVLKEIAEDTTVDQVKKLTGVGFDADNVITMPL
APL
;
_entity_poly.pdbx_strand_id   A,B,C,D
#
# COMPACT_ATOMS: atom_id res chain seq x y z
N GLY A 2 44.44 2.75 7.28
CA GLY A 2 44.13 1.32 7.66
C GLY A 2 43.69 1.19 9.11
N LEU A 3 42.49 0.63 9.32
CA LEU A 3 41.81 0.64 10.61
C LEU A 3 42.13 -0.61 11.43
N ASP A 4 42.05 -0.48 12.75
CA ASP A 4 42.27 -1.60 13.68
C ASP A 4 41.06 -1.65 14.64
N LYS A 5 40.21 -2.64 14.45
CA LYS A 5 38.98 -2.81 15.21
C LYS A 5 39.10 -3.91 16.26
N VAL A 6 40.32 -4.43 16.44
CA VAL A 6 40.55 -5.57 17.30
C VAL A 6 40.41 -5.15 18.78
N MET A 7 39.82 -6.05 19.56
CA MET A 7 39.53 -5.87 20.97
C MET A 7 39.55 -7.21 21.65
N SER A 8 39.66 -7.14 22.98
CA SER A 8 39.39 -8.30 23.83
C SER A 8 37.94 -8.69 23.71
N LEU A 9 37.71 -9.96 23.95
CA LEU A 9 36.37 -10.53 24.01
C LEU A 9 35.48 -9.76 25.03
N SER A 10 36.02 -9.44 26.20
CA SER A 10 35.22 -8.87 27.31
C SER A 10 34.79 -7.45 27.01
N SER A 11 35.73 -6.63 26.52
CA SER A 11 35.47 -5.22 26.21
C SER A 11 34.51 -5.04 25.03
N ALA A 12 34.62 -5.93 24.03
CA ALA A 12 33.71 -5.94 22.87
C ALA A 12 32.25 -6.14 23.25
N VAL A 13 32.00 -7.01 24.23
CA VAL A 13 30.66 -7.42 24.64
C VAL A 13 30.13 -6.60 25.80
N GLN A 14 30.99 -5.92 26.55
CA GLN A 14 30.59 -5.21 27.77
C GLN A 14 29.46 -4.17 27.62
N ASP A 15 29.27 -3.65 26.41
CA ASP A 15 28.29 -2.58 26.10
C ASP A 15 26.84 -2.98 25.88
N ILE A 16 26.59 -4.29 25.85
CA ILE A 16 25.26 -4.86 25.69
C ILE A 16 24.52 -4.65 27.02
N LYS A 17 23.53 -3.77 27.02
CA LYS A 17 22.67 -3.52 28.18
C LYS A 17 21.48 -4.44 28.18
N ASN A 18 20.88 -4.60 29.37
CA ASN A 18 19.62 -5.33 29.52
C ASN A 18 18.59 -4.86 28.51
N GLY A 19 17.85 -5.80 27.94
CA GLY A 19 16.84 -5.47 26.93
C GLY A 19 17.37 -5.22 25.54
N ALA A 20 18.68 -5.38 25.32
CA ALA A 20 19.24 -5.23 23.99
C ALA A 20 18.63 -6.22 22.97
N THR A 21 18.60 -5.81 21.72
CA THR A 21 18.17 -6.70 20.65
C THR A 21 19.42 -7.16 19.96
N LEU A 22 19.48 -8.43 19.62
CA LEU A 22 20.64 -8.96 18.89
C LEU A 22 20.16 -9.62 17.62
N ALA A 23 20.99 -9.55 16.59
CA ALA A 23 20.93 -10.46 15.47
C ALA A 23 22.20 -11.35 15.60
N VAL A 24 22.05 -12.66 15.46
CA VAL A 24 23.16 -13.58 15.67
C VAL A 24 23.32 -14.56 14.50
N GLY A 25 24.52 -14.63 13.93
CA GLY A 25 24.78 -15.54 12.80
C GLY A 25 24.74 -17.01 13.20
N GLY A 26 24.82 -17.89 12.22
CA GLY A 26 24.85 -19.34 12.47
C GLY A 26 23.65 -20.10 11.94
N PHE A 27 23.90 -21.29 11.44
CA PHE A 27 22.82 -22.22 11.08
C PHE A 27 23.07 -23.52 11.82
N GLY A 28 22.20 -23.83 12.75
CA GLY A 28 22.48 -24.84 13.73
C GLY A 28 23.69 -24.36 14.49
N THR A 29 24.74 -25.18 14.52
CA THR A 29 25.97 -24.84 15.19
C THR A 29 26.98 -24.20 14.24
N GLY A 30 26.72 -24.28 12.92
CA GLY A 30 27.71 -23.89 11.93
C GLY A 30 27.74 -22.40 11.71
N GLY A 31 28.84 -21.76 12.07
CA GLY A 31 28.94 -20.29 12.01
C GLY A 31 28.25 -19.57 13.17
N MET A 32 27.87 -20.35 14.20
CA MET A 32 27.25 -19.81 15.40
C MET A 32 28.36 -19.27 16.32
N PRO A 33 28.33 -17.97 16.68
CA PRO A 33 29.44 -17.40 17.48
C PRO A 33 29.40 -17.81 18.97
N HIS A 34 29.74 -19.08 19.21
CA HIS A 34 29.68 -19.66 20.55
C HIS A 34 30.59 -18.97 21.58
N ALA A 35 31.80 -18.58 21.17
CA ALA A 35 32.73 -17.92 22.11
C ALA A 35 32.17 -16.58 22.64
N ILE A 36 31.52 -15.80 21.77
CA ILE A 36 30.89 -14.54 22.20
C ILE A 36 29.66 -14.79 23.07
N MET A 37 28.87 -15.80 22.70
CA MET A 37 27.67 -16.16 23.45
C MET A 37 28.06 -16.59 24.87
N GLN A 38 29.10 -17.41 24.98
CA GLN A 38 29.76 -17.70 26.26
C GLN A 38 30.01 -16.43 27.08
N GLU A 39 30.62 -15.43 26.45
CA GLU A 39 30.97 -14.17 27.13
C GLU A 39 29.74 -13.40 27.57
N ILE A 40 28.70 -13.41 26.74
CA ILE A 40 27.43 -12.78 27.08
C ILE A 40 26.79 -13.46 28.30
N LYS A 41 26.94 -14.79 28.39
CA LYS A 41 26.52 -15.48 29.61
C LYS A 41 27.28 -14.96 30.85
N LYS A 42 28.62 -14.95 30.79
CA LYS A 42 29.49 -14.50 31.92
C LYS A 42 29.03 -13.17 32.49
N MET A 43 28.90 -12.19 31.60
CA MET A 43 28.49 -10.83 31.99
C MET A 43 27.03 -10.68 32.41
N GLY A 44 26.20 -11.71 32.19
CA GLY A 44 24.89 -11.83 32.83
C GLY A 44 23.77 -10.87 32.42
N VAL A 45 23.85 -10.32 31.21
CA VAL A 45 22.81 -9.40 30.72
C VAL A 45 21.49 -10.15 30.53
N ARG A 46 20.39 -9.45 30.77
CA ARG A 46 19.05 -10.05 30.84
C ARG A 46 18.05 -9.41 29.87
N ASP A 47 16.93 -10.10 29.72
CA ASP A 47 15.84 -9.67 28.86
C ASP A 47 16.27 -9.39 27.40
N LEU A 48 17.09 -10.27 26.83
CA LEU A 48 17.56 -10.12 25.46
C LEU A 48 16.43 -10.44 24.47
N ILE A 49 16.43 -9.69 23.36
CA ILE A 49 15.62 -10.00 22.21
C ILE A 49 16.58 -10.46 21.12
N ILE A 50 16.48 -11.71 20.68
CA ILE A 50 17.40 -12.25 19.66
C ILE A 50 16.71 -12.72 18.36
N TYR A 51 17.23 -12.24 17.24
CA TYR A 51 16.91 -12.72 15.89
C TYR A 51 18.06 -13.60 15.39
N SER A 52 17.77 -14.85 15.06
CA SER A 52 18.79 -15.76 14.52
C SER A 52 18.08 -16.86 13.75
N ASP A 53 18.76 -17.56 12.84
CA ASP A 53 18.08 -18.65 12.12
C ASP A 53 17.47 -19.66 13.10
N GLY A 54 18.31 -20.09 14.05
CA GLY A 54 17.93 -20.94 15.16
C GLY A 54 18.31 -20.29 16.49
N ALA A 55 18.41 -21.11 17.52
CA ALA A 55 18.84 -20.66 18.84
C ALA A 55 19.91 -21.62 19.36
N GLY A 56 20.77 -22.08 18.46
CA GLY A 56 21.86 -22.97 18.82
C GLY A 56 21.34 -24.35 19.10
N VAL A 57 21.94 -25.01 20.09
CA VAL A 57 21.56 -26.36 20.53
C VAL A 57 21.80 -26.32 22.05
N ASP A 58 21.30 -27.28 22.82
CA ASP A 58 21.52 -27.26 24.27
C ASP A 58 23.01 -27.25 24.58
N GLY A 59 23.44 -26.26 25.36
CA GLY A 59 24.85 -26.10 25.73
C GLY A 59 25.76 -25.51 24.66
N TYR A 60 25.22 -24.77 23.69
CA TYR A 60 26.04 -24.23 22.60
C TYR A 60 25.37 -23.08 21.89
N GLY A 61 26.18 -22.12 21.46
CA GLY A 61 25.75 -20.83 20.96
C GLY A 61 24.70 -20.13 21.79
N ILE A 62 23.59 -19.80 21.13
CA ILE A 62 22.51 -19.05 21.77
C ILE A 62 21.89 -19.87 22.92
N GLY A 63 21.89 -21.20 22.77
CA GLY A 63 21.33 -22.13 23.76
C GLY A 63 21.85 -21.95 25.17
N VAL A 64 23.13 -21.62 25.26
CA VAL A 64 23.83 -21.26 26.51
C VAL A 64 23.12 -20.13 27.31
N LEU A 65 22.54 -19.16 26.60
CA LEU A 65 21.85 -18.01 27.23
C LEU A 65 20.52 -18.32 27.91
N PHE A 66 19.92 -19.46 27.59
CA PHE A 66 18.69 -19.91 28.26
C PHE A 66 18.94 -20.42 29.67
N GLU A 67 20.16 -20.86 29.97
CA GLU A 67 20.46 -21.45 31.29
C GLU A 67 20.09 -20.48 32.44
N ASN A 68 20.46 -19.20 32.31
CA ASN A 68 20.13 -18.16 33.30
C ASN A 68 18.93 -17.26 32.96
N LYS A 69 18.11 -17.71 32.01
CA LYS A 69 16.94 -16.96 31.56
C LYS A 69 17.28 -15.53 31.13
N GLN A 70 18.37 -15.42 30.37
CA GLN A 70 18.84 -14.15 29.83
C GLN A 70 18.03 -13.73 28.60
N ILE A 71 17.27 -14.66 28.03
CA ILE A 71 16.44 -14.40 26.86
C ILE A 71 15.00 -14.07 27.20
N ASN A 72 14.55 -12.91 26.77
CA ASN A 72 13.13 -12.59 26.79
C ASN A 72 12.38 -13.14 25.57
N LYS A 73 12.87 -12.79 24.37
CA LYS A 73 12.18 -13.13 23.10
C LYS A 73 13.12 -13.70 22.04
N MET A 74 12.69 -14.79 21.41
CA MET A 74 13.38 -15.32 20.22
C MET A 74 12.56 -15.07 18.96
N ILE A 75 13.22 -14.59 17.91
CA ILE A 75 12.65 -14.56 16.58
C ILE A 75 13.51 -15.43 15.68
N VAL A 76 13.01 -16.63 15.34
CA VAL A 76 13.78 -17.62 14.62
C VAL A 76 12.92 -18.25 13.55
N SER A 77 13.55 -19.04 12.68
CA SER A 77 12.81 -19.88 11.74
C SER A 77 12.72 -21.35 12.22
N TYR A 78 13.61 -21.77 13.11
CA TYR A 78 13.74 -23.16 13.49
C TYR A 78 14.20 -23.27 14.94
N VAL A 79 13.57 -24.17 15.69
CA VAL A 79 13.95 -24.44 17.09
C VAL A 79 15.07 -25.47 17.07
N GLY A 80 14.86 -26.53 16.28
CA GLY A 80 15.85 -27.58 16.08
C GLY A 80 16.04 -28.38 17.35
N ASN A 81 17.25 -28.89 17.51
CA ASN A 81 17.61 -29.76 18.63
C ASN A 81 17.93 -28.94 19.88
N ASN A 82 16.93 -28.24 20.37
CA ASN A 82 17.12 -27.33 21.48
C ASN A 82 15.95 -27.51 22.42
N LYS A 83 16.20 -28.32 23.44
CA LYS A 83 15.20 -28.64 24.45
C LYS A 83 14.95 -27.52 25.48
N ILE A 84 16.01 -26.84 25.97
CA ILE A 84 15.79 -25.65 26.86
C ILE A 84 14.85 -24.66 26.15
N PHE A 85 15.17 -24.33 24.90
CA PHE A 85 14.38 -23.39 24.10
C PHE A 85 12.89 -23.79 24.06
N ALA A 86 12.59 -24.92 23.43
CA ALA A 86 11.23 -25.46 23.33
C ALA A 86 10.52 -25.48 24.69
N ARG A 87 11.23 -25.95 25.70
CA ARG A 87 10.69 -26.02 27.07
C ARG A 87 10.36 -24.62 27.61
N GLN A 88 11.31 -23.70 27.52
CA GLN A 88 11.10 -22.32 28.02
C GLN A 88 9.97 -21.60 27.28
N TYR A 89 9.80 -21.90 25.99
CA TYR A 89 8.60 -21.47 25.26
C TYR A 89 7.33 -22.10 25.84
N LEU A 90 7.31 -23.42 25.96
CA LEU A 90 6.11 -24.09 26.48
C LEU A 90 5.70 -23.61 27.87
N GLU A 91 6.65 -23.43 28.79
CA GLU A 91 6.30 -23.01 30.16
C GLU A 91 6.42 -21.51 30.47
N GLY A 92 6.40 -20.67 29.43
CA GLY A 92 6.18 -19.24 29.62
C GLY A 92 7.37 -18.37 29.98
N ASP A 93 8.57 -18.93 29.95
CA ASP A 93 9.77 -18.15 30.27
C ASP A 93 10.20 -17.28 29.07
N VAL A 94 10.00 -17.79 27.86
CA VAL A 94 10.47 -17.21 26.61
C VAL A 94 9.32 -16.88 25.66
N GLU A 95 9.36 -15.69 25.06
CA GLU A 95 8.51 -15.39 23.90
C GLU A 95 9.20 -15.93 22.64
N LEU A 96 8.44 -16.58 21.76
CA LEU A 96 8.96 -17.13 20.51
C LEU A 96 8.08 -16.74 19.32
N GLU A 97 8.66 -15.95 18.41
CA GLU A 97 8.03 -15.56 17.16
C GLU A 97 8.74 -16.27 16.00
N PHE A 98 7.99 -17.05 15.23
CA PHE A 98 8.53 -17.69 14.02
C PHE A 98 8.57 -16.72 12.83
N CYS A 99 9.65 -16.79 12.08
CA CYS A 99 9.75 -16.10 10.81
C CYS A 99 10.28 -17.06 9.75
N PRO A 100 9.62 -17.16 8.57
CA PRO A 100 10.22 -17.96 7.51
C PRO A 100 11.69 -17.57 7.29
N GLN A 101 12.57 -18.57 7.19
CA GLN A 101 14.02 -18.36 7.14
C GLN A 101 14.42 -17.34 6.05
N GLY A 102 13.85 -17.50 4.86
CA GLY A 102 14.10 -16.62 3.74
C GLY A 102 13.65 -15.20 4.00
N SER A 103 12.51 -15.05 4.67
CA SER A 103 12.07 -13.73 5.05
C SER A 103 13.00 -13.14 6.14
N LEU A 104 13.39 -13.96 7.12
CA LEU A 104 14.28 -13.50 8.22
C LEU A 104 15.63 -12.97 7.67
N ALA A 105 16.21 -13.72 6.73
CA ALA A 105 17.47 -13.35 6.07
C ALA A 105 17.35 -12.05 5.29
N GLU A 106 16.30 -11.94 4.49
CA GLU A 106 16.06 -10.77 3.67
C GLU A 106 15.64 -9.54 4.49
N ARG A 107 14.95 -9.73 5.60
CA ARG A 107 14.61 -8.62 6.53
C ARG A 107 15.86 -8.05 7.22
N MET A 108 16.75 -8.94 7.65
CA MET A 108 18.09 -8.51 8.11
C MET A 108 18.87 -7.72 7.06
N ARG A 109 18.89 -8.21 5.81
CA ARG A 109 19.60 -7.52 4.74
C ARG A 109 18.93 -6.16 4.46
N ALA A 110 17.60 -6.17 4.34
CA ALA A 110 16.83 -4.96 4.16
C ALA A 110 17.12 -3.94 5.26
N GLY A 111 17.25 -4.43 6.49
CA GLY A 111 17.68 -3.57 7.59
C GLY A 111 19.08 -3.02 7.39
N GLY A 112 19.99 -3.85 6.87
CA GLY A 112 21.30 -3.37 6.48
C GLY A 112 21.32 -2.44 5.28
N ALA A 113 20.33 -2.56 4.40
CA ALA A 113 20.34 -1.95 3.07
C ALA A 113 19.44 -0.72 2.94
N GLY A 114 18.85 -0.25 4.04
CA GLY A 114 18.04 0.96 4.00
C GLY A 114 16.74 0.77 3.26
N ILE A 115 16.26 -0.47 3.25
CA ILE A 115 14.98 -0.83 2.67
C ILE A 115 14.03 -1.06 3.83
N PRO A 116 13.05 -0.17 4.03
CA PRO A 116 12.14 -0.33 5.18
C PRO A 116 11.19 -1.56 5.07
N ALA A 117 10.85 -1.94 3.86
CA ALA A 117 9.98 -3.08 3.64
C ALA A 117 10.07 -3.56 2.20
N PHE A 118 9.67 -4.82 2.01
CA PHE A 118 9.72 -5.54 0.72
C PHE A 118 8.63 -6.62 0.76
N TYR A 119 8.23 -7.09 -0.41
CA TYR A 119 7.18 -8.10 -0.54
C TYR A 119 7.71 -9.48 -0.89
N THR A 120 7.14 -10.50 -0.26
CA THR A 120 7.47 -11.88 -0.57
C THR A 120 6.23 -12.76 -0.57
N PRO A 121 6.21 -13.80 -1.45
CA PRO A 121 5.09 -14.75 -1.47
C PRO A 121 5.01 -15.69 -0.28
N THR A 122 6.16 -15.92 0.35
CA THR A 122 6.31 -16.77 1.52
C THR A 122 5.35 -16.48 2.66
N ALA A 123 4.76 -17.56 3.18
CA ALA A 123 3.83 -17.52 4.31
C ALA A 123 2.43 -17.00 3.99
N VAL A 124 2.15 -16.60 2.74
CA VAL A 124 0.84 -16.01 2.42
C VAL A 124 -0.21 -17.09 2.76
N GLY A 125 -1.23 -16.68 3.51
CA GLY A 125 -2.34 -17.54 3.88
C GLY A 125 -2.04 -18.55 4.98
N THR A 126 -0.88 -18.43 5.64
CA THR A 126 -0.49 -19.30 6.74
C THR A 126 -0.76 -18.50 8.02
N VAL A 127 -0.64 -19.19 9.14
CA VAL A 127 -0.71 -18.56 10.48
C VAL A 127 0.27 -17.40 10.71
N LEU A 128 1.40 -17.46 10.01
CA LEU A 128 2.44 -16.45 10.12
C LEU A 128 2.04 -15.11 9.48
N GLN A 129 1.06 -15.13 8.57
CA GLN A 129 0.52 -13.90 7.96
C GLN A 129 -0.81 -13.51 8.59
N THR A 130 -1.66 -14.48 8.94
CA THR A 130 -2.95 -14.19 9.56
C THR A 130 -2.84 -13.73 11.02
N GLY A 131 -1.70 -13.99 11.67
CA GLY A 131 -1.57 -13.83 13.11
C GLY A 131 -2.06 -15.11 13.76
N GLY A 132 -2.01 -15.17 15.07
CA GLY A 132 -2.49 -16.35 15.78
C GLY A 132 -1.54 -17.53 15.90
N GLN A 133 -0.24 -17.38 15.57
CA GLN A 133 0.71 -18.36 16.14
C GLN A 133 0.84 -17.92 17.59
N ILE A 134 0.87 -18.86 18.53
CA ILE A 134 1.06 -18.52 19.95
C ILE A 134 2.53 -18.18 20.10
N THR A 135 2.80 -16.92 20.47
CA THR A 135 4.14 -16.43 20.69
C THR A 135 4.56 -16.49 22.16
N LYS A 136 3.58 -16.45 23.08
CA LYS A 136 3.86 -16.48 24.51
C LYS A 136 2.73 -17.14 25.31
N TYR A 137 3.09 -18.14 26.11
CA TYR A 137 2.17 -18.78 27.07
C TYR A 137 2.35 -18.14 28.43
N ASP A 138 1.36 -18.33 29.30
CA ASP A 138 1.50 -18.04 30.74
C ASP A 138 2.21 -19.24 31.39
N LYS A 139 2.25 -19.28 32.73
CA LYS A 139 2.95 -20.35 33.46
C LYS A 139 2.11 -21.64 33.66
N ASN A 140 0.86 -21.64 33.19
CA ASN A 140 -0.03 -22.81 33.25
C ASN A 140 -0.46 -23.33 31.87
N GLY A 141 0.37 -23.08 30.85
CA GLY A 141 0.05 -23.47 29.47
C GLY A 141 -1.20 -22.83 28.90
N GLY A 142 -1.46 -21.59 29.29
CA GLY A 142 -2.55 -20.78 28.74
C GLY A 142 -1.95 -19.73 27.80
N VAL A 143 -2.71 -19.35 26.78
CA VAL A 143 -2.22 -18.42 25.75
C VAL A 143 -2.21 -17.00 26.29
N LEU A 144 -1.01 -16.40 26.30
CA LEU A 144 -0.78 -15.02 26.71
C LEU A 144 -0.74 -14.08 25.51
N LYS A 145 0.11 -14.39 24.52
CA LYS A 145 0.27 -13.58 23.31
C LYS A 145 0.24 -14.44 22.05
N GLU A 146 -0.34 -13.88 20.99
CA GLU A 146 -0.33 -14.48 19.65
C GLU A 146 0.38 -13.57 18.66
N SER A 147 0.89 -14.13 17.56
CA SER A 147 1.64 -13.34 16.57
C SER A 147 0.73 -12.29 15.93
N THR A 148 1.30 -11.15 15.60
CA THR A 148 0.59 -10.08 14.93
C THR A 148 0.57 -10.36 13.41
N PRO A 149 -0.54 -10.01 12.74
CA PRO A 149 -0.63 -10.29 11.31
C PRO A 149 0.37 -9.52 10.44
N ARG A 150 0.75 -10.13 9.33
CA ARG A 150 1.48 -9.46 8.26
C ARG A 150 0.48 -8.84 7.30
N GLU A 151 0.81 -7.67 6.76
CA GLU A 151 0.04 -7.06 5.69
C GLU A 151 0.27 -7.82 4.39
N THR A 152 -0.66 -7.65 3.49
CA THR A 152 -0.63 -8.31 2.21
C THR A 152 -1.02 -7.33 1.13
N ARG A 153 -0.36 -7.41 -0.02
CA ARG A 153 -0.78 -6.72 -1.22
C ARG A 153 -0.67 -7.63 -2.44
N PHE A 154 -1.59 -7.44 -3.39
CA PHE A 154 -1.48 -8.01 -4.74
C PHE A 154 -0.49 -7.30 -5.67
N PHE A 155 0.35 -8.08 -6.35
CA PHE A 155 1.10 -7.63 -7.54
C PHE A 155 0.93 -8.65 -8.66
N GLY A 156 0.61 -8.18 -9.86
CA GLY A 156 0.41 -9.06 -11.00
C GLY A 156 -0.62 -10.13 -10.71
N GLY A 157 -1.73 -9.75 -10.08
CA GLY A 157 -2.79 -10.70 -9.76
C GLY A 157 -2.50 -11.76 -8.70
N ARG A 158 -1.39 -11.66 -7.97
CA ARG A 158 -1.17 -12.56 -6.85
C ARG A 158 -0.71 -11.85 -5.59
N LEU A 159 -0.97 -12.51 -4.46
CA LEU A 159 -0.86 -11.92 -3.15
C LEU A 159 0.53 -12.15 -2.55
N TYR A 160 1.03 -11.11 -1.90
CA TYR A 160 2.35 -11.14 -1.29
C TYR A 160 2.27 -10.56 0.10
N CYS A 161 3.16 -11.05 0.99
CA CYS A 161 3.31 -10.51 2.35
C CYS A 161 4.28 -9.33 2.40
N LEU A 162 3.93 -8.29 3.17
CA LEU A 162 4.89 -7.24 3.50
C LEU A 162 5.77 -7.72 4.68
N GLU A 163 7.08 -7.62 4.50
CA GLU A 163 8.04 -7.88 5.57
C GLU A 163 8.75 -6.57 5.96
N ASN A 164 8.89 -6.32 7.27
CA ASN A 164 9.64 -5.15 7.72
C ASN A 164 11.09 -5.47 8.02
N ALA A 165 11.95 -4.51 7.66
CA ALA A 165 13.35 -4.55 7.99
C ALA A 165 13.58 -4.81 9.44
N ILE A 166 14.67 -5.53 9.69
CA ILE A 166 15.14 -5.82 11.04
C ILE A 166 16.42 -5.02 11.24
N LYS A 167 16.43 -4.17 12.25
CA LYS A 167 17.64 -3.45 12.71
C LYS A 167 17.78 -3.62 14.19
N THR A 168 18.96 -4.08 14.62
CA THR A 168 19.18 -4.48 16.00
C THR A 168 20.26 -3.62 16.61
N ASP A 169 20.27 -3.66 17.94
CA ASP A 169 21.26 -2.93 18.71
C ASP A 169 22.61 -3.53 18.44
N PHE A 170 22.70 -4.87 18.49
CA PHE A 170 23.95 -5.55 18.11
C PHE A 170 23.72 -6.63 17.05
N SER A 171 24.78 -6.93 16.31
CA SER A 171 24.87 -8.12 15.52
C SER A 171 26.11 -8.88 15.96
N ILE A 172 25.99 -10.20 16.06
CA ILE A 172 27.11 -11.05 16.47
C ILE A 172 27.33 -12.07 15.35
N VAL A 173 28.54 -12.10 14.79
CA VAL A 173 28.87 -13.02 13.69
C VAL A 173 30.16 -13.74 14.01
N LYS A 174 30.37 -14.87 13.33
CA LYS A 174 31.59 -15.66 13.43
C LYS A 174 32.10 -15.88 12.01
N ALA A 175 33.43 -15.90 11.87
CA ALA A 175 34.05 -16.19 10.60
C ALA A 175 35.36 -16.93 10.80
N TRP A 176 35.75 -17.64 9.75
CA TRP A 176 37.04 -18.30 9.70
C TRP A 176 38.19 -17.29 9.67
N LYS A 177 38.00 -16.16 9.00
CA LYS A 177 39.08 -15.19 8.83
C LYS A 177 38.61 -13.77 8.80
N GLY A 178 39.35 -12.90 9.48
CA GLY A 178 39.17 -11.48 9.40
C GLY A 178 40.48 -10.74 9.51
N ASP A 179 40.57 -9.59 8.86
CA ASP A 179 41.68 -8.69 9.11
C ASP A 179 41.32 -7.65 10.20
N ARG A 180 42.27 -6.78 10.56
CA ARG A 180 42.06 -5.80 11.64
C ARG A 180 41.01 -4.72 11.33
N CYS A 181 40.82 -4.34 10.07
CA CYS A 181 39.73 -3.41 9.69
C CYS A 181 38.37 -4.10 9.47
N GLY A 182 38.32 -5.41 9.75
CA GLY A 182 37.07 -6.13 9.87
C GLY A 182 36.56 -6.87 8.65
N ASN A 183 37.33 -6.93 7.55
CA ASN A 183 36.92 -7.74 6.39
C ASN A 183 36.84 -9.19 6.87
N LEU A 184 35.74 -9.87 6.57
CA LEU A 184 35.58 -11.28 6.93
C LEU A 184 35.52 -12.23 5.75
N VAL A 185 36.13 -13.41 5.91
CA VAL A 185 36.01 -14.54 5.01
C VAL A 185 35.47 -15.70 5.81
N PHE A 186 34.50 -16.42 5.24
CA PHE A 186 33.85 -17.55 5.88
C PHE A 186 34.24 -18.83 5.14
N ARG A 187 33.92 -19.98 5.72
CA ARG A 187 34.24 -21.27 5.15
C ARG A 187 33.01 -22.13 5.05
N GLY A 188 32.84 -22.83 3.92
CA GLY A 188 31.78 -23.83 3.78
C GLY A 188 30.41 -23.23 3.95
N THR A 189 29.52 -23.99 4.58
CA THR A 189 28.15 -23.50 4.86
C THR A 189 28.03 -22.75 6.21
N ALA A 190 29.15 -22.53 6.90
CA ALA A 190 29.13 -21.69 8.11
C ALA A 190 29.02 -20.19 7.78
N ARG A 191 28.93 -19.81 6.50
CA ARG A 191 28.61 -18.43 6.11
C ARG A 191 27.17 -18.10 6.52
N ASN A 192 26.23 -18.80 5.87
CA ASN A 192 24.79 -18.64 6.06
C ASN A 192 24.35 -17.21 6.51
N PHE A 193 23.82 -17.03 7.72
CA PHE A 193 23.26 -15.71 8.15
C PHE A 193 24.29 -14.67 8.52
N ASN A 194 25.56 -15.04 8.65
CA ASN A 194 26.60 -14.09 9.08
C ASN A 194 26.71 -12.85 8.18
N VAL A 195 26.44 -13.01 6.89
CA VAL A 195 26.41 -11.83 6.02
C VAL A 195 25.26 -10.85 6.37
N PRO A 196 23.98 -11.26 6.31
CA PRO A 196 22.91 -10.28 6.60
C PRO A 196 22.86 -9.83 8.05
N VAL A 197 23.10 -10.75 8.97
CA VAL A 197 23.29 -10.41 10.38
C VAL A 197 24.37 -9.34 10.50
N GLY A 198 25.49 -9.52 9.82
CA GLY A 198 26.60 -8.56 9.89
C GLY A 198 26.23 -7.17 9.37
N GLN A 199 25.24 -7.10 8.49
CA GLN A 199 24.79 -5.84 7.91
C GLN A 199 23.77 -5.04 8.73
N CYS A 200 23.01 -5.72 9.60
CA CYS A 200 21.83 -5.10 10.24
C CYS A 200 22.06 -4.56 11.64
N GLY A 201 23.26 -4.77 12.21
CA GLY A 201 23.53 -4.31 13.57
C GLY A 201 24.04 -2.90 13.66
N GLN A 202 23.69 -2.21 14.74
CA GLN A 202 24.30 -0.93 15.07
C GLN A 202 25.76 -1.13 15.46
N THR A 203 25.98 -2.05 16.39
CA THR A 203 27.34 -2.45 16.77
C THR A 203 27.52 -3.90 16.39
N VAL A 204 28.42 -4.16 15.42
CA VAL A 204 28.61 -5.53 14.98
C VAL A 204 29.98 -6.06 15.40
N ILE A 205 29.92 -7.18 16.10
CA ILE A 205 31.10 -7.83 16.62
C ILE A 205 31.23 -9.21 15.97
N ALA A 206 32.44 -9.48 15.51
CA ALA A 206 32.77 -10.73 14.86
C ALA A 206 33.87 -11.45 15.64
N GLU A 207 33.62 -12.72 15.99
CA GLU A 207 34.72 -13.62 16.38
C GLU A 207 35.32 -14.21 15.11
N VAL A 208 36.65 -14.23 15.04
CA VAL A 208 37.36 -14.82 13.91
C VAL A 208 38.19 -15.98 14.47
N GLU A 209 38.29 -17.06 13.71
CA GLU A 209 39.14 -18.17 14.09
C GLU A 209 40.58 -17.85 13.77
N ASN A 210 40.79 -16.91 12.83
CA ASN A 210 42.10 -16.49 12.36
C ASN A 210 42.08 -15.00 12.06
N LEU A 211 42.94 -14.26 12.77
CA LEU A 211 43.17 -12.86 12.55
C LEU A 211 44.37 -12.72 11.63
N VAL A 212 44.24 -11.91 10.59
CA VAL A 212 45.37 -11.54 9.75
C VAL A 212 45.52 -10.02 9.65
N GLU A 213 46.70 -9.57 9.22
CA GLU A 213 46.91 -8.13 8.96
C GLU A 213 46.13 -7.66 7.76
N ASN A 214 45.87 -6.35 7.72
CA ASN A 214 45.22 -5.73 6.56
C ASN A 214 46.17 -5.85 5.39
N GLY A 215 45.61 -6.18 4.23
CA GLY A 215 46.37 -6.51 3.04
C GLY A 215 46.66 -7.98 2.89
N ASP A 216 46.34 -8.80 3.90
CA ASP A 216 46.54 -10.25 3.82
C ASP A 216 45.37 -11.00 3.16
N ILE A 217 44.19 -10.39 3.08
CA ILE A 217 43.04 -10.99 2.38
C ILE A 217 42.96 -10.37 1.00
N ASP A 218 42.81 -11.22 -0.02
CA ASP A 218 42.60 -10.76 -1.38
C ASP A 218 41.29 -10.00 -1.34
N PRO A 219 41.26 -8.76 -1.85
CA PRO A 219 40.00 -7.98 -1.81
C PRO A 219 38.83 -8.63 -2.58
N ASP A 220 39.16 -9.58 -3.46
CA ASP A 220 38.18 -10.32 -4.30
C ASP A 220 37.58 -11.53 -3.59
N GLU A 221 38.11 -11.88 -2.41
CA GLU A 221 37.71 -13.04 -1.65
C GLU A 221 37.02 -12.64 -0.34
N VAL A 222 36.74 -11.35 -0.18
CA VAL A 222 36.15 -10.80 1.02
C VAL A 222 34.68 -11.10 0.91
N HIS A 223 34.08 -11.64 1.97
CA HIS A 223 32.63 -11.95 1.96
C HIS A 223 31.77 -10.92 2.66
N LEU A 224 32.24 -10.44 3.81
CA LEU A 224 31.60 -9.32 4.50
C LEU A 224 32.63 -8.21 4.54
N PRO A 225 32.43 -7.14 3.73
CA PRO A 225 33.29 -5.96 3.75
C PRO A 225 33.39 -5.33 5.13
N GLY A 226 34.61 -4.98 5.52
CA GLY A 226 34.91 -4.46 6.83
C GLY A 226 34.15 -3.25 7.32
N VAL A 227 33.67 -2.40 6.39
CA VAL A 227 32.75 -1.30 6.69
C VAL A 227 31.59 -1.67 7.61
N TYR A 228 31.16 -2.92 7.51
CA TYR A 228 30.07 -3.46 8.31
C TYR A 228 30.44 -3.85 9.72
N VAL A 229 31.71 -4.13 10.00
CA VAL A 229 32.15 -4.75 11.25
C VAL A 229 32.75 -3.68 12.16
N ASP A 230 32.26 -3.58 13.40
CA ASP A 230 32.80 -2.64 14.39
C ASP A 230 33.92 -3.17 15.28
N ARG A 231 33.74 -4.37 15.79
CA ARG A 231 34.65 -4.96 16.74
C ARG A 231 35.00 -6.36 16.25
N VAL A 232 36.28 -6.66 16.18
CA VAL A 232 36.73 -8.01 15.85
C VAL A 232 37.41 -8.65 17.05
N VAL A 233 36.99 -9.87 17.36
CA VAL A 233 37.48 -10.60 18.52
C VAL A 233 38.15 -11.87 18.03
N VAL A 234 39.22 -12.27 18.71
CA VAL A 234 39.95 -13.52 18.44
C VAL A 234 39.81 -14.38 19.70
N PRO A 235 38.82 -15.30 19.71
CA PRO A 235 38.75 -16.22 20.86
C PRO A 235 39.92 -17.20 20.86
N GLU A 236 40.15 -17.80 22.02
CA GLU A 236 41.04 -18.94 22.10
C GLU A 236 40.40 -20.03 21.23
N ARG A 237 41.21 -20.76 20.47
CA ARG A 237 40.69 -21.68 19.44
C ARG A 237 39.82 -22.76 20.07
N TYR A 238 38.73 -23.10 19.39
CA TYR A 238 37.81 -24.13 19.90
C TYR A 238 37.13 -24.84 18.74
N GLN A 239 36.73 -26.09 19.00
CA GLN A 239 36.17 -26.97 17.98
C GLN A 239 34.67 -26.67 17.85
N THR A 240 34.23 -26.35 16.63
CA THR A 240 32.79 -26.15 16.34
C THR A 240 32.05 -27.46 16.61
N LEU A 241 30.94 -27.36 17.32
CA LEU A 241 30.15 -28.52 17.68
C LEU A 241 29.46 -29.11 16.44
N ILE A 242 29.81 -30.35 16.10
CA ILE A 242 29.16 -31.11 15.04
C ILE A 242 27.97 -31.86 15.64
N GLU A 243 26.77 -31.56 15.15
CA GLU A 243 25.54 -32.17 15.67
C GLU A 243 25.45 -33.64 15.26
N HIS A 244 25.66 -33.89 13.96
CA HIS A 244 25.61 -35.23 13.41
C HIS A 244 26.86 -35.46 12.61
N ARG A 245 27.76 -36.26 13.17
CA ARG A 245 29.02 -36.58 12.51
C ARG A 245 28.77 -37.76 11.56
N THR A 246 28.14 -37.47 10.42
CA THR A 246 27.81 -38.47 9.41
C THR A 246 28.98 -38.71 8.48
N VAL A 247 29.28 -39.99 8.20
CA VAL A 247 30.43 -40.39 7.39
C VAL A 247 30.07 -41.43 6.30
N THR A 248 30.81 -41.39 5.19
CA THR A 248 30.95 -42.59 4.33
C THR A 248 32.16 -43.39 4.82
N ARG A 249 32.13 -44.68 4.53
CA ARG A 249 32.84 -45.71 5.29
C ARG A 249 33.66 -46.65 4.39
N GLY A 264 12.12 -53.26 7.42
CA GLY A 264 10.95 -53.43 8.28
C GLY A 264 9.78 -52.60 7.79
N GLU A 265 9.89 -51.29 7.96
CA GLU A 265 8.93 -50.31 7.42
C GLU A 265 9.51 -49.68 6.15
N GLU A 266 9.81 -50.54 5.17
CA GLU A 266 10.52 -50.08 3.98
C GLU A 266 9.66 -49.69 2.80
N VAL A 267 8.42 -49.33 3.14
CA VAL A 267 7.67 -48.34 2.39
C VAL A 267 8.57 -47.14 2.01
N ARG A 268 9.37 -46.64 2.96
CA ARG A 268 10.31 -45.53 2.70
C ARG A 268 11.14 -45.67 1.42
N GLN A 269 11.72 -46.85 1.18
CA GLN A 269 12.58 -47.06 0.02
C GLN A 269 11.81 -47.15 -1.30
N ARG A 270 10.56 -47.64 -1.27
CA ARG A 270 9.71 -47.61 -2.50
C ARG A 270 9.32 -46.19 -2.90
N ILE A 271 9.08 -45.34 -1.90
CA ILE A 271 8.74 -43.93 -2.13
C ILE A 271 9.93 -43.19 -2.74
N ALA A 272 11.10 -43.35 -2.11
CA ALA A 272 12.37 -42.83 -2.62
C ALA A 272 12.65 -43.25 -4.07
N ARG A 273 12.35 -44.50 -4.39
CA ARG A 273 12.59 -45.02 -5.73
C ARG A 273 11.63 -44.47 -6.78
N ARG A 274 10.40 -44.17 -6.38
CA ARG A 274 9.46 -43.52 -7.29
C ARG A 274 9.80 -42.04 -7.45
N ALA A 275 10.04 -41.33 -6.34
CA ALA A 275 10.46 -39.91 -6.36
C ALA A 275 11.73 -39.68 -7.15
N ALA A 276 12.68 -40.62 -7.07
CA ALA A 276 13.85 -40.64 -7.94
C ALA A 276 13.56 -40.46 -9.43
N LEU A 277 12.41 -40.96 -9.90
CA LEU A 277 11.99 -40.76 -11.30
C LEU A 277 11.49 -39.34 -11.64
N GLU A 278 11.32 -38.47 -10.63
CA GLU A 278 11.02 -37.02 -10.84
C GLU A 278 12.22 -36.20 -11.27
N PHE A 279 13.43 -36.71 -11.07
CA PHE A 279 14.63 -36.00 -11.47
C PHE A 279 14.87 -36.05 -12.98
N ALA A 280 15.24 -34.92 -13.56
CA ALA A 280 15.66 -34.89 -14.96
C ALA A 280 17.01 -34.21 -15.08
N ASN A 281 17.68 -34.46 -16.21
CA ASN A 281 19.04 -34.00 -16.44
C ASN A 281 19.09 -32.49 -16.45
N GLY A 282 20.12 -31.94 -15.82
CA GLY A 282 20.26 -30.49 -15.67
C GLY A 282 19.46 -29.82 -14.53
N MET A 283 18.66 -30.56 -13.78
CA MET A 283 17.89 -29.93 -12.68
C MET A 283 18.78 -29.42 -11.53
N TYR A 284 18.44 -28.25 -10.98
CA TYR A 284 18.91 -27.87 -9.66
C TYR A 284 17.77 -28.12 -8.70
N VAL A 285 18.06 -28.83 -7.61
CA VAL A 285 17.00 -29.32 -6.74
C VAL A 285 17.30 -29.08 -5.27
N ASN A 286 16.24 -28.80 -4.51
CA ASN A 286 16.31 -28.83 -3.05
C ASN A 286 15.45 -29.98 -2.54
N LEU A 287 16.05 -30.82 -1.70
CA LEU A 287 15.40 -31.99 -1.11
C LEU A 287 15.32 -31.82 0.39
N GLY A 288 14.12 -31.96 0.97
CA GLY A 288 13.93 -31.96 2.42
C GLY A 288 14.58 -33.17 3.09
N ILE A 289 14.71 -33.14 4.41
CA ILE A 289 15.24 -34.28 5.16
C ILE A 289 14.26 -35.46 5.10
N GLY A 290 14.80 -36.67 5.15
CA GLY A 290 13.99 -37.89 5.16
C GLY A 290 13.98 -38.58 3.80
N ILE A 291 12.78 -38.96 3.32
CA ILE A 291 12.62 -39.65 2.03
C ILE A 291 13.15 -38.80 0.86
N PRO A 292 12.89 -37.47 0.86
CA PRO A 292 13.37 -36.73 -0.32
C PRO A 292 14.88 -36.82 -0.53
N THR A 293 15.63 -36.80 0.57
CA THR A 293 17.09 -36.94 0.52
C THR A 293 17.49 -38.36 0.13
N GLU A 294 16.86 -39.36 0.73
CA GLU A 294 17.12 -40.77 0.35
C GLU A 294 16.92 -41.04 -1.14
N SER A 295 15.94 -40.37 -1.77
CA SER A 295 15.67 -40.51 -3.21
C SER A 295 16.87 -40.14 -4.10
N SER A 296 17.70 -39.22 -3.64
CA SER A 296 18.93 -38.86 -4.35
C SER A 296 19.93 -40.03 -4.48
N ASN A 297 19.71 -41.12 -3.72
CA ASN A 297 20.49 -42.36 -3.86
C ASN A 297 20.07 -43.22 -5.05
N TYR A 298 18.82 -43.08 -5.52
CA TYR A 298 18.29 -43.94 -6.59
C TYR A 298 18.20 -43.24 -7.93
N ILE A 299 19.00 -42.19 -8.14
CA ILE A 299 18.94 -41.39 -9.35
C ILE A 299 19.47 -42.25 -10.49
N PRO A 300 18.66 -42.45 -11.56
CA PRO A 300 19.12 -43.29 -12.69
C PRO A 300 20.37 -42.76 -13.42
N ALA A 301 20.95 -43.62 -14.27
CA ALA A 301 22.33 -43.48 -14.77
C ALA A 301 22.67 -42.24 -15.61
N GLY A 302 21.77 -41.84 -16.50
CA GLY A 302 21.99 -40.65 -17.34
C GLY A 302 21.54 -39.31 -16.76
N VAL A 303 21.04 -39.32 -15.52
CA VAL A 303 20.43 -38.14 -14.91
C VAL A 303 21.42 -37.53 -13.92
N ASN A 304 21.83 -36.29 -14.20
CA ASN A 304 22.83 -35.57 -13.43
C ASN A 304 22.16 -34.31 -12.93
N VAL A 305 22.06 -34.19 -11.60
CA VAL A 305 21.38 -33.08 -10.94
C VAL A 305 22.36 -32.38 -9.98
N VAL A 306 22.07 -31.13 -9.65
CA VAL A 306 22.82 -30.40 -8.63
C VAL A 306 21.89 -30.17 -7.44
N LEU A 307 22.35 -30.55 -6.26
CA LEU A 307 21.60 -30.44 -5.03
C LEU A 307 21.93 -29.12 -4.34
N GLN A 308 20.87 -28.36 -4.01
CA GLN A 308 20.98 -27.14 -3.23
C GLN A 308 20.68 -27.46 -1.74
N SER A 309 21.49 -26.94 -0.82
CA SER A 309 21.26 -27.03 0.63
C SER A 309 20.97 -25.59 1.05
N GLU A 310 19.83 -25.37 1.72
CA GLU A 310 19.34 -24.01 1.96
C GLU A 310 20.25 -23.15 2.85
N ASN A 311 21.20 -23.77 3.55
CA ASN A 311 22.17 -23.03 4.37
C ASN A 311 23.34 -22.44 3.56
N GLY A 312 23.36 -22.73 2.25
CA GLY A 312 24.10 -21.91 1.28
C GLY A 312 25.12 -22.70 0.48
N LEU A 313 24.66 -23.77 -0.19
CA LEU A 313 25.53 -24.65 -0.99
C LEU A 313 24.73 -25.17 -2.19
N ILE A 314 25.34 -25.12 -3.39
CA ILE A 314 24.96 -25.97 -4.51
C ILE A 314 26.14 -26.87 -4.85
N GLY A 315 25.83 -28.11 -5.21
CA GLY A 315 26.83 -29.13 -5.53
C GLY A 315 27.11 -30.02 -4.35
N MET A 316 26.12 -30.18 -3.47
CA MET A 316 26.26 -30.97 -2.27
C MET A 316 26.39 -32.43 -2.66
N GLY A 317 27.38 -33.10 -2.09
CA GLY A 317 27.64 -34.53 -2.29
C GLY A 317 27.21 -35.36 -1.10
N PRO A 318 27.54 -36.67 -1.11
CA PRO A 318 27.20 -37.51 0.05
C PRO A 318 28.14 -37.27 1.23
N PHE A 319 27.89 -37.94 2.35
CA PHE A 319 28.69 -37.73 3.57
C PHE A 319 30.17 -37.95 3.29
N PRO A 320 31.07 -37.19 3.96
CA PRO A 320 32.50 -37.29 3.64
C PRO A 320 33.16 -38.56 4.19
N THR A 321 34.41 -38.78 3.80
CA THR A 321 35.19 -39.89 4.34
C THR A 321 35.60 -39.55 5.76
N GLU A 322 36.02 -40.55 6.51
CA GLU A 322 36.23 -40.40 7.95
C GLU A 322 37.17 -39.25 8.33
N ASP A 323 38.20 -38.99 7.51
CA ASP A 323 39.20 -37.96 7.81
C ASP A 323 39.04 -36.66 7.01
N LYS A 324 38.01 -36.61 6.15
CA LYS A 324 37.60 -35.37 5.48
C LYS A 324 36.33 -34.77 6.11
N VAL A 325 35.94 -35.23 7.31
CA VAL A 325 34.80 -34.63 8.03
C VAL A 325 35.15 -33.18 8.35
N ASP A 326 34.15 -32.30 8.32
CA ASP A 326 34.37 -30.87 8.47
C ASP A 326 33.13 -30.21 9.09
N ALA A 327 33.32 -29.58 10.25
CA ALA A 327 32.23 -28.92 10.94
C ALA A 327 31.62 -27.75 10.16
N ASP A 328 32.40 -27.14 9.26
CA ASP A 328 31.91 -26.04 8.43
C ASP A 328 31.09 -26.45 7.20
N TRP A 329 31.09 -27.74 6.84
CA TRP A 329 30.35 -28.28 5.68
C TRP A 329 29.28 -29.25 6.14
N ILE A 330 28.07 -28.72 6.39
CA ILE A 330 26.91 -29.50 6.82
C ILE A 330 25.69 -29.14 5.97
N ASN A 331 24.73 -30.06 5.93
CA ASN A 331 23.49 -29.88 5.14
C ASN A 331 22.39 -29.25 5.99
N ALA A 332 21.19 -29.12 5.43
CA ALA A 332 20.08 -28.50 6.14
C ALA A 332 19.65 -29.22 7.44
N GLY A 333 19.87 -30.54 7.49
CA GLY A 333 19.67 -31.34 8.72
C GLY A 333 20.95 -31.56 9.55
N LYS A 334 21.90 -30.64 9.44
CA LYS A 334 23.00 -30.53 10.40
C LYS A 334 23.99 -31.73 10.36
N GLN A 335 24.04 -32.40 9.21
CA GLN A 335 24.90 -33.57 9.02
C GLN A 335 26.12 -33.14 8.24
N THR A 336 27.29 -33.67 8.60
CA THR A 336 28.50 -33.44 7.84
C THR A 336 28.29 -33.92 6.41
N ILE A 337 28.90 -33.24 5.46
CA ILE A 337 28.66 -33.50 4.04
C ILE A 337 29.83 -33.06 3.17
N SER A 338 29.89 -33.62 1.96
CA SER A 338 30.92 -33.26 1.00
C SER A 338 30.34 -32.29 -0.02
N HIS A 339 31.20 -31.82 -0.91
CA HIS A 339 30.83 -31.02 -2.07
C HIS A 339 31.51 -31.61 -3.29
N LEU A 340 30.89 -31.44 -4.45
CA LEU A 340 31.35 -32.07 -5.69
C LEU A 340 32.00 -30.99 -6.54
N ALA A 341 32.66 -31.41 -7.61
CA ALA A 341 33.26 -30.51 -8.58
C ALA A 341 32.23 -29.51 -9.06
N GLY A 342 32.59 -28.22 -9.02
CA GLY A 342 31.72 -27.17 -9.54
C GLY A 342 30.72 -26.66 -8.51
N SER A 343 30.96 -26.96 -7.23
CA SER A 343 30.08 -26.47 -6.17
C SER A 343 30.32 -24.98 -5.89
N ALA A 344 29.34 -24.34 -5.27
CA ALA A 344 29.41 -22.92 -5.01
C ALA A 344 28.70 -22.62 -3.69
N LEU A 345 29.36 -21.82 -2.86
CA LEU A 345 28.85 -21.41 -1.58
C LEU A 345 28.30 -20.00 -1.74
N PHE A 346 27.24 -19.73 -0.98
CA PHE A 346 26.60 -18.42 -0.94
C PHE A 346 25.99 -18.23 0.46
N ASP A 347 25.62 -17.00 0.77
CA ASP A 347 25.06 -16.68 2.09
C ASP A 347 23.56 -16.87 2.04
N SER A 348 22.93 -16.74 3.20
CA SER A 348 21.51 -17.04 3.36
C SER A 348 20.54 -16.12 2.66
N ALA A 349 20.87 -14.83 2.51
CA ALA A 349 20.03 -13.93 1.72
C ALA A 349 20.03 -14.41 0.28
N THR A 350 21.23 -14.63 -0.26
CA THR A 350 21.39 -15.21 -1.61
C THR A 350 20.70 -16.55 -1.78
N SER A 351 20.86 -17.43 -0.81
CA SER A 351 20.24 -18.74 -0.86
C SER A 351 18.73 -18.59 -1.02
N PHE A 352 18.14 -17.73 -0.20
CA PHE A 352 16.69 -17.55 -0.32
C PHE A 352 16.24 -16.63 -1.43
N ALA A 353 17.14 -15.79 -1.94
CA ALA A 353 16.91 -15.15 -3.24
C ALA A 353 16.80 -16.21 -4.37
N MET A 354 17.75 -17.14 -4.41
CA MET A 354 17.73 -18.31 -5.32
C MET A 354 16.39 -19.08 -5.29
N ILE A 355 15.94 -19.37 -4.09
CA ILE A 355 14.74 -20.15 -3.87
C ILE A 355 13.48 -19.33 -4.16
N ARG A 356 13.35 -18.19 -3.49
CA ARG A 356 12.18 -17.34 -3.65
C ARG A 356 12.10 -16.90 -5.13
N GLY A 357 13.24 -16.86 -5.80
CA GLY A 357 13.29 -16.50 -7.22
C GLY A 357 12.96 -17.57 -8.24
N GLY A 358 12.62 -18.78 -7.79
CA GLY A 358 12.20 -19.86 -8.67
C GLY A 358 13.34 -20.60 -9.35
N HIS A 359 14.56 -20.44 -8.86
CA HIS A 359 15.72 -20.94 -9.60
C HIS A 359 15.93 -22.43 -9.34
N MET A 360 15.23 -22.99 -8.36
CA MET A 360 15.20 -24.45 -8.22
C MET A 360 14.23 -24.99 -9.28
N ASP A 361 14.55 -26.17 -9.83
CA ASP A 361 13.72 -26.87 -10.83
C ASP A 361 12.75 -27.85 -10.19
N LEU A 362 13.14 -28.38 -9.04
CA LEU A 362 12.31 -29.30 -8.28
C LEU A 362 12.58 -29.04 -6.80
N THR A 363 11.51 -29.07 -6.01
CA THR A 363 11.64 -29.14 -4.56
C THR A 363 10.84 -30.33 -4.09
N MET A 364 11.47 -31.17 -3.25
CA MET A 364 10.81 -32.36 -2.74
C MET A 364 10.84 -32.30 -1.21
N LEU A 365 9.66 -32.47 -0.62
CA LEU A 365 9.44 -32.28 0.80
C LEU A 365 8.61 -33.42 1.38
N GLY A 366 8.76 -33.65 2.69
CA GLY A 366 7.86 -34.51 3.43
C GLY A 366 6.63 -33.73 3.90
N ALA A 367 5.73 -34.41 4.61
CA ALA A 367 4.47 -33.83 5.10
C ALA A 367 3.93 -34.54 6.34
N LEU A 368 3.35 -33.77 7.27
CA LEU A 368 2.46 -34.35 8.29
C LEU A 368 1.08 -34.59 7.70
N GLU A 369 0.71 -33.78 6.71
CA GLU A 369 -0.65 -33.74 6.17
C GLU A 369 -0.58 -33.00 4.83
N VAL A 370 -1.29 -33.52 3.83
CA VAL A 370 -1.30 -32.90 2.50
C VAL A 370 -2.72 -32.95 1.91
N ALA A 371 -3.15 -31.83 1.32
CA ALA A 371 -4.57 -31.65 0.95
C ALA A 371 -4.78 -31.79 -0.55
N ALA A 372 -6.01 -32.14 -0.94
CA ALA A 372 -6.42 -32.30 -2.35
C ALA A 372 -6.37 -30.98 -3.11
N ASN A 373 -6.63 -29.94 -2.31
CA ASN A 373 -6.26 -28.55 -2.50
C ASN A 373 -4.85 -28.27 -3.04
N GLY A 374 -3.86 -29.08 -2.65
CA GLY A 374 -2.46 -28.77 -2.87
C GLY A 374 -1.81 -28.05 -1.69
N ASP A 375 -2.58 -27.73 -0.66
CA ASP A 375 -2.03 -27.29 0.63
C ASP A 375 -1.19 -28.39 1.28
N LEU A 376 -0.22 -27.94 2.07
CA LEU A 376 0.71 -28.79 2.79
C LEU A 376 0.83 -28.29 4.20
N ALA A 377 0.83 -29.21 5.18
CA ALA A 377 1.14 -28.92 6.57
C ALA A 377 2.33 -29.77 7.03
N ASN A 378 3.45 -29.12 7.37
CA ASN A 378 4.60 -29.86 7.89
C ASN A 378 5.60 -29.09 8.77
N PHE A 379 5.14 -28.09 9.51
CA PHE A 379 6.09 -27.24 10.28
C PHE A 379 5.85 -27.10 11.79
N MET A 380 4.61 -27.21 12.26
CA MET A 380 4.33 -27.16 13.71
C MET A 380 2.87 -27.57 14.02
N ILE A 381 2.64 -28.00 15.26
CA ILE A 381 1.30 -28.35 15.74
C ILE A 381 1.08 -27.69 17.11
N PRO A 382 0.14 -26.72 17.21
CA PRO A 382 0.05 -25.83 18.39
C PRO A 382 0.05 -26.55 19.74
N GLY A 383 0.99 -26.17 20.61
CA GLY A 383 1.13 -26.72 21.96
C GLY A 383 1.83 -28.06 22.10
N LYS A 384 2.28 -28.65 20.98
CA LYS A 384 2.74 -30.05 20.97
C LYS A 384 4.04 -30.30 20.21
N LEU A 385 4.17 -29.75 19.01
CA LEU A 385 5.43 -29.77 18.27
C LEU A 385 5.86 -28.33 18.04
N VAL A 386 7.01 -27.98 18.60
CA VAL A 386 7.55 -26.64 18.45
C VAL A 386 8.76 -26.77 17.52
N LYS A 387 8.51 -26.57 16.23
CA LYS A 387 9.56 -26.73 15.22
C LYS A 387 9.89 -25.42 14.51
N GLY A 388 8.98 -24.95 13.68
CA GLY A 388 9.15 -23.69 12.96
C GLY A 388 9.11 -23.93 11.48
N PRO A 389 8.94 -22.86 10.68
CA PRO A 389 8.78 -23.02 9.22
C PRO A 389 10.05 -23.41 8.50
N GLY A 390 11.22 -23.06 9.05
CA GLY A 390 12.50 -23.30 8.38
C GLY A 390 12.55 -22.59 7.05
N GLY A 391 13.03 -23.28 6.02
CA GLY A 391 12.97 -22.82 4.66
C GLY A 391 11.77 -23.36 3.91
N ALA A 392 10.91 -24.16 4.54
CA ALA A 392 9.85 -24.88 3.82
C ALA A 392 8.81 -23.94 3.24
N MET A 393 8.45 -22.88 3.98
CA MET A 393 7.49 -21.91 3.43
C MET A 393 8.02 -21.21 2.16
N ASP A 394 9.30 -20.84 2.19
CA ASP A 394 9.95 -20.28 0.99
C ASP A 394 10.00 -21.28 -0.18
N LEU A 395 10.45 -22.48 0.15
CA LEU A 395 10.57 -23.57 -0.82
C LEU A 395 9.26 -23.88 -1.53
N VAL A 396 8.15 -23.81 -0.80
CA VAL A 396 6.86 -24.20 -1.36
C VAL A 396 6.09 -23.11 -2.06
N SER A 397 6.43 -21.84 -1.82
CA SER A 397 5.61 -20.75 -2.37
C SER A 397 6.32 -19.89 -3.45
N CYS A 398 7.51 -20.30 -3.89
CA CYS A 398 8.16 -19.71 -5.05
C CYS A 398 7.57 -20.41 -6.31
N GLY A 399 8.01 -20.04 -7.50
CA GLY A 399 7.43 -20.67 -8.71
C GLY A 399 7.50 -22.21 -8.84
N THR A 400 8.35 -22.84 -8.03
CA THR A 400 8.90 -24.15 -8.32
C THR A 400 7.95 -25.32 -8.11
N ARG A 401 8.08 -26.34 -8.96
CA ARG A 401 7.41 -27.63 -8.81
C ARG A 401 7.70 -28.26 -7.45
N VAL A 402 6.65 -28.52 -6.69
CA VAL A 402 6.72 -29.17 -5.39
C VAL A 402 6.14 -30.58 -5.46
N VAL A 403 6.91 -31.56 -5.01
CA VAL A 403 6.48 -32.94 -4.90
C VAL A 403 6.58 -33.32 -3.44
N VAL A 404 5.49 -33.86 -2.88
CA VAL A 404 5.49 -34.34 -1.52
C VAL A 404 5.71 -35.84 -1.57
N THR A 405 6.72 -36.31 -0.83
CA THR A 405 6.97 -37.73 -0.64
C THR A 405 6.55 -38.03 0.77
N THR A 406 5.61 -38.93 0.95
CA THR A 406 5.08 -39.23 2.29
C THR A 406 4.48 -40.62 2.34
N THR A 407 4.48 -41.22 3.54
CA THR A 407 3.72 -42.45 3.74
C THR A 407 2.24 -42.07 3.60
N HIS A 408 1.49 -42.97 3.01
CA HIS A 408 0.15 -42.68 2.59
C HIS A 408 -0.76 -42.44 3.79
N CYS A 409 -0.56 -43.25 4.81
CA CYS A 409 -1.28 -43.11 6.06
C CYS A 409 -0.34 -42.91 7.23
N ASN A 410 -0.93 -42.40 8.31
CA ASN A 410 -0.25 -42.35 9.59
C ASN A 410 -0.02 -43.76 10.08
N LYS A 411 0.93 -43.93 11.01
CA LYS A 411 0.91 -45.09 11.87
C LYS A 411 -0.33 -44.89 12.73
N ASN A 412 -1.17 -45.92 12.77
CA ASN A 412 -2.53 -45.94 13.32
C ASN A 412 -3.66 -45.96 12.27
N GLY A 413 -3.30 -45.66 11.01
CA GLY A 413 -4.21 -45.87 9.88
C GLY A 413 -4.97 -44.66 9.37
N ASP A 414 -4.95 -43.56 10.11
CA ASP A 414 -5.53 -42.30 9.60
C ASP A 414 -4.81 -41.82 8.34
N PRO A 415 -5.56 -41.20 7.41
CA PRO A 415 -4.95 -40.78 6.16
C PRO A 415 -4.13 -39.49 6.37
N LYS A 416 -3.04 -39.39 5.64
CA LYS A 416 -2.27 -38.16 5.54
C LYS A 416 -2.68 -37.35 4.32
N ILE A 417 -3.51 -37.96 3.46
CA ILE A 417 -4.07 -37.31 2.29
C ILE A 417 -5.54 -37.00 2.61
N VAL A 418 -5.80 -35.74 2.96
CA VAL A 418 -7.12 -35.27 3.42
C VAL A 418 -7.75 -34.27 2.48
N GLU A 419 -9.03 -33.98 2.72
CA GLU A 419 -9.72 -33.01 1.91
C GLU A 419 -9.13 -31.63 2.23
N ARG A 420 -9.13 -31.28 3.52
CA ARG A 420 -8.62 -30.00 4.02
C ARG A 420 -7.71 -30.25 5.20
N CYS A 421 -6.61 -29.47 5.25
CA CYS A 421 -5.63 -29.57 6.33
C CYS A 421 -6.22 -29.17 7.67
N ARG A 422 -6.01 -29.98 8.69
CA ARG A 422 -6.40 -29.65 10.06
C ARG A 422 -5.25 -29.02 10.84
N LEU A 423 -4.02 -29.40 10.50
CA LEU A 423 -2.83 -28.81 11.11
C LEU A 423 -2.51 -27.48 10.40
N PRO A 424 -1.70 -26.61 11.04
CA PRO A 424 -1.28 -25.37 10.37
C PRO A 424 -0.55 -25.60 9.04
N VAL A 425 -1.04 -24.96 8.00
CA VAL A 425 -0.52 -25.14 6.67
C VAL A 425 0.85 -24.45 6.47
N THR A 426 1.79 -25.16 5.87
CA THR A 426 3.10 -24.60 5.45
C THR A 426 2.95 -23.69 4.21
N GLY A 427 2.17 -24.15 3.26
CA GLY A 427 1.92 -23.39 2.03
C GLY A 427 0.49 -23.65 1.59
N LYS A 428 -0.10 -22.70 0.87
CA LYS A 428 -1.48 -22.80 0.36
C LYS A 428 -1.38 -23.08 -1.14
N HIS A 429 -2.17 -24.04 -1.67
CA HIS A 429 -2.22 -24.39 -3.11
C HIS A 429 -0.85 -24.55 -3.80
N CYS A 430 0.09 -25.26 -3.17
CA CYS A 430 1.49 -25.33 -3.64
C CYS A 430 1.98 -26.70 -4.11
N VAL A 431 1.45 -27.79 -3.57
CA VAL A 431 1.93 -29.14 -3.89
C VAL A 431 1.48 -29.51 -5.31
N CYS A 432 2.41 -29.94 -6.16
CA CYS A 432 2.07 -30.33 -7.55
C CYS A 432 1.81 -31.82 -7.65
N ARG A 433 2.69 -32.62 -7.05
CA ARG A 433 2.53 -34.09 -7.04
C ARG A 433 2.70 -34.64 -5.62
N ILE A 434 1.95 -35.71 -5.32
CA ILE A 434 2.08 -36.46 -4.07
C ILE A 434 2.46 -37.87 -4.45
N ILE A 435 3.60 -38.34 -3.93
CA ILE A 435 4.03 -39.73 -4.09
C ILE A 435 4.00 -40.43 -2.72
N THR A 436 3.35 -41.59 -2.68
CA THR A 436 3.40 -42.49 -1.53
C THR A 436 3.83 -43.90 -1.95
N GLU A 437 3.79 -44.84 -1.00
CA GLU A 437 4.02 -46.25 -1.30
C GLU A 437 2.88 -46.88 -2.11
N TYR A 438 1.64 -46.38 -1.97
CA TYR A 438 0.49 -46.91 -2.72
C TYR A 438 0.26 -46.22 -4.06
N ALA A 439 0.60 -44.94 -4.16
CA ALA A 439 0.02 -44.10 -5.20
C ALA A 439 0.86 -42.89 -5.58
N VAL A 440 0.48 -42.29 -6.70
CA VAL A 440 1.02 -41.02 -7.15
C VAL A 440 -0.19 -40.22 -7.55
N PHE A 441 -0.53 -39.19 -6.78
CA PHE A 441 -1.58 -38.24 -7.13
C PHE A 441 -0.97 -36.98 -7.69
N ASP A 442 -1.62 -36.40 -8.70
CA ASP A 442 -1.38 -35.00 -9.09
C ASP A 442 -2.47 -34.10 -8.54
N VAL A 443 -2.14 -32.82 -8.34
CA VAL A 443 -3.12 -31.82 -7.93
C VAL A 443 -3.40 -31.05 -9.20
N VAL A 444 -4.66 -31.12 -9.66
CA VAL A 444 -5.10 -30.43 -10.87
C VAL A 444 -6.41 -29.70 -10.59
N ASP A 445 -6.43 -28.39 -10.86
CA ASP A 445 -7.61 -27.55 -10.62
C ASP A 445 -8.14 -27.66 -9.19
N GLY A 446 -7.24 -27.73 -8.21
CA GLY A 446 -7.62 -27.80 -6.81
C GLY A 446 -8.23 -29.10 -6.33
N ARG A 447 -8.01 -30.18 -7.07
CA ARG A 447 -8.42 -31.51 -6.62
C ARG A 447 -7.39 -32.59 -7.04
N LEU A 448 -7.53 -33.78 -6.45
CA LEU A 448 -6.68 -34.93 -6.72
C LEU A 448 -7.09 -35.69 -7.99
N VAL A 449 -6.09 -35.99 -8.83
CA VAL A 449 -6.22 -36.92 -9.94
C VAL A 449 -5.18 -38.00 -9.68
N LEU A 450 -5.65 -39.24 -9.56
CA LEU A 450 -4.76 -40.37 -9.40
C LEU A 450 -4.18 -40.70 -10.76
N LYS A 451 -2.86 -40.80 -10.79
CA LYS A 451 -2.09 -40.99 -12.03
C LYS A 451 -1.39 -42.35 -12.13
N GLU A 452 -1.00 -42.89 -10.98
CA GLU A 452 -0.32 -44.19 -10.89
C GLU A 452 -0.71 -44.86 -9.58
N ILE A 453 -0.71 -46.19 -9.57
CA ILE A 453 -0.81 -46.99 -8.34
C ILE A 453 0.23 -48.09 -8.36
N ALA A 454 0.56 -48.58 -7.16
CA ALA A 454 1.68 -49.50 -6.97
C ALA A 454 1.36 -50.90 -7.43
N GLU A 455 2.44 -51.68 -7.60
CA GLU A 455 2.43 -53.13 -7.35
C GLU A 455 1.38 -53.78 -8.24
N ASP A 456 0.41 -54.49 -7.66
CA ASP A 456 -0.90 -54.65 -8.24
C ASP A 456 -1.94 -54.46 -7.12
N THR A 457 -1.75 -53.36 -6.38
CA THR A 457 -2.72 -52.80 -5.42
C THR A 457 -3.91 -52.36 -6.28
N THR A 458 -4.93 -51.76 -5.69
CA THR A 458 -6.14 -51.46 -6.43
C THR A 458 -6.67 -50.08 -6.14
N VAL A 459 -7.35 -49.50 -7.12
CA VAL A 459 -8.04 -48.23 -6.96
C VAL A 459 -8.95 -48.31 -5.72
N ASP A 460 -9.54 -49.47 -5.47
CA ASP A 460 -10.44 -49.64 -4.32
C ASP A 460 -9.73 -49.53 -2.96
N GLN A 461 -8.55 -50.14 -2.79
CA GLN A 461 -7.83 -50.00 -1.49
C GLN A 461 -7.33 -48.58 -1.27
N VAL A 462 -6.80 -47.94 -2.33
CA VAL A 462 -6.35 -46.55 -2.23
C VAL A 462 -7.52 -45.60 -1.94
N LYS A 463 -8.68 -45.78 -2.58
CA LYS A 463 -9.89 -45.05 -2.16
C LYS A 463 -10.10 -45.15 -0.65
N LYS A 464 -10.04 -46.37 -0.10
CA LYS A 464 -10.26 -46.55 1.33
C LYS A 464 -9.13 -45.97 2.21
N LEU A 465 -7.90 -45.94 1.70
CA LEU A 465 -6.77 -45.34 2.42
C LEU A 465 -6.64 -43.81 2.33
N THR A 466 -7.36 -43.15 1.41
CA THR A 466 -7.23 -41.69 1.23
C THR A 466 -8.42 -40.99 1.87
N GLY A 467 -8.16 -39.90 2.57
CA GLY A 467 -9.22 -39.16 3.26
C GLY A 467 -10.10 -38.29 2.37
N VAL A 468 -9.96 -38.41 1.04
CA VAL A 468 -10.80 -37.69 0.06
C VAL A 468 -10.95 -38.54 -1.17
N GLY A 469 -11.92 -38.16 -2.00
CA GLY A 469 -12.07 -38.74 -3.32
C GLY A 469 -11.08 -38.14 -4.29
N PHE A 470 -11.18 -38.59 -5.54
CA PHE A 470 -10.25 -38.22 -6.60
C PHE A 470 -10.70 -38.80 -7.94
N ASP A 471 -10.13 -38.25 -9.01
CA ASP A 471 -10.36 -38.69 -10.39
C ASP A 471 -9.37 -39.80 -10.69
N ALA A 472 -9.81 -40.91 -11.29
CA ALA A 472 -8.95 -42.07 -11.58
C ALA A 472 -9.21 -42.71 -12.96
N ASP A 473 -9.13 -41.89 -14.01
CA ASP A 473 -9.50 -42.30 -15.38
C ASP A 473 -8.35 -42.55 -16.38
N ASN A 474 -7.09 -42.34 -15.98
CA ASN A 474 -5.94 -42.78 -16.78
C ASN A 474 -4.80 -43.30 -15.86
N VAL A 475 -5.18 -44.19 -14.96
CA VAL A 475 -4.28 -44.75 -13.96
C VAL A 475 -3.39 -45.81 -14.61
N ILE A 476 -2.09 -45.56 -14.60
CA ILE A 476 -1.08 -46.56 -14.97
C ILE A 476 -0.54 -47.26 -13.71
N THR A 477 0.34 -48.25 -13.91
CA THR A 477 1.08 -48.88 -12.79
C THR A 477 2.36 -48.08 -12.46
N MET A 478 2.70 -48.03 -11.16
CA MET A 478 3.78 -47.18 -10.63
C MET A 478 5.16 -47.75 -10.94
N PRO A 479 5.99 -47.01 -11.70
CA PRO A 479 7.36 -47.49 -11.90
C PRO A 479 8.26 -47.09 -10.71
N LEU A 480 9.39 -47.76 -10.60
CA LEU A 480 10.36 -47.55 -9.53
C LEU A 480 11.76 -47.59 -10.11
N ALA A 481 12.60 -46.59 -9.80
CA ALA A 481 14.00 -46.58 -10.24
C ALA A 481 14.72 -47.89 -9.86
N PRO A 482 15.70 -48.36 -10.67
CA PRO A 482 16.43 -49.63 -10.43
C PRO A 482 16.67 -50.06 -8.97
N ILE B 1 32.51 -34.78 -14.51
CA ILE B 1 32.22 -34.06 -13.24
C ILE B 1 31.28 -32.85 -13.48
N GLY B 2 29.96 -33.06 -13.22
CA GLY B 2 28.96 -31.98 -13.21
C GLY B 2 28.31 -31.65 -14.56
N LEU B 3 27.86 -30.40 -14.68
CA LEU B 3 27.13 -29.88 -15.87
C LEU B 3 28.09 -29.12 -16.79
N ASP B 4 27.73 -29.02 -18.08
CA ASP B 4 28.54 -28.30 -19.10
C ASP B 4 27.66 -27.34 -19.89
N LYS B 5 27.94 -26.04 -19.79
CA LYS B 5 27.09 -25.02 -20.42
C LYS B 5 27.81 -24.21 -21.48
N VAL B 6 28.99 -24.67 -21.87
CA VAL B 6 29.88 -23.90 -22.76
C VAL B 6 29.33 -23.98 -24.16
N MET B 7 29.41 -22.85 -24.85
CA MET B 7 28.88 -22.72 -26.21
C MET B 7 29.73 -21.75 -26.97
N SER B 8 29.62 -21.78 -28.30
CA SER B 8 30.21 -20.76 -29.16
C SER B 8 29.43 -19.45 -29.04
N LEU B 9 30.14 -18.36 -29.32
CA LEU B 9 29.59 -17.00 -29.29
C LEU B 9 28.37 -16.76 -30.18
N SER B 10 28.42 -17.27 -31.41
CA SER B 10 27.28 -17.17 -32.35
C SER B 10 26.04 -17.99 -31.94
N SER B 11 26.24 -19.24 -31.51
CA SER B 11 25.13 -20.14 -31.11
C SER B 11 24.40 -19.71 -29.83
N ALA B 12 25.19 -19.26 -28.85
CA ALA B 12 24.65 -18.68 -27.60
C ALA B 12 23.73 -17.48 -27.82
N VAL B 13 23.97 -16.72 -28.87
CA VAL B 13 23.27 -15.46 -29.11
C VAL B 13 22.12 -15.57 -30.13
N GLN B 14 22.11 -16.64 -30.93
CA GLN B 14 21.24 -16.70 -32.13
C GLN B 14 19.71 -16.68 -31.89
N ASP B 15 19.26 -17.10 -30.71
CA ASP B 15 17.82 -17.16 -30.39
C ASP B 15 17.29 -15.92 -29.64
N ILE B 16 18.07 -14.83 -29.58
CA ILE B 16 17.53 -13.52 -29.18
C ILE B 16 16.66 -13.04 -30.33
N LYS B 17 15.35 -13.02 -30.12
CA LYS B 17 14.40 -12.55 -31.13
C LYS B 17 14.03 -11.09 -30.91
N ASN B 18 13.42 -10.51 -31.93
CA ASN B 18 13.12 -9.06 -31.96
C ASN B 18 12.19 -8.67 -30.81
N GLY B 19 12.35 -7.44 -30.32
CA GLY B 19 11.55 -6.93 -29.20
C GLY B 19 12.02 -7.42 -27.84
N ALA B 20 13.23 -7.98 -27.78
CA ALA B 20 13.70 -8.68 -26.59
C ALA B 20 14.15 -7.68 -25.52
N THR B 21 13.89 -8.04 -24.26
CA THR B 21 14.38 -7.27 -23.10
C THR B 21 15.71 -7.90 -22.68
N LEU B 22 16.77 -7.10 -22.60
CA LEU B 22 18.08 -7.53 -22.12
C LEU B 22 18.44 -6.80 -20.84
N ALA B 23 19.09 -7.51 -19.91
CA ALA B 23 19.77 -6.88 -18.77
C ALA B 23 21.26 -7.06 -18.98
N VAL B 24 22.04 -5.98 -18.92
CA VAL B 24 23.47 -6.10 -19.28
C VAL B 24 24.38 -5.63 -18.16
N GLY B 25 25.34 -6.47 -17.78
CA GLY B 25 26.34 -6.10 -16.79
C GLY B 25 27.25 -4.97 -17.22
N GLY B 26 27.99 -4.43 -16.26
CA GLY B 26 29.06 -3.49 -16.55
C GLY B 26 28.80 -2.11 -16.03
N PHE B 27 29.90 -1.39 -15.79
CA PHE B 27 29.87 -0.04 -15.26
C PHE B 27 30.87 0.75 -16.10
N GLY B 28 30.37 1.57 -17.02
CA GLY B 28 31.16 2.08 -18.12
C GLY B 28 31.56 0.89 -18.97
N THR B 29 32.87 0.69 -19.12
CA THR B 29 33.41 -0.46 -19.85
C THR B 29 33.84 -1.56 -18.92
N GLY B 30 33.91 -1.28 -17.61
CA GLY B 30 34.39 -2.27 -16.66
C GLY B 30 33.36 -3.35 -16.42
N GLY B 31 33.71 -4.58 -16.80
CA GLY B 31 32.83 -5.72 -16.67
C GLY B 31 31.74 -5.76 -17.71
N MET B 32 31.93 -5.05 -18.81
CA MET B 32 30.89 -4.99 -19.81
C MET B 32 31.16 -6.02 -20.89
N PRO B 33 30.18 -6.89 -21.16
CA PRO B 33 30.40 -7.95 -22.14
C PRO B 33 30.36 -7.41 -23.61
N HIS B 34 31.51 -6.85 -24.02
CA HIS B 34 31.69 -6.22 -25.31
C HIS B 34 31.59 -7.24 -26.42
N ALA B 35 32.38 -8.31 -26.34
CA ALA B 35 32.36 -9.36 -27.37
C ALA B 35 30.93 -9.84 -27.68
N ILE B 36 30.10 -10.02 -26.64
CA ILE B 36 28.72 -10.45 -26.86
C ILE B 36 27.89 -9.37 -27.56
N MET B 37 28.02 -8.10 -27.14
CA MET B 37 27.35 -7.01 -27.83
C MET B 37 27.76 -6.96 -29.31
N GLN B 38 29.05 -7.22 -29.58
CA GLN B 38 29.55 -7.32 -30.96
C GLN B 38 28.80 -8.38 -31.73
N GLU B 39 28.75 -9.59 -31.19
CA GLU B 39 28.06 -10.70 -31.86
C GLU B 39 26.59 -10.39 -32.08
N ILE B 40 25.94 -9.78 -31.10
CA ILE B 40 24.54 -9.39 -31.20
C ILE B 40 24.33 -8.39 -32.36
N LYS B 41 25.27 -7.46 -32.54
CA LYS B 41 25.26 -6.59 -33.72
C LYS B 41 25.25 -7.41 -35.02
N LYS B 42 26.14 -8.40 -35.10
CA LYS B 42 26.19 -9.31 -36.25
C LYS B 42 24.85 -9.96 -36.58
N MET B 43 24.16 -10.49 -35.56
CA MET B 43 22.92 -11.24 -35.79
C MET B 43 21.80 -10.35 -36.35
N GLY B 44 21.81 -9.06 -36.00
CA GLY B 44 20.83 -8.11 -36.49
C GLY B 44 19.48 -8.20 -35.79
N VAL B 45 19.47 -8.38 -34.46
CA VAL B 45 18.22 -8.31 -33.70
C VAL B 45 17.80 -6.84 -33.58
N ARG B 46 16.50 -6.61 -33.61
CA ARG B 46 15.95 -5.27 -33.66
C ARG B 46 15.05 -5.01 -32.44
N ASP B 47 14.84 -3.72 -32.16
CA ASP B 47 13.89 -3.23 -31.14
C ASP B 47 14.13 -3.74 -29.71
N LEU B 48 15.40 -3.76 -29.33
CA LEU B 48 15.80 -4.22 -28.02
C LEU B 48 15.33 -3.26 -26.93
N ILE B 49 15.08 -3.82 -25.76
CA ILE B 49 14.89 -3.04 -24.54
C ILE B 49 16.02 -3.47 -23.63
N ILE B 50 16.79 -2.51 -23.13
CA ILE B 50 18.03 -2.82 -22.40
C ILE B 50 18.05 -2.12 -21.05
N TYR B 51 18.25 -2.92 -19.99
CA TYR B 51 18.45 -2.45 -18.64
C TYR B 51 19.92 -2.63 -18.36
N SER B 52 20.64 -1.54 -18.13
CA SER B 52 22.07 -1.57 -17.79
C SER B 52 22.45 -0.27 -17.09
N ASP B 53 23.49 -0.30 -16.25
CA ASP B 53 23.91 0.92 -15.52
C ASP B 53 24.13 2.10 -16.50
N GLY B 54 24.87 1.82 -17.58
CA GLY B 54 25.02 2.73 -18.70
C GLY B 54 24.82 2.02 -20.03
N ALA B 55 25.03 2.74 -21.13
CA ALA B 55 24.97 2.14 -22.47
C ALA B 55 26.36 2.16 -23.09
N GLY B 56 27.34 1.70 -22.30
CA GLY B 56 28.73 1.68 -22.71
C GLY B 56 29.27 3.01 -23.17
N VAL B 57 29.85 3.01 -24.37
CA VAL B 57 30.67 4.10 -24.88
C VAL B 57 30.70 3.97 -26.40
N ASP B 58 30.92 5.07 -27.11
CA ASP B 58 30.93 5.02 -28.59
C ASP B 58 31.85 3.90 -29.05
N GLY B 59 31.33 3.03 -29.91
CA GLY B 59 32.09 1.88 -30.42
C GLY B 59 32.38 0.76 -29.43
N TYR B 60 31.75 0.78 -28.27
CA TYR B 60 32.06 -0.20 -27.24
C TYR B 60 30.82 -0.67 -26.44
N GLY B 61 30.49 -1.95 -26.60
CA GLY B 61 29.56 -2.65 -25.75
C GLY B 61 28.19 -2.32 -26.25
N ILE B 62 27.32 -1.82 -25.39
CA ILE B 62 25.95 -1.44 -25.79
C ILE B 62 26.00 -0.38 -26.90
N GLY B 63 27.02 0.49 -26.85
CA GLY B 63 27.27 1.51 -27.89
C GLY B 63 27.37 0.97 -29.31
N VAL B 64 27.90 -0.22 -29.45
CA VAL B 64 27.98 -0.93 -30.75
C VAL B 64 26.59 -1.20 -31.39
N LEU B 65 25.54 -1.26 -30.57
CA LEU B 65 24.16 -1.54 -31.00
C LEU B 65 23.35 -0.31 -31.43
N PHE B 66 23.77 0.89 -31.01
CA PHE B 66 23.14 2.12 -31.51
C PHE B 66 23.50 2.43 -32.97
N GLU B 67 24.55 1.80 -33.51
CA GLU B 67 25.05 2.15 -34.84
C GLU B 67 24.02 1.84 -35.92
N ASN B 68 23.44 0.64 -35.88
CA ASN B 68 22.34 0.23 -36.79
C ASN B 68 20.95 0.29 -36.15
N LYS B 69 20.71 1.25 -35.27
CA LYS B 69 19.39 1.50 -34.70
C LYS B 69 18.72 0.25 -34.08
N GLN B 70 19.51 -0.59 -33.39
CA GLN B 70 19.01 -1.87 -32.86
C GLN B 70 18.24 -1.76 -31.54
N ILE B 71 18.20 -0.56 -30.95
CA ILE B 71 17.66 -0.37 -29.61
C ILE B 71 16.40 0.48 -29.67
N ASN B 72 15.29 -0.08 -29.21
CA ASN B 72 14.06 0.68 -28.98
C ASN B 72 14.24 1.57 -27.75
N LYS B 73 14.58 0.96 -26.61
CA LYS B 73 14.57 1.64 -25.31
C LYS B 73 15.77 1.29 -24.45
N MET B 74 16.28 2.28 -23.72
CA MET B 74 17.28 2.08 -22.66
C MET B 74 16.70 2.46 -21.32
N ILE B 75 16.97 1.62 -20.30
CA ILE B 75 16.67 1.93 -18.89
C ILE B 75 18.04 1.97 -18.21
N VAL B 76 18.46 3.18 -17.84
CA VAL B 76 19.83 3.46 -17.52
C VAL B 76 19.91 4.36 -16.28
N SER B 77 21.02 4.31 -15.52
CA SER B 77 21.31 5.35 -14.50
C SER B 77 22.12 6.53 -15.04
N TYR B 78 23.06 6.26 -15.96
CA TYR B 78 23.95 7.29 -16.50
C TYR B 78 24.29 7.05 -17.97
N VAL B 79 24.16 8.07 -18.82
CA VAL B 79 24.55 7.91 -20.25
C VAL B 79 26.09 7.98 -20.43
N GLY B 80 26.75 8.85 -19.64
CA GLY B 80 28.22 8.91 -19.50
C GLY B 80 29.12 8.74 -20.72
N ASN B 81 29.44 9.83 -21.41
CA ASN B 81 30.43 9.81 -22.55
C ASN B 81 30.03 8.88 -23.70
N ASN B 82 28.79 9.01 -24.12
CA ASN B 82 28.25 8.22 -25.21
C ASN B 82 27.45 9.14 -26.12
N LYS B 83 28.11 9.58 -27.19
CA LYS B 83 27.55 10.61 -28.08
C LYS B 83 26.45 10.06 -29.00
N ILE B 84 26.60 8.83 -29.49
CA ILE B 84 25.54 8.20 -30.30
C ILE B 84 24.28 7.94 -29.47
N PHE B 85 24.46 7.57 -28.20
CA PHE B 85 23.35 7.39 -27.27
C PHE B 85 22.64 8.73 -27.08
N ALA B 86 23.35 9.72 -26.52
CA ALA B 86 22.75 11.04 -26.24
C ALA B 86 22.04 11.66 -27.44
N ARG B 87 22.65 11.49 -28.63
CA ARG B 87 22.09 11.96 -29.90
C ARG B 87 20.78 11.25 -30.30
N GLN B 88 20.73 9.92 -30.18
CA GLN B 88 19.52 9.17 -30.59
C GLN B 88 18.31 9.41 -29.65
N TYR B 89 18.56 9.63 -28.37
CA TYR B 89 17.54 10.15 -27.44
C TYR B 89 17.01 11.52 -27.88
N LEU B 90 17.92 12.44 -28.24
CA LEU B 90 17.55 13.84 -28.51
C LEU B 90 16.78 14.00 -29.81
N GLU B 91 17.25 13.38 -30.88
CA GLU B 91 16.55 13.47 -32.16
C GLU B 91 15.30 12.56 -32.24
N GLY B 92 15.32 11.45 -31.48
CA GLY B 92 14.10 10.67 -31.19
C GLY B 92 14.01 9.22 -31.66
N ASP B 93 15.15 8.54 -31.79
CA ASP B 93 15.20 7.14 -32.23
C ASP B 93 15.31 6.11 -31.08
N VAL B 94 15.65 6.58 -29.88
CA VAL B 94 15.79 5.73 -28.71
C VAL B 94 15.06 6.35 -27.52
N GLU B 95 14.19 5.57 -26.89
CA GLU B 95 13.49 5.98 -25.67
C GLU B 95 14.41 5.72 -24.48
N LEU B 96 14.62 6.74 -23.66
CA LEU B 96 15.56 6.70 -22.53
C LEU B 96 14.82 6.89 -21.19
N GLU B 97 14.80 5.83 -20.37
CA GLU B 97 14.20 5.90 -19.05
C GLU B 97 15.32 5.89 -18.02
N PHE B 98 15.43 6.95 -17.24
CA PHE B 98 16.42 7.00 -16.17
C PHE B 98 15.88 6.31 -14.90
N CYS B 99 16.75 5.53 -14.28
CA CYS B 99 16.51 4.93 -12.96
C CYS B 99 17.74 5.14 -12.07
N PRO B 100 17.55 5.58 -10.82
CA PRO B 100 18.70 5.71 -9.91
C PRO B 100 19.50 4.41 -9.82
N GLN B 101 20.83 4.54 -9.78
CA GLN B 101 21.70 3.39 -9.90
C GLN B 101 21.38 2.29 -8.88
N GLY B 102 21.34 2.67 -7.61
CA GLY B 102 21.02 1.77 -6.52
C GLY B 102 19.66 1.12 -6.65
N SER B 103 18.68 1.90 -7.08
CA SER B 103 17.38 1.35 -7.41
C SER B 103 17.50 0.39 -8.59
N LEU B 104 18.27 0.74 -9.64
CA LEU B 104 18.37 -0.18 -10.80
C LEU B 104 18.90 -1.56 -10.39
N ALA B 105 19.98 -1.54 -9.62
CA ALA B 105 20.66 -2.75 -9.21
C ALA B 105 19.73 -3.60 -8.35
N GLU B 106 19.07 -2.98 -7.38
CA GLU B 106 18.19 -3.71 -6.45
C GLU B 106 16.91 -4.23 -7.12
N ARG B 107 16.40 -3.48 -8.10
CA ARG B 107 15.30 -3.99 -8.94
C ARG B 107 15.66 -5.28 -9.68
N MET B 108 16.86 -5.35 -10.22
CA MET B 108 17.36 -6.54 -10.89
C MET B 108 17.50 -7.70 -9.88
N ARG B 109 18.10 -7.44 -8.73
CA ARG B 109 18.19 -8.44 -7.68
C ARG B 109 16.79 -8.95 -7.29
N ALA B 110 15.89 -8.01 -7.08
CA ALA B 110 14.48 -8.26 -6.78
C ALA B 110 13.82 -9.18 -7.80
N GLY B 111 14.04 -8.89 -9.08
CA GLY B 111 13.65 -9.78 -10.19
C GLY B 111 14.25 -11.17 -10.05
N GLY B 112 15.54 -11.23 -9.70
CA GLY B 112 16.18 -12.50 -9.41
C GLY B 112 15.68 -13.24 -8.18
N ALA B 113 15.22 -12.46 -7.19
CA ALA B 113 14.94 -12.95 -5.83
C ALA B 113 13.48 -13.23 -5.51
N GLY B 114 12.59 -13.05 -6.49
CA GLY B 114 11.19 -13.30 -6.30
C GLY B 114 10.54 -12.32 -5.34
N ILE B 115 11.05 -11.08 -5.34
CA ILE B 115 10.57 -9.98 -4.54
C ILE B 115 9.98 -9.02 -5.57
N PRO B 116 8.65 -8.92 -5.66
CA PRO B 116 8.02 -8.11 -6.70
C PRO B 116 8.19 -6.59 -6.54
N ALA B 117 8.35 -6.12 -5.31
CA ALA B 117 8.52 -4.70 -5.04
C ALA B 117 9.18 -4.47 -3.67
N PHE B 118 9.87 -3.34 -3.55
CA PHE B 118 10.52 -2.99 -2.30
C PHE B 118 10.55 -1.48 -2.24
N TYR B 119 10.87 -0.96 -1.08
CA TYR B 119 10.88 0.48 -0.88
C TYR B 119 12.26 1.00 -0.62
N THR B 120 12.42 2.27 -0.97
CA THR B 120 13.69 2.98 -0.90
C THR B 120 13.42 4.50 -0.84
N PRO B 121 14.25 5.25 -0.08
CA PRO B 121 14.07 6.70 0.04
C PRO B 121 14.66 7.44 -1.15
N THR B 122 15.49 6.74 -1.93
CA THR B 122 16.07 7.28 -3.13
C THR B 122 15.03 7.79 -4.13
N ALA B 123 15.24 9.02 -4.59
CA ALA B 123 14.43 9.68 -5.62
C ALA B 123 13.16 10.32 -5.12
N VAL B 124 12.85 10.18 -3.83
CA VAL B 124 11.64 10.78 -3.26
C VAL B 124 11.68 12.29 -3.48
N GLY B 125 10.55 12.84 -3.92
CA GLY B 125 10.43 14.27 -4.15
C GLY B 125 11.10 14.81 -5.42
N THR B 126 11.74 13.94 -6.22
CA THR B 126 12.41 14.35 -7.45
C THR B 126 11.49 14.11 -8.63
N VAL B 127 11.91 14.60 -9.79
CA VAL B 127 11.28 14.35 -11.07
C VAL B 127 11.18 12.85 -11.43
N LEU B 128 12.10 12.04 -10.89
CA LEU B 128 12.04 10.60 -11.11
C LEU B 128 10.94 9.89 -10.30
N GLN B 129 10.46 10.53 -9.23
CA GLN B 129 9.28 10.09 -8.50
C GLN B 129 8.02 10.64 -9.13
N THR B 130 7.99 11.94 -9.42
CA THR B 130 6.76 12.61 -9.82
C THR B 130 6.35 12.40 -11.29
N GLY B 131 7.23 11.85 -12.12
CA GLY B 131 6.99 11.81 -13.55
C GLY B 131 7.44 13.13 -14.16
N GLY B 132 7.27 13.30 -15.47
CA GLY B 132 7.68 14.54 -16.12
C GLY B 132 9.19 14.73 -16.24
N GLN B 133 9.87 13.63 -16.53
CA GLN B 133 11.15 13.65 -17.21
C GLN B 133 10.86 13.20 -18.63
N ILE B 134 11.53 13.81 -19.60
CA ILE B 134 11.29 13.46 -21.01
C ILE B 134 11.98 12.12 -21.30
N THR B 135 11.21 11.12 -21.75
CA THR B 135 11.78 9.83 -22.11
C THR B 135 11.81 9.56 -23.61
N LYS B 136 11.01 10.28 -24.39
CA LYS B 136 11.09 10.20 -25.84
C LYS B 136 10.70 11.51 -26.51
N TYR B 137 11.52 11.93 -27.47
CA TYR B 137 11.18 13.05 -28.35
C TYR B 137 10.58 12.54 -29.66
N ASP B 138 10.05 13.49 -30.42
CA ASP B 138 9.72 13.33 -31.84
C ASP B 138 10.88 13.93 -32.66
N LYS B 139 10.73 14.00 -33.98
CA LYS B 139 11.74 14.65 -34.84
C LYS B 139 11.91 16.17 -34.63
N ASN B 140 10.87 16.88 -34.15
CA ASN B 140 10.93 18.35 -34.02
C ASN B 140 11.25 18.87 -32.60
N GLY B 141 11.74 18.00 -31.72
CA GLY B 141 12.16 18.40 -30.36
C GLY B 141 11.03 18.64 -29.36
N GLY B 142 9.84 18.12 -29.65
CA GLY B 142 8.72 18.10 -28.70
C GLY B 142 8.68 16.81 -27.92
N VAL B 143 8.01 16.85 -26.77
CA VAL B 143 7.93 15.71 -25.86
C VAL B 143 6.93 14.67 -26.36
N LEU B 144 7.43 13.54 -26.86
CA LEU B 144 6.58 12.42 -27.24
C LEU B 144 6.12 11.67 -25.97
N LYS B 145 7.06 11.36 -25.07
CA LYS B 145 6.75 10.62 -23.82
C LYS B 145 7.48 11.14 -22.57
N GLU B 146 6.78 11.07 -21.44
CA GLU B 146 7.34 11.40 -20.15
C GLU B 146 7.38 10.12 -19.32
N SER B 147 8.32 10.05 -18.39
CA SER B 147 8.36 8.95 -17.43
C SER B 147 7.08 8.94 -16.62
N THR B 148 6.57 7.75 -16.31
CA THR B 148 5.41 7.64 -15.46
C THR B 148 5.83 7.77 -13.99
N PRO B 149 4.92 8.24 -13.12
CA PRO B 149 5.34 8.46 -11.72
C PRO B 149 5.68 7.19 -10.98
N ARG B 150 6.49 7.31 -9.92
CA ARG B 150 6.66 6.22 -8.96
C ARG B 150 5.63 6.41 -7.84
N GLU B 151 5.11 5.31 -7.33
CA GLU B 151 4.26 5.41 -6.16
C GLU B 151 5.11 5.47 -4.88
N THR B 152 4.48 5.87 -3.79
CA THR B 152 5.20 6.20 -2.53
C THR B 152 4.41 5.79 -1.31
N ARG B 153 5.12 5.52 -0.21
CA ARG B 153 4.48 5.19 1.06
C ARG B 153 5.32 5.61 2.27
N PHE B 154 4.64 6.02 3.34
CA PHE B 154 5.31 6.26 4.61
C PHE B 154 5.61 4.99 5.38
N PHE B 155 6.84 4.95 5.93
CA PHE B 155 7.23 4.01 6.99
C PHE B 155 7.99 4.85 8.03
N GLY B 156 7.60 4.71 9.29
CA GLY B 156 8.24 5.39 10.38
C GLY B 156 8.29 6.89 10.21
N GLY B 157 7.25 7.47 9.62
CA GLY B 157 7.18 8.92 9.39
C GLY B 157 7.99 9.49 8.23
N ARG B 158 8.65 8.62 7.46
CA ARG B 158 9.47 9.04 6.31
C ARG B 158 8.89 8.39 5.07
N LEU B 159 8.93 9.13 3.96
CA LEU B 159 8.35 8.69 2.70
C LEU B 159 9.37 7.90 1.90
N TYR B 160 8.93 6.78 1.33
CA TYR B 160 9.77 5.94 0.47
C TYR B 160 9.09 5.73 -0.85
N CYS B 161 9.88 5.50 -1.92
CA CYS B 161 9.37 5.13 -3.25
C CYS B 161 9.24 3.61 -3.34
N LEU B 162 8.18 3.15 -3.99
CA LEU B 162 8.02 1.73 -4.32
C LEU B 162 8.78 1.44 -5.62
N GLU B 163 9.61 0.41 -5.63
CA GLU B 163 10.33 -0.01 -6.83
C GLU B 163 9.89 -1.39 -7.22
N ASN B 164 9.69 -1.57 -8.53
CA ASN B 164 9.22 -2.82 -9.12
C ASN B 164 10.37 -3.68 -9.63
N ALA B 165 10.28 -4.99 -9.39
CA ALA B 165 11.27 -5.94 -9.82
C ALA B 165 11.46 -5.86 -11.36
N ILE B 166 12.70 -6.04 -11.79
CA ILE B 166 13.07 -6.09 -13.19
C ILE B 166 13.38 -7.55 -13.51
N LYS B 167 12.66 -8.11 -14.46
CA LYS B 167 13.06 -9.38 -15.09
C LYS B 167 13.01 -9.23 -16.60
N THR B 168 13.97 -9.86 -17.25
CA THR B 168 14.16 -9.70 -18.68
C THR B 168 14.25 -11.09 -19.32
N ASP B 169 14.02 -11.14 -20.63
CA ASP B 169 14.21 -12.37 -21.44
C ASP B 169 15.64 -12.88 -21.33
N PHE B 170 16.60 -11.97 -21.46
CA PHE B 170 18.00 -12.32 -21.36
C PHE B 170 18.76 -11.44 -20.37
N SER B 171 19.87 -11.97 -19.90
CA SER B 171 20.85 -11.20 -19.16
C SER B 171 22.20 -11.48 -19.75
N ILE B 172 22.95 -10.44 -20.07
CA ILE B 172 24.32 -10.61 -20.60
C ILE B 172 25.34 -10.08 -19.60
N VAL B 173 26.32 -10.94 -19.29
CA VAL B 173 27.28 -10.73 -18.19
C VAL B 173 28.71 -11.01 -18.66
N LYS B 174 29.71 -10.29 -18.11
CA LYS B 174 31.11 -10.64 -18.31
C LYS B 174 31.78 -11.04 -17.01
N ALA B 175 32.60 -12.10 -17.06
CA ALA B 175 33.40 -12.51 -15.90
C ALA B 175 34.84 -12.81 -16.28
N TRP B 176 35.73 -12.57 -15.32
CA TRP B 176 37.14 -12.92 -15.44
C TRP B 176 37.32 -14.41 -15.54
N LYS B 177 36.59 -15.16 -14.74
CA LYS B 177 36.69 -16.60 -14.78
C LYS B 177 35.31 -17.23 -14.68
N GLY B 178 35.11 -18.32 -15.43
CA GLY B 178 33.95 -19.16 -15.28
C GLY B 178 34.29 -20.61 -15.46
N ASP B 179 33.57 -21.50 -14.80
CA ASP B 179 33.72 -22.92 -15.10
C ASP B 179 32.59 -23.40 -16.03
N ARG B 180 32.58 -24.71 -16.33
CA ARG B 180 31.59 -25.29 -17.26
C ARG B 180 30.16 -25.30 -16.69
N CYS B 181 30.06 -25.50 -15.35
CA CYS B 181 28.83 -25.26 -14.51
C CYS B 181 28.19 -23.87 -14.64
N GLY B 182 29.00 -22.89 -15.02
CA GLY B 182 28.61 -21.51 -15.01
C GLY B 182 28.94 -20.72 -13.75
N ASN B 183 29.66 -21.31 -12.79
CA ASN B 183 30.19 -20.54 -11.65
C ASN B 183 31.14 -19.42 -12.12
N LEU B 184 30.82 -18.16 -11.81
CA LEU B 184 31.65 -17.04 -12.24
C LEU B 184 32.45 -16.40 -11.11
N VAL B 185 33.66 -15.92 -11.45
CA VAL B 185 34.49 -15.11 -10.57
C VAL B 185 34.78 -13.82 -11.31
N PHE B 186 34.58 -12.70 -10.64
CA PHE B 186 34.88 -11.37 -11.19
C PHE B 186 36.17 -10.83 -10.62
N ARG B 187 36.59 -9.69 -11.16
CA ARG B 187 37.89 -9.16 -10.87
C ARG B 187 37.83 -7.64 -10.76
N GLY B 188 38.33 -7.12 -9.64
CA GLY B 188 38.33 -5.69 -9.39
C GLY B 188 36.92 -5.15 -9.33
N THR B 189 36.77 -3.89 -9.71
CA THR B 189 35.46 -3.27 -9.81
C THR B 189 34.66 -3.67 -11.10
N ALA B 190 35.17 -4.63 -11.88
CA ALA B 190 34.44 -5.22 -13.02
C ALA B 190 33.26 -6.17 -12.65
N ARG B 191 33.08 -6.44 -11.36
CA ARG B 191 31.90 -7.18 -10.88
C ARG B 191 30.64 -6.31 -11.06
N ASN B 192 30.56 -5.22 -10.31
CA ASN B 192 29.47 -4.24 -10.35
C ASN B 192 28.07 -4.84 -10.60
N PHE B 193 27.41 -4.48 -11.69
CA PHE B 193 26.07 -4.98 -12.01
C PHE B 193 26.00 -6.43 -12.48
N ASN B 194 27.13 -7.11 -12.69
CA ASN B 194 27.10 -8.47 -13.23
C ASN B 194 26.43 -9.49 -12.34
N VAL B 195 26.51 -9.33 -11.02
CA VAL B 195 25.82 -10.26 -10.11
C VAL B 195 24.30 -10.10 -10.21
N PRO B 196 23.73 -8.90 -9.94
CA PRO B 196 22.28 -8.74 -10.08
C PRO B 196 21.70 -8.88 -11.52
N VAL B 197 22.44 -8.49 -12.55
CA VAL B 197 22.09 -8.80 -13.94
C VAL B 197 22.02 -10.34 -14.17
N GLY B 198 23.05 -11.06 -13.75
CA GLY B 198 23.06 -12.52 -13.81
C GLY B 198 21.88 -13.25 -13.14
N GLN B 199 21.24 -12.60 -12.16
CA GLN B 199 20.11 -13.22 -11.43
C GLN B 199 18.71 -13.00 -12.06
N CYS B 200 18.57 -11.96 -12.88
CA CYS B 200 17.26 -11.45 -13.27
C CYS B 200 16.80 -11.77 -14.70
N GLY B 201 17.57 -12.59 -15.42
CA GLY B 201 17.22 -12.99 -16.77
C GLY B 201 16.71 -14.40 -16.86
N GLN B 202 15.72 -14.59 -17.74
CA GLN B 202 15.24 -15.92 -18.13
C GLN B 202 16.42 -16.76 -18.68
N THR B 203 17.13 -16.22 -19.65
CA THR B 203 18.29 -16.91 -20.20
C THR B 203 19.55 -16.06 -20.00
N VAL B 204 20.56 -16.55 -19.28
CA VAL B 204 21.71 -15.68 -18.96
C VAL B 204 23.02 -16.16 -19.61
N ILE B 205 23.63 -15.26 -20.40
CA ILE B 205 24.82 -15.58 -21.19
C ILE B 205 26.04 -14.85 -20.57
N ALA B 206 27.12 -15.58 -20.33
CA ALA B 206 28.30 -15.10 -19.62
C ALA B 206 29.52 -15.26 -20.51
N GLU B 207 30.23 -14.18 -20.81
CA GLU B 207 31.50 -14.32 -21.50
C GLU B 207 32.58 -14.33 -20.45
N VAL B 208 33.45 -15.33 -20.53
CA VAL B 208 34.53 -15.47 -19.56
C VAL B 208 35.88 -15.18 -20.26
N GLU B 209 36.70 -14.34 -19.63
CA GLU B 209 38.09 -14.18 -20.04
C GLU B 209 38.85 -15.49 -19.87
N ASN B 210 38.46 -16.30 -18.88
CA ASN B 210 39.10 -17.57 -18.59
C ASN B 210 38.12 -18.70 -18.31
N LEU B 211 38.12 -19.74 -19.13
CA LEU B 211 37.32 -20.95 -18.88
C LEU B 211 38.16 -21.95 -18.13
N VAL B 212 37.60 -22.51 -17.05
CA VAL B 212 38.25 -23.59 -16.31
C VAL B 212 37.29 -24.77 -16.16
N GLU B 213 37.84 -25.89 -15.69
CA GLU B 213 37.08 -27.14 -15.50
C GLU B 213 36.34 -27.11 -14.16
N ASN B 214 35.18 -27.76 -14.13
CA ASN B 214 34.41 -27.89 -12.89
C ASN B 214 35.30 -28.46 -11.81
N GLY B 215 35.27 -27.81 -10.66
CA GLY B 215 36.18 -28.15 -9.56
C GLY B 215 37.44 -27.30 -9.45
N ASP B 216 37.77 -26.52 -10.48
CA ASP B 216 38.93 -25.62 -10.43
C ASP B 216 38.73 -24.25 -9.77
N ILE B 217 37.47 -23.84 -9.55
CA ILE B 217 37.20 -22.62 -8.78
C ILE B 217 36.82 -23.05 -7.38
N ASP B 218 37.63 -22.67 -6.40
CA ASP B 218 37.29 -22.92 -5.01
C ASP B 218 35.82 -22.53 -4.79
N PRO B 219 35.00 -23.43 -4.20
CA PRO B 219 33.59 -23.10 -3.98
C PRO B 219 33.35 -21.88 -3.12
N ASP B 220 34.29 -21.57 -2.23
CA ASP B 220 34.23 -20.35 -1.42
C ASP B 220 34.63 -19.05 -2.16
N GLU B 221 35.15 -19.14 -3.37
CA GLU B 221 35.59 -17.96 -4.14
C GLU B 221 34.62 -17.61 -5.27
N VAL B 222 33.47 -18.29 -5.34
CA VAL B 222 32.50 -18.08 -6.44
C VAL B 222 31.66 -16.86 -6.16
N HIS B 223 31.51 -15.98 -7.15
CA HIS B 223 30.75 -14.76 -6.96
C HIS B 223 29.33 -14.86 -7.53
N LEU B 224 29.15 -15.56 -8.64
CA LEU B 224 27.80 -15.86 -9.15
C LEU B 224 27.69 -17.39 -9.23
N PRO B 225 26.90 -18.00 -8.33
CA PRO B 225 26.75 -19.46 -8.33
C PRO B 225 26.18 -19.93 -9.67
N GLY B 226 26.66 -21.09 -10.15
CA GLY B 226 26.36 -21.59 -11.50
C GLY B 226 24.89 -21.77 -11.85
N VAL B 227 24.04 -22.00 -10.84
CA VAL B 227 22.58 -22.02 -11.05
C VAL B 227 22.03 -20.85 -11.85
N TYR B 228 22.65 -19.69 -11.71
CA TYR B 228 22.11 -18.51 -12.38
C TYR B 228 22.45 -18.45 -13.86
N VAL B 229 23.51 -19.14 -14.29
CA VAL B 229 24.05 -18.98 -15.66
C VAL B 229 23.59 -20.11 -16.58
N ASP B 230 23.09 -19.77 -17.76
CA ASP B 230 22.62 -20.79 -18.73
C ASP B 230 23.66 -21.16 -19.79
N ARG B 231 24.43 -20.19 -20.25
CA ARG B 231 25.32 -20.36 -21.41
C ARG B 231 26.62 -19.64 -21.11
N VAL B 232 27.74 -20.31 -21.36
CA VAL B 232 29.05 -19.74 -21.09
C VAL B 232 29.85 -19.69 -22.40
N VAL B 233 30.33 -18.49 -22.73
CA VAL B 233 31.01 -18.20 -23.97
C VAL B 233 32.44 -17.75 -23.64
N VAL B 234 33.39 -18.12 -24.48
CA VAL B 234 34.80 -17.79 -24.27
C VAL B 234 35.27 -17.05 -25.52
N PRO B 235 35.13 -15.71 -25.54
CA PRO B 235 35.64 -15.00 -26.70
C PRO B 235 37.16 -15.11 -26.85
N GLU B 236 37.63 -14.74 -28.04
CA GLU B 236 39.01 -14.39 -28.27
C GLU B 236 39.40 -13.32 -27.24
N ARG B 237 40.59 -13.45 -26.65
CA ARG B 237 41.12 -12.41 -25.74
C ARG B 237 41.06 -11.01 -26.36
N TYR B 238 40.59 -10.04 -25.58
CA TYR B 238 40.56 -8.62 -25.96
C TYR B 238 40.72 -7.75 -24.72
N GLN B 239 41.28 -6.57 -24.91
CA GLN B 239 41.47 -5.61 -23.81
C GLN B 239 40.21 -4.76 -23.60
N THR B 240 39.83 -4.64 -22.33
CA THR B 240 38.76 -3.75 -21.91
C THR B 240 39.18 -2.30 -22.18
N LEU B 241 38.32 -1.53 -22.84
CA LEU B 241 38.63 -0.12 -23.15
C LEU B 241 38.74 0.61 -21.82
N ILE B 242 39.87 1.28 -21.60
CA ILE B 242 40.05 2.22 -20.48
C ILE B 242 39.62 3.58 -21.01
N GLU B 243 38.64 4.19 -20.37
CA GLU B 243 38.17 5.53 -20.76
C GLU B 243 39.14 6.61 -20.36
N HIS B 244 39.67 6.51 -19.14
CA HIS B 244 40.57 7.49 -18.57
C HIS B 244 41.76 6.78 -17.92
N ARG B 245 42.84 6.68 -18.70
CA ARG B 245 44.06 6.02 -18.25
C ARG B 245 44.81 7.02 -17.38
N THR B 246 44.36 7.15 -16.14
CA THR B 246 44.93 8.05 -15.16
C THR B 246 46.03 7.31 -14.44
N VAL B 247 47.09 8.03 -14.11
CA VAL B 247 48.31 7.43 -13.54
C VAL B 247 49.00 8.43 -12.60
N THR B 248 49.59 7.94 -11.52
CA THR B 248 50.53 8.75 -10.71
C THR B 248 51.97 8.47 -11.15
N ARG B 249 52.59 9.46 -11.79
CA ARG B 249 53.99 9.37 -12.27
C ARG B 249 54.86 10.46 -11.66
N HIS B 250 56.15 10.47 -12.02
CA HIS B 250 57.08 11.52 -11.63
C HIS B 250 57.83 12.06 -12.86
N GLU B 266 43.46 26.01 -8.57
CA GLU B 266 43.91 26.88 -7.48
C GLU B 266 42.72 27.43 -6.69
N VAL B 267 41.60 27.65 -7.37
CA VAL B 267 40.33 27.97 -6.70
C VAL B 267 39.81 26.71 -5.98
N ARG B 268 39.99 25.57 -6.63
CA ARG B 268 39.53 24.28 -6.12
C ARG B 268 40.40 23.81 -4.95
N GLN B 269 41.67 24.24 -4.92
CA GLN B 269 42.60 23.89 -3.84
C GLN B 269 42.17 24.41 -2.47
N ARG B 270 41.60 25.62 -2.42
CA ARG B 270 41.12 26.19 -1.14
C ARG B 270 39.91 25.40 -0.59
N ILE B 271 38.97 25.06 -1.47
CA ILE B 271 37.78 24.30 -1.08
C ILE B 271 38.19 22.90 -0.64
N ALA B 272 39.05 22.26 -1.43
CA ALA B 272 39.58 20.94 -1.12
C ALA B 272 40.32 20.88 0.21
N ARG B 273 41.05 21.96 0.57
CA ARG B 273 41.78 22.02 1.85
C ARG B 273 40.84 22.25 3.04
N ARG B 274 39.77 23.04 2.86
CA ARG B 274 38.75 23.13 3.90
C ARG B 274 37.99 21.80 3.98
N ALA B 275 37.64 21.23 2.83
CA ALA B 275 36.90 19.94 2.78
C ALA B 275 37.69 18.82 3.42
N ALA B 276 39.02 18.86 3.26
CA ALA B 276 39.93 17.93 3.91
C ALA B 276 39.78 17.88 5.45
N LEU B 277 39.40 19.00 6.06
CA LEU B 277 39.15 19.04 7.52
C LEU B 277 37.90 18.28 7.96
N GLU B 278 36.96 18.06 7.04
CA GLU B 278 35.76 17.25 7.34
C GLU B 278 36.11 15.81 7.70
N PHE B 279 37.23 15.31 7.17
CA PHE B 279 37.64 13.93 7.41
C PHE B 279 38.12 13.76 8.84
N ALA B 280 37.96 12.54 9.34
CA ALA B 280 38.22 12.24 10.72
C ALA B 280 38.43 10.74 10.84
N ASN B 281 39.23 10.36 11.83
CA ASN B 281 39.74 9.00 11.96
C ASN B 281 38.61 7.99 12.05
N GLY B 282 38.71 6.93 11.25
CA GLY B 282 37.71 5.85 11.26
C GLY B 282 36.59 5.96 10.22
N MET B 283 36.51 7.07 9.50
CA MET B 283 35.41 7.31 8.55
C MET B 283 35.50 6.46 7.31
N TYR B 284 34.34 6.03 6.84
CA TYR B 284 34.15 5.49 5.50
C TYR B 284 33.47 6.61 4.75
N VAL B 285 34.00 6.92 3.57
CA VAL B 285 33.62 8.11 2.84
C VAL B 285 33.47 7.84 1.34
N ASN B 286 32.41 8.40 0.76
CA ASN B 286 32.20 8.39 -0.66
C ASN B 286 32.43 9.80 -1.21
N LEU B 287 33.36 9.95 -2.15
CA LEU B 287 33.67 11.22 -2.77
C LEU B 287 33.32 11.18 -4.26
N GLY B 288 32.52 12.14 -4.73
CA GLY B 288 32.18 12.27 -6.15
C GLY B 288 33.29 12.97 -6.92
N ILE B 289 33.14 13.03 -8.24
CA ILE B 289 34.18 13.59 -9.12
C ILE B 289 34.37 15.12 -8.98
N GLY B 290 35.63 15.52 -8.78
CA GLY B 290 36.03 16.93 -8.78
C GLY B 290 36.71 17.31 -7.47
N ILE B 291 36.15 18.32 -6.82
CA ILE B 291 36.69 18.83 -5.56
C ILE B 291 36.62 17.82 -4.38
N PRO B 292 35.59 16.94 -4.34
CA PRO B 292 35.58 15.95 -3.25
C PRO B 292 36.72 14.93 -3.33
N THR B 293 37.04 14.47 -4.55
CA THR B 293 38.15 13.53 -4.76
C THR B 293 39.50 14.21 -4.49
N GLU B 294 39.64 15.47 -4.92
CA GLU B 294 40.80 16.32 -4.57
C GLU B 294 41.08 16.42 -3.08
N SER B 295 40.03 16.60 -2.28
CA SER B 295 40.16 16.81 -0.83
C SER B 295 40.83 15.65 -0.10
N SER B 296 40.65 14.44 -0.66
CA SER B 296 41.35 13.23 -0.20
C SER B 296 42.88 13.41 -0.12
N ASN B 297 43.45 14.17 -1.06
CA ASN B 297 44.90 14.47 -1.08
C ASN B 297 45.43 15.15 0.18
N TYR B 298 44.61 15.96 0.83
CA TYR B 298 45.05 16.85 1.90
C TYR B 298 44.67 16.37 3.30
N ILE B 299 44.25 15.10 3.44
CA ILE B 299 43.88 14.60 4.77
C ILE B 299 45.11 14.68 5.67
N PRO B 300 45.02 15.45 6.77
CA PRO B 300 46.18 15.72 7.61
C PRO B 300 46.56 14.56 8.54
N ALA B 301 47.64 14.77 9.30
CA ALA B 301 47.91 14.09 10.56
C ALA B 301 47.92 12.55 10.44
N GLY B 302 47.54 11.85 11.51
CA GLY B 302 47.10 10.48 11.44
C GLY B 302 45.57 10.43 11.35
N VAL B 303 45.03 11.02 10.28
CA VAL B 303 43.63 10.87 9.90
C VAL B 303 43.53 9.77 8.82
N ASN B 304 43.09 8.59 9.26
CA ASN B 304 42.91 7.41 8.43
C ASN B 304 41.43 7.24 8.05
N VAL B 305 41.13 7.50 6.79
CA VAL B 305 39.80 7.25 6.25
C VAL B 305 39.86 6.04 5.32
N VAL B 306 38.68 5.56 4.92
CA VAL B 306 38.54 4.51 3.91
C VAL B 306 37.59 5.02 2.83
N LEU B 307 38.04 5.00 1.57
CA LEU B 307 37.30 5.60 0.47
C LEU B 307 36.41 4.54 -0.18
N GLN B 308 35.17 4.88 -0.47
CA GLN B 308 34.26 3.96 -1.13
C GLN B 308 34.05 4.40 -2.56
N SER B 309 34.10 3.47 -3.52
CA SER B 309 33.62 3.71 -4.90
C SER B 309 32.27 3.02 -5.13
N GLU B 310 31.29 3.75 -5.67
CA GLU B 310 29.94 3.20 -5.82
C GLU B 310 29.87 1.95 -6.72
N ASN B 311 30.87 1.79 -7.59
CA ASN B 311 30.99 0.62 -8.46
C ASN B 311 31.54 -0.65 -7.78
N GLY B 312 31.77 -0.59 -6.46
CA GLY B 312 31.96 -1.75 -5.60
C GLY B 312 33.35 -1.93 -4.99
N LEU B 313 33.91 -0.86 -4.41
CA LEU B 313 35.23 -0.91 -3.77
C LEU B 313 35.19 -0.15 -2.44
N ILE B 314 35.76 -0.71 -1.38
CA ILE B 314 36.19 0.10 -0.22
C ILE B 314 37.70 -0.12 -0.10
N GLY B 315 38.42 0.96 0.17
CA GLY B 315 39.90 0.96 0.17
C GLY B 315 40.50 1.52 -1.11
N MET B 316 39.74 2.37 -1.82
CA MET B 316 40.21 3.00 -3.05
C MET B 316 41.43 3.90 -2.73
N GLY B 317 42.48 3.76 -3.54
CA GLY B 317 43.68 4.56 -3.40
C GLY B 317 43.82 5.54 -4.54
N PRO B 318 44.96 6.27 -4.59
CA PRO B 318 45.23 7.17 -5.73
C PRO B 318 45.37 6.45 -7.08
N PHE B 319 45.48 7.24 -8.13
CA PHE B 319 45.71 6.74 -9.48
C PHE B 319 46.93 5.86 -9.41
N PRO B 320 46.89 4.70 -10.07
CA PRO B 320 47.99 3.79 -9.90
C PRO B 320 49.25 4.26 -10.64
N THR B 321 50.33 3.59 -10.34
CA THR B 321 51.60 3.82 -10.98
C THR B 321 51.53 3.07 -12.32
N GLU B 322 52.22 3.60 -13.35
CA GLU B 322 52.03 3.16 -14.74
C GLU B 322 51.90 1.65 -14.94
N ASP B 323 52.82 0.88 -14.37
CA ASP B 323 52.78 -0.58 -14.53
C ASP B 323 51.65 -1.30 -13.74
N LYS B 324 50.96 -0.61 -12.84
CA LYS B 324 49.81 -1.21 -12.11
C LYS B 324 48.43 -0.78 -12.63
N VAL B 325 48.35 0.01 -13.72
CA VAL B 325 47.05 0.33 -14.30
C VAL B 325 46.40 -0.98 -14.74
N ASP B 326 45.08 -1.01 -14.62
CA ASP B 326 44.32 -2.20 -14.85
C ASP B 326 42.92 -1.71 -15.17
N ALA B 327 42.40 -2.14 -16.32
CA ALA B 327 41.03 -1.80 -16.76
C ALA B 327 39.94 -2.28 -15.81
N ASP B 328 40.25 -3.29 -15.01
CA ASP B 328 39.29 -3.83 -14.04
C ASP B 328 39.20 -3.03 -12.73
N TRP B 329 40.11 -2.09 -12.51
CA TRP B 329 40.17 -1.28 -11.28
C TRP B 329 39.96 0.18 -11.63
N ILE B 330 38.70 0.60 -11.73
CA ILE B 330 38.34 1.99 -12.03
C ILE B 330 37.42 2.59 -10.95
N ASN B 331 37.47 3.91 -10.80
CA ASN B 331 36.56 4.64 -9.91
C ASN B 331 35.21 4.94 -10.57
N ALA B 332 34.37 5.75 -9.91
CA ALA B 332 33.07 6.13 -10.45
C ALA B 332 33.15 7.01 -11.70
N GLY B 333 34.23 7.79 -11.85
CA GLY B 333 34.46 8.58 -13.06
C GLY B 333 35.18 7.82 -14.17
N LYS B 334 35.26 6.50 -14.05
CA LYS B 334 35.91 5.61 -15.01
C LYS B 334 37.41 5.82 -15.16
N GLN B 335 38.04 6.24 -14.06
CA GLN B 335 39.48 6.50 -14.04
C GLN B 335 40.12 5.30 -13.38
N THR B 336 41.29 4.90 -13.87
CA THR B 336 42.04 3.81 -13.29
C THR B 336 42.61 4.20 -11.93
N ILE B 337 42.63 3.22 -11.03
CA ILE B 337 42.73 3.46 -9.60
C ILE B 337 43.58 2.37 -8.96
N SER B 338 44.20 2.68 -7.82
CA SER B 338 44.90 1.68 -7.01
C SER B 338 43.94 1.30 -5.90
N HIS B 339 44.31 0.28 -5.12
CA HIS B 339 43.60 -0.05 -3.88
C HIS B 339 44.59 -0.26 -2.76
N LEU B 340 44.16 -0.04 -1.53
CA LEU B 340 45.04 -0.11 -0.35
C LEU B 340 44.81 -1.34 0.51
N ALA B 341 45.71 -1.54 1.46
CA ALA B 341 45.59 -2.67 2.40
C ALA B 341 44.25 -2.58 3.14
N GLY B 342 43.59 -3.73 3.30
CA GLY B 342 42.24 -3.81 3.87
C GLY B 342 41.12 -3.53 2.88
N SER B 343 41.42 -3.46 1.58
CA SER B 343 40.39 -3.16 0.60
C SER B 343 39.46 -4.35 0.39
N ALA B 344 38.27 -4.07 -0.11
CA ALA B 344 37.25 -5.09 -0.34
C ALA B 344 36.37 -4.75 -1.51
N LEU B 345 36.05 -5.78 -2.30
CA LEU B 345 35.21 -5.64 -3.50
C LEU B 345 33.88 -6.30 -3.21
N PHE B 346 32.84 -5.80 -3.87
CA PHE B 346 31.49 -6.33 -3.76
C PHE B 346 30.70 -5.86 -4.98
N ASP B 347 29.56 -6.50 -5.22
CA ASP B 347 28.77 -6.15 -6.42
C ASP B 347 27.98 -4.88 -6.15
N SER B 348 27.25 -4.43 -7.15
CA SER B 348 26.54 -3.16 -7.09
C SER B 348 25.30 -3.22 -6.21
N ALA B 349 24.66 -4.39 -6.08
CA ALA B 349 23.49 -4.49 -5.18
C ALA B 349 23.99 -4.24 -3.74
N THR B 350 25.02 -4.98 -3.33
CA THR B 350 25.69 -4.74 -2.06
C THR B 350 26.20 -3.29 -1.89
N SER B 351 26.75 -2.69 -2.95
CA SER B 351 27.25 -1.32 -2.85
C SER B 351 26.14 -0.35 -2.46
N PHE B 352 24.97 -0.49 -3.09
CA PHE B 352 23.91 0.43 -2.80
C PHE B 352 23.11 0.07 -1.55
N ALA B 353 23.17 -1.19 -1.12
CA ALA B 353 22.75 -1.52 0.23
C ALA B 353 23.67 -0.81 1.25
N MET B 354 24.98 -0.87 1.02
CA MET B 354 25.96 -0.15 1.86
C MET B 354 25.69 1.35 1.91
N ILE B 355 25.39 1.95 0.76
CA ILE B 355 25.16 3.40 0.65
C ILE B 355 23.77 3.75 1.23
N ARG B 356 22.75 3.07 0.71
CA ARG B 356 21.34 3.36 1.08
C ARG B 356 21.09 3.09 2.54
N GLY B 357 21.79 2.11 3.10
CA GLY B 357 21.70 1.76 4.49
C GLY B 357 22.51 2.63 5.44
N GLY B 358 23.11 3.71 4.94
CA GLY B 358 23.78 4.69 5.78
C GLY B 358 25.09 4.19 6.34
N HIS B 359 25.81 3.34 5.60
CA HIS B 359 27.12 2.86 6.08
C HIS B 359 28.29 3.82 5.74
N MET B 360 28.07 4.82 4.89
CA MET B 360 29.04 5.91 4.77
C MET B 360 28.87 6.89 5.94
N ASP B 361 30.00 7.36 6.47
CA ASP B 361 29.99 8.41 7.45
C ASP B 361 29.93 9.79 6.80
N LEU B 362 30.46 9.91 5.59
CA LEU B 362 30.50 11.19 4.90
C LEU B 362 30.39 10.96 3.40
N THR B 363 29.48 11.66 2.74
CA THR B 363 29.49 11.68 1.28
C THR B 363 29.69 13.11 0.89
N MET B 364 30.70 13.36 0.08
CA MET B 364 31.03 14.72 -0.32
C MET B 364 30.80 14.83 -1.81
N LEU B 365 30.03 15.85 -2.22
CA LEU B 365 29.52 15.95 -3.58
C LEU B 365 29.66 17.36 -4.16
N GLY B 366 29.59 17.43 -5.48
CA GLY B 366 29.47 18.69 -6.20
C GLY B 366 28.02 19.17 -6.23
N ALA B 367 27.82 20.34 -6.82
CA ALA B 367 26.49 20.89 -7.00
C ALA B 367 26.45 21.83 -8.19
N LEU B 368 25.31 21.83 -8.88
CA LEU B 368 24.96 22.90 -9.80
C LEU B 368 24.25 23.97 -8.99
N GLU B 369 23.32 23.56 -8.12
CA GLU B 369 22.71 24.44 -7.13
C GLU B 369 22.57 23.69 -5.82
N VAL B 370 22.74 24.40 -4.70
CA VAL B 370 22.35 23.92 -3.38
C VAL B 370 21.44 24.97 -2.78
N ALA B 371 20.46 24.54 -1.98
CA ALA B 371 19.49 25.46 -1.40
C ALA B 371 19.72 25.62 0.09
N ALA B 372 19.34 26.79 0.63
CA ALA B 372 19.32 27.04 2.08
C ALA B 372 18.46 26.00 2.79
N ASN B 373 17.39 25.62 2.11
CA ASN B 373 16.62 24.40 2.36
C ASN B 373 17.49 23.20 2.75
N GLY B 374 18.54 22.97 1.97
CA GLY B 374 19.35 21.74 2.05
C GLY B 374 19.04 20.81 0.87
N ASP B 375 18.16 21.23 -0.03
CA ASP B 375 17.95 20.54 -1.31
C ASP B 375 19.24 20.66 -2.12
N LEU B 376 19.40 19.78 -3.11
CA LEU B 376 20.59 19.78 -3.96
C LEU B 376 20.21 19.42 -5.39
N ALA B 377 20.71 20.19 -6.34
CA ALA B 377 20.55 19.90 -7.77
C ALA B 377 21.93 19.71 -8.38
N ASN B 378 22.22 18.49 -8.83
CA ASN B 378 23.51 18.17 -9.41
C ASN B 378 23.51 17.17 -10.56
N PHE B 379 22.34 16.84 -11.09
CA PHE B 379 22.20 15.73 -12.04
C PHE B 379 21.56 16.05 -13.38
N MET B 380 20.75 17.11 -13.43
CA MET B 380 20.09 17.54 -14.65
C MET B 380 20.10 19.06 -14.78
N ILE B 381 20.19 19.49 -16.02
CA ILE B 381 19.98 20.87 -16.40
C ILE B 381 19.21 20.71 -17.73
N PRO B 382 17.88 20.95 -17.73
CA PRO B 382 17.07 20.54 -18.89
C PRO B 382 17.54 21.08 -20.25
N GLY B 383 17.70 20.19 -21.22
CA GLY B 383 18.19 20.53 -22.56
C GLY B 383 19.69 20.34 -22.75
N LYS B 384 20.48 20.84 -21.80
CA LYS B 384 21.93 20.97 -21.99
C LYS B 384 22.77 19.81 -21.44
N LEU B 385 22.43 19.33 -20.25
CA LEU B 385 23.13 18.21 -19.60
C LEU B 385 22.09 17.25 -19.01
N VAL B 386 21.85 16.15 -19.72
CA VAL B 386 20.79 15.21 -19.42
C VAL B 386 21.43 13.82 -19.41
N LYS B 387 22.36 13.62 -18.46
CA LYS B 387 23.13 12.39 -18.36
C LYS B 387 22.54 11.37 -17.36
N GLY B 388 21.70 11.82 -16.43
CA GLY B 388 20.99 10.90 -15.50
C GLY B 388 21.41 11.01 -14.04
N PRO B 389 20.66 10.37 -13.12
CA PRO B 389 20.98 10.46 -11.69
C PRO B 389 22.28 9.78 -11.27
N GLY B 390 22.76 8.82 -12.07
CA GLY B 390 23.88 7.95 -11.63
C GLY B 390 23.56 7.43 -10.24
N GLY B 391 24.54 7.42 -9.37
CA GLY B 391 24.34 7.12 -7.94
C GLY B 391 24.13 8.31 -7.02
N ALA B 392 24.04 9.51 -7.56
CA ALA B 392 23.90 10.73 -6.75
C ALA B 392 22.65 10.74 -5.87
N MET B 393 21.50 10.33 -6.43
CA MET B 393 20.24 10.26 -5.68
C MET B 393 20.34 9.29 -4.49
N ASP B 394 21.02 8.15 -4.68
CA ASP B 394 21.21 7.17 -3.59
C ASP B 394 22.10 7.72 -2.46
N LEU B 395 23.17 8.40 -2.86
CA LEU B 395 24.11 8.99 -1.91
C LEU B 395 23.53 10.11 -1.05
N VAL B 396 22.56 10.84 -1.58
CA VAL B 396 21.98 11.99 -0.84
C VAL B 396 20.81 11.69 0.08
N SER B 397 20.08 10.60 -0.16
CA SER B 397 18.82 10.35 0.56
C SER B 397 18.94 9.24 1.60
N CYS B 398 20.17 8.81 1.86
CA CYS B 398 20.46 7.72 2.80
C CYS B 398 20.72 8.16 4.23
N GLY B 399 20.55 9.44 4.55
CA GLY B 399 20.69 9.90 5.93
C GLY B 399 22.11 10.08 6.44
N THR B 400 23.10 9.68 5.64
CA THR B 400 24.49 9.98 5.91
C THR B 400 24.71 11.49 5.87
N ARG B 401 25.66 11.95 6.68
CA ARG B 401 26.14 13.32 6.64
C ARG B 401 26.65 13.63 5.23
N VAL B 402 26.02 14.58 4.55
CA VAL B 402 26.38 15.00 3.20
C VAL B 402 26.99 16.39 3.28
N VAL B 403 28.11 16.58 2.60
CA VAL B 403 28.76 17.87 2.50
C VAL B 403 28.97 18.20 1.03
N VAL B 404 28.62 19.43 0.66
CA VAL B 404 28.76 19.89 -0.71
C VAL B 404 30.03 20.74 -0.83
N THR B 405 30.83 20.47 -1.87
CA THR B 405 31.98 21.30 -2.25
C THR B 405 31.69 21.88 -3.62
N THR B 406 31.76 23.21 -3.73
CA THR B 406 31.37 23.89 -4.94
C THR B 406 32.00 25.27 -5.03
N THR B 407 32.24 25.75 -6.25
CA THR B 407 32.57 27.16 -6.47
C THR B 407 31.35 27.97 -6.05
N HIS B 408 31.57 29.22 -5.64
CA HIS B 408 30.46 30.07 -5.15
C HIS B 408 29.52 30.53 -6.26
N CYS B 409 29.99 30.48 -7.53
CA CYS B 409 29.22 30.90 -8.70
C CYS B 409 29.34 29.96 -9.91
N ASN B 410 28.45 30.18 -10.88
CA ASN B 410 28.41 29.44 -12.17
C ASN B 410 29.60 29.80 -13.07
N LYS B 411 29.68 29.18 -14.24
CA LYS B 411 30.52 29.68 -15.35
C LYS B 411 29.95 30.98 -15.97
N ASN B 412 28.64 31.16 -15.83
CA ASN B 412 27.93 32.37 -16.25
C ASN B 412 27.94 33.49 -15.18
N GLY B 413 28.57 33.24 -14.02
CA GLY B 413 28.67 34.23 -12.96
C GLY B 413 27.52 34.31 -11.96
N ASP B 414 26.47 33.51 -12.15
CA ASP B 414 25.31 33.47 -11.22
C ASP B 414 25.69 32.76 -9.91
N PRO B 415 24.94 33.02 -8.81
CA PRO B 415 25.29 32.36 -7.54
C PRO B 415 24.80 30.92 -7.54
N LYS B 416 25.47 30.07 -6.77
CA LYS B 416 25.12 28.65 -6.68
C LYS B 416 24.39 28.28 -5.39
N ILE B 417 24.66 29.00 -4.30
CA ILE B 417 23.85 28.85 -3.09
C ILE B 417 22.63 29.75 -3.34
N VAL B 418 21.48 29.12 -3.60
CA VAL B 418 20.21 29.84 -3.88
C VAL B 418 19.20 29.57 -2.75
N GLU B 419 18.00 30.13 -2.86
CA GLU B 419 16.94 29.94 -1.85
C GLU B 419 16.26 28.60 -2.05
N ARG B 420 15.71 28.42 -3.25
CA ARG B 420 15.07 27.19 -3.63
C ARG B 420 15.59 26.85 -4.99
N CYS B 421 15.95 25.58 -5.18
CA CYS B 421 16.54 25.14 -6.45
C CYS B 421 15.60 25.41 -7.61
N ARG B 422 16.15 26.07 -8.63
CA ARG B 422 15.50 26.28 -9.90
C ARG B 422 15.60 24.99 -10.71
N LEU B 423 16.78 24.37 -10.67
CA LEU B 423 17.06 23.17 -11.43
C LEU B 423 16.49 21.93 -10.75
N PRO B 424 16.24 20.85 -11.53
CA PRO B 424 15.67 19.61 -10.98
C PRO B 424 16.52 19.02 -9.87
N VAL B 425 15.87 18.73 -8.74
CA VAL B 425 16.55 18.30 -7.53
C VAL B 425 17.04 16.83 -7.57
N THR B 426 18.25 16.60 -7.06
CA THR B 426 18.80 15.27 -6.87
C THR B 426 18.28 14.65 -5.56
N GLY B 427 18.11 15.49 -4.56
CA GLY B 427 17.70 15.05 -3.23
C GLY B 427 17.12 16.21 -2.47
N LYS B 428 16.24 15.89 -1.52
CA LYS B 428 15.44 16.86 -0.79
C LYS B 428 15.93 16.92 0.65
N HIS B 429 16.13 18.14 1.16
CA HIS B 429 16.62 18.38 2.53
C HIS B 429 17.74 17.39 2.87
N CYS B 430 18.75 17.33 2.01
CA CYS B 430 19.81 16.32 2.13
C CYS B 430 21.18 16.84 2.60
N VAL B 431 21.49 18.11 2.30
CA VAL B 431 22.82 18.68 2.55
C VAL B 431 22.95 19.23 3.97
N CYS B 432 24.06 18.93 4.63
CA CYS B 432 24.37 19.44 5.98
C CYS B 432 25.32 20.63 5.94
N ARG B 433 26.43 20.52 5.20
CA ARG B 433 27.42 21.60 5.11
C ARG B 433 27.71 21.95 3.65
N ILE B 434 27.91 23.24 3.39
CA ILE B 434 28.25 23.74 2.05
C ILE B 434 29.59 24.46 2.12
N ILE B 435 30.57 24.04 1.31
CA ILE B 435 31.92 24.55 1.40
C ILE B 435 32.31 25.17 0.07
N THR B 436 32.76 26.42 0.15
CA THR B 436 33.20 27.22 -0.99
C THR B 436 34.53 27.89 -0.64
N GLU B 437 35.16 28.45 -1.67
CA GLU B 437 36.35 29.28 -1.50
C GLU B 437 36.07 30.51 -0.61
N TYR B 438 34.91 31.17 -0.79
CA TYR B 438 34.56 32.35 -0.01
C TYR B 438 34.13 32.03 1.43
N ALA B 439 33.35 30.97 1.62
CA ALA B 439 32.74 30.68 2.93
C ALA B 439 32.31 29.23 3.13
N VAL B 440 31.94 28.91 4.37
CA VAL B 440 31.36 27.61 4.75
C VAL B 440 30.03 27.85 5.46
N PHE B 441 28.95 27.36 4.86
CA PHE B 441 27.62 27.41 5.49
C PHE B 441 27.22 26.06 6.07
N ASP B 442 26.42 26.08 7.14
CA ASP B 442 25.68 24.91 7.65
C ASP B 442 24.19 25.11 7.38
N VAL B 443 23.51 24.07 6.90
CA VAL B 443 22.05 24.05 6.84
C VAL B 443 21.54 23.74 8.26
N VAL B 444 20.81 24.66 8.89
CA VAL B 444 20.21 24.46 10.23
C VAL B 444 18.73 24.89 10.24
N ASP B 445 17.86 24.02 10.76
CA ASP B 445 16.39 24.23 10.80
C ASP B 445 15.73 24.50 9.43
N GLY B 446 16.32 23.98 8.36
CA GLY B 446 15.82 24.24 7.00
C GLY B 446 16.18 25.58 6.40
N ARG B 447 17.13 26.30 7.00
CA ARG B 447 17.73 27.48 6.37
C ARG B 447 19.23 27.50 6.67
N LEU B 448 19.92 28.43 6.04
CA LEU B 448 21.37 28.49 6.11
C LEU B 448 21.87 29.15 7.41
N VAL B 449 23.16 28.94 7.70
CA VAL B 449 23.88 29.68 8.75
C VAL B 449 25.40 29.62 8.51
N LEU B 450 25.93 30.72 8.00
CA LEU B 450 27.38 30.90 7.79
C LEU B 450 28.16 30.72 9.09
N LYS B 451 29.13 29.80 9.08
CA LYS B 451 30.00 29.57 10.25
C LYS B 451 31.44 30.07 10.08
N GLU B 452 31.94 30.15 8.84
CA GLU B 452 33.36 30.44 8.58
C GLU B 452 33.62 31.20 7.28
N ILE B 453 34.63 32.10 7.31
CA ILE B 453 35.15 32.80 6.11
C ILE B 453 36.69 32.70 6.07
N ALA B 454 37.28 32.93 4.89
CA ALA B 454 38.75 32.94 4.74
C ALA B 454 39.24 34.12 3.91
N GLU B 455 40.55 34.40 4.00
CA GLU B 455 41.21 35.53 3.30
C GLU B 455 40.77 36.92 3.82
N ASP B 456 40.25 36.98 5.05
CA ASP B 456 39.71 38.21 5.66
C ASP B 456 38.60 38.93 4.86
N THR B 457 37.92 38.22 3.95
CA THR B 457 36.65 38.71 3.39
C THR B 457 35.54 38.37 4.40
N THR B 458 34.50 39.20 4.46
CA THR B 458 33.63 39.30 5.65
C THR B 458 32.13 39.12 5.35
N VAL B 459 31.34 39.10 6.43
CA VAL B 459 29.93 38.65 6.41
C VAL B 459 29.00 39.47 5.48
N ASP B 460 29.43 40.66 5.05
CA ASP B 460 28.70 41.43 4.02
C ASP B 460 29.22 41.26 2.58
N GLN B 461 30.40 40.64 2.41
CA GLN B 461 30.94 40.37 1.07
C GLN B 461 30.31 39.08 0.48
N VAL B 462 30.09 38.07 1.33
CA VAL B 462 29.49 36.81 0.89
C VAL B 462 27.98 36.96 0.62
N LYS B 463 27.29 37.75 1.44
CA LYS B 463 25.83 37.94 1.32
C LYS B 463 25.37 38.34 -0.07
N LYS B 464 26.12 39.24 -0.71
CA LYS B 464 25.81 39.68 -2.06
C LYS B 464 26.26 38.65 -3.11
N LEU B 465 27.22 37.79 -2.75
CA LEU B 465 27.65 36.67 -3.60
C LEU B 465 26.84 35.37 -3.42
N THR B 466 26.23 35.18 -2.26
CA THR B 466 25.27 34.08 -2.08
C THR B 466 23.87 34.56 -2.48
N GLY B 467 23.06 33.63 -3.00
CA GLY B 467 21.72 33.95 -3.47
C GLY B 467 20.63 34.09 -2.42
N VAL B 468 21.00 34.06 -1.12
CA VAL B 468 20.06 34.31 -0.03
C VAL B 468 20.68 34.99 1.16
N GLY B 469 19.82 35.54 2.02
CA GLY B 469 20.22 35.90 3.38
C GLY B 469 20.44 34.65 4.22
N PHE B 470 20.93 34.84 5.44
CA PHE B 470 21.28 33.73 6.35
C PHE B 470 21.64 34.26 7.75
N ASP B 471 22.00 33.34 8.66
CA ASP B 471 22.34 33.64 10.06
C ASP B 471 23.87 33.74 10.29
N ALA B 472 24.27 34.67 11.16
CA ALA B 472 25.68 34.91 11.53
C ALA B 472 25.84 35.30 13.02
N ASP B 473 25.04 34.69 13.90
CA ASP B 473 25.03 34.99 15.36
C ASP B 473 26.34 34.66 16.10
N ASN B 474 27.13 33.73 15.56
CA ASN B 474 28.42 33.33 16.14
C ASN B 474 29.32 32.74 15.06
N VAL B 475 30.06 33.63 14.40
CA VAL B 475 30.92 33.27 13.26
C VAL B 475 32.39 33.33 13.65
N ILE B 476 33.17 32.37 13.13
CA ILE B 476 34.64 32.37 13.23
C ILE B 476 35.25 32.46 11.82
N THR B 477 36.59 32.39 11.75
CA THR B 477 37.30 32.30 10.45
C THR B 477 37.59 30.84 10.12
N MET B 478 37.89 30.60 8.84
CA MET B 478 37.93 29.26 8.25
C MET B 478 39.32 28.62 8.36
N PRO B 479 39.43 27.47 9.08
CA PRO B 479 40.71 26.77 9.14
C PRO B 479 40.93 25.88 7.91
N LEU B 480 42.19 25.73 7.50
CA LEU B 480 42.55 24.96 6.31
C LEU B 480 43.60 23.89 6.63
N ALA B 481 43.49 22.75 5.96
CA ALA B 481 44.46 21.67 6.06
C ALA B 481 45.74 22.06 5.29
N PRO B 482 46.92 21.77 5.86
CA PRO B 482 48.18 22.20 5.23
C PRO B 482 48.63 21.34 4.05
N ILE C 1 -41.14 14.06 23.45
CA ILE C 1 -41.04 12.83 24.20
C ILE C 1 -39.69 12.13 24.18
N GLY C 2 -38.98 12.13 23.06
CA GLY C 2 -37.73 11.37 22.98
C GLY C 2 -36.56 11.91 23.77
N LEU C 3 -35.33 11.73 23.31
CA LEU C 3 -34.14 12.23 23.98
C LEU C 3 -34.16 13.74 23.95
N ASP C 4 -33.63 14.43 24.95
CA ASP C 4 -33.61 15.90 24.91
C ASP C 4 -32.17 16.32 24.98
N LYS C 5 -31.67 16.93 23.94
CA LYS C 5 -30.29 17.30 23.90
C LYS C 5 -30.01 18.76 23.92
N VAL C 6 -31.06 19.51 24.19
CA VAL C 6 -31.01 20.96 24.19
C VAL C 6 -30.23 21.45 25.39
N MET C 7 -29.37 22.44 25.15
CA MET C 7 -28.66 23.21 26.17
C MET C 7 -28.64 24.67 25.80
N SER C 8 -28.31 25.50 26.79
CA SER C 8 -27.95 26.90 26.56
C SER C 8 -26.60 26.97 25.85
N LEU C 9 -26.38 28.08 25.19
CA LEU C 9 -25.21 28.31 24.33
C LEU C 9 -23.85 28.34 25.08
N SER C 10 -23.81 29.00 26.24
CA SER C 10 -22.59 29.02 27.06
C SER C 10 -22.27 27.63 27.64
N SER C 11 -23.30 26.95 28.17
CA SER C 11 -23.11 25.61 28.75
C SER C 11 -22.64 24.57 27.73
N ALA C 12 -23.18 24.63 26.51
CA ALA C 12 -22.78 23.72 25.43
C ALA C 12 -21.31 23.82 25.00
N VAL C 13 -20.71 24.98 25.18
CA VAL C 13 -19.35 25.26 24.74
C VAL C 13 -18.31 25.23 25.89
N GLN C 14 -18.76 25.15 27.13
CA GLN C 14 -17.86 25.46 28.26
C GLN C 14 -16.75 24.44 28.58
N ASP C 15 -16.78 23.28 27.93
CA ASP C 15 -15.82 22.22 28.21
C ASP C 15 -14.85 22.02 27.04
N ILE C 16 -14.83 22.97 26.11
CA ILE C 16 -13.83 23.00 25.05
C ILE C 16 -12.55 23.48 25.72
N LYS C 17 -11.54 22.63 25.75
CA LYS C 17 -10.28 23.00 26.41
C LYS C 17 -9.26 23.56 25.41
N ASN C 18 -8.28 24.26 25.96
CA ASN C 18 -7.16 24.80 25.19
C ASN C 18 -6.58 23.63 24.39
N GLY C 19 -6.21 23.88 23.14
CA GLY C 19 -5.69 22.81 22.29
C GLY C 19 -6.71 21.95 21.57
N ALA C 20 -8.00 22.20 21.76
CA ALA C 20 -9.03 21.37 21.16
C ALA C 20 -8.99 21.42 19.64
N THR C 21 -9.34 20.28 19.02
CA THR C 21 -9.53 20.22 17.58
C THR C 21 -11.02 20.37 17.26
N LEU C 22 -11.35 21.29 16.36
CA LEU C 22 -12.73 21.54 15.98
C LEU C 22 -12.90 21.21 14.50
N ALA C 23 -14.07 20.67 14.13
CA ALA C 23 -14.51 20.62 12.73
C ALA C 23 -15.68 21.57 12.70
N VAL C 24 -15.72 22.45 11.71
CA VAL C 24 -16.75 23.47 11.65
C VAL C 24 -17.40 23.45 10.29
N GLY C 25 -18.73 23.43 10.29
CA GLY C 25 -19.52 23.50 9.07
C GLY C 25 -19.50 24.90 8.48
N GLY C 26 -19.98 25.02 7.23
CA GLY C 26 -20.04 26.31 6.55
C GLY C 26 -19.31 26.35 5.22
N PHE C 27 -19.90 27.03 4.24
CA PHE C 27 -19.23 27.32 2.98
C PHE C 27 -19.30 28.84 2.83
N GLY C 28 -18.14 29.48 3.03
CA GLY C 28 -18.09 30.91 3.26
C GLY C 28 -18.90 31.17 4.52
N THR C 29 -19.94 31.99 4.39
CA THR C 29 -20.86 32.28 5.49
C THR C 29 -22.11 31.37 5.52
N GLY C 30 -22.36 30.62 4.45
CA GLY C 30 -23.53 29.76 4.36
C GLY C 30 -23.43 28.51 5.23
N GLY C 31 -24.30 28.39 6.23
CA GLY C 31 -24.25 27.30 7.18
C GLY C 31 -23.11 27.36 8.18
N MET C 32 -22.52 28.56 8.37
CA MET C 32 -21.41 28.81 9.28
C MET C 32 -21.97 29.18 10.65
N PRO C 33 -21.71 28.35 11.69
CA PRO C 33 -22.29 28.56 13.02
C PRO C 33 -21.72 29.74 13.82
N HIS C 34 -22.06 30.96 13.36
CA HIS C 34 -21.54 32.24 13.89
C HIS C 34 -21.89 32.47 15.36
N ALA C 35 -23.14 32.18 15.74
CA ALA C 35 -23.55 32.25 17.16
C ALA C 35 -22.65 31.45 18.09
N ILE C 36 -22.33 30.21 17.69
CA ILE C 36 -21.53 29.36 18.54
C ILE C 36 -20.11 29.87 18.58
N MET C 37 -19.59 30.24 17.41
CA MET C 37 -18.30 30.94 17.29
C MET C 37 -18.19 32.18 18.17
N GLN C 38 -19.22 33.01 18.19
CA GLN C 38 -19.26 34.18 19.10
C GLN C 38 -19.12 33.73 20.58
N GLU C 39 -19.77 32.63 20.95
CA GLU C 39 -19.71 32.13 22.33
C GLU C 39 -18.35 31.54 22.71
N ILE C 40 -17.68 30.88 21.76
CA ILE C 40 -16.34 30.33 22.05
C ILE C 40 -15.33 31.48 22.12
N LYS C 41 -15.57 32.58 21.39
CA LYS C 41 -14.74 33.78 21.59
C LYS C 41 -14.84 34.26 23.04
N LYS C 42 -16.08 34.39 23.51
CA LYS C 42 -16.37 34.77 24.89
C LYS C 42 -15.61 33.95 25.96
N MET C 43 -15.62 32.61 25.84
CA MET C 43 -14.93 31.75 26.81
C MET C 43 -13.40 31.87 26.70
N GLY C 44 -12.89 32.41 25.60
CA GLY C 44 -11.46 32.70 25.47
C GLY C 44 -10.51 31.51 25.34
N VAL C 45 -11.01 30.35 24.93
CA VAL C 45 -10.16 29.17 24.68
C VAL C 45 -9.08 29.48 23.64
N ARG C 46 -7.89 28.94 23.86
CA ARG C 46 -6.69 29.28 23.06
C ARG C 46 -6.17 28.08 22.27
N ASP C 47 -5.25 28.39 21.35
CA ASP C 47 -4.64 27.46 20.39
C ASP C 47 -5.55 26.34 19.87
N LEU C 48 -6.65 26.77 19.26
CA LEU C 48 -7.56 25.83 18.62
C LEU C 48 -6.95 25.34 17.31
N ILE C 49 -7.31 24.11 16.96
CA ILE C 49 -6.99 23.53 15.68
C ILE C 49 -8.33 23.32 15.03
N ILE C 50 -8.54 23.87 13.82
CA ILE C 50 -9.88 23.95 13.22
C ILE C 50 -9.87 23.47 11.78
N TYR C 51 -10.73 22.49 11.50
CA TYR C 51 -10.90 21.92 10.17
C TYR C 51 -12.20 22.48 9.63
N SER C 52 -12.13 23.19 8.52
CA SER C 52 -13.34 23.82 7.96
C SER C 52 -13.11 24.17 6.51
N ASP C 53 -14.19 24.34 5.72
CA ASP C 53 -14.01 24.59 4.30
C ASP C 53 -13.20 25.88 4.10
N GLY C 54 -13.68 26.95 4.72
CA GLY C 54 -12.89 28.17 4.95
C GLY C 54 -12.83 28.56 6.42
N ALA C 55 -12.45 29.82 6.66
CA ALA C 55 -12.39 30.40 7.99
C ALA C 55 -13.36 31.57 8.09
N GLY C 56 -14.51 31.43 7.46
CA GLY C 56 -15.48 32.51 7.41
C GLY C 56 -14.87 33.78 6.85
N VAL C 57 -15.35 34.92 7.34
CA VAL C 57 -14.87 36.22 6.87
C VAL C 57 -14.55 37.08 8.07
N ASP C 58 -14.00 38.27 7.80
CA ASP C 58 -13.65 39.23 8.83
C ASP C 58 -14.91 39.52 9.62
N GLY C 59 -14.81 39.37 10.95
CA GLY C 59 -15.95 39.55 11.87
C GLY C 59 -17.08 38.52 11.83
N TYR C 60 -16.87 37.34 11.23
CA TYR C 60 -17.96 36.37 11.08
C TYR C 60 -17.48 34.91 11.13
N GLY C 61 -18.32 34.06 11.76
CA GLY C 61 -17.96 32.69 12.18
C GLY C 61 -16.54 32.53 12.69
N ILE C 62 -15.78 31.62 12.09
CA ILE C 62 -14.38 31.39 12.53
C ILE C 62 -13.58 32.71 12.56
N GLY C 63 -13.90 33.64 11.66
CA GLY C 63 -13.18 34.90 11.58
C GLY C 63 -13.07 35.68 12.88
N VAL C 64 -14.18 35.65 13.63
CA VAL C 64 -14.27 36.11 15.02
C VAL C 64 -13.11 35.64 15.93
N LEU C 65 -12.72 34.38 15.79
CA LEU C 65 -11.73 33.75 16.66
C LEU C 65 -10.28 34.24 16.45
N PHE C 66 -9.99 34.89 15.33
CA PHE C 66 -8.63 35.43 15.12
C PHE C 66 -8.39 36.72 15.93
N GLU C 67 -9.47 37.37 16.37
CA GLU C 67 -9.40 38.70 16.97
C GLU C 67 -8.55 38.69 18.27
N ASN C 68 -8.78 37.71 19.14
CA ASN C 68 -7.89 37.47 20.31
C ASN C 68 -6.94 36.28 20.09
N LYS C 69 -6.43 36.18 18.86
CA LYS C 69 -5.54 35.09 18.43
C LYS C 69 -5.77 33.77 19.17
N GLN C 70 -6.97 33.22 18.98
CA GLN C 70 -7.37 31.96 19.61
C GLN C 70 -7.03 30.71 18.77
N ILE C 71 -6.64 30.94 17.51
CA ILE C 71 -6.37 29.90 16.50
C ILE C 71 -4.86 29.64 16.38
N ASN C 72 -4.47 28.38 16.61
CA ASN C 72 -3.10 27.91 16.34
C ASN C 72 -2.96 27.49 14.88
N LYS C 73 -3.90 26.65 14.42
CA LYS C 73 -3.82 26.04 13.11
C LYS C 73 -5.21 25.93 12.46
N MET C 74 -5.26 26.31 11.18
CA MET C 74 -6.39 26.11 10.29
C MET C 74 -6.04 25.06 9.23
N ILE C 75 -6.95 24.11 9.03
CA ILE C 75 -6.89 23.19 7.90
C ILE C 75 -8.13 23.48 7.06
N VAL C 76 -7.90 23.86 5.83
CA VAL C 76 -8.87 24.62 5.07
C VAL C 76 -8.65 24.37 3.59
N SER C 77 -9.70 24.55 2.78
CA SER C 77 -9.59 24.48 1.31
C SER C 77 -9.40 25.84 0.67
N TYR C 78 -9.82 26.90 1.34
CA TYR C 78 -9.75 28.25 0.79
C TYR C 78 -9.68 29.29 1.88
N VAL C 79 -8.99 30.41 1.62
CA VAL C 79 -8.99 31.54 2.58
C VAL C 79 -10.08 32.55 2.24
N GLY C 80 -10.28 32.80 0.96
CA GLY C 80 -11.32 33.73 0.48
C GLY C 80 -11.08 35.14 0.97
N ASN C 81 -12.16 35.87 1.20
CA ASN C 81 -12.12 37.29 1.60
C ASN C 81 -12.03 37.40 3.13
N ASN C 82 -10.88 37.00 3.66
CA ASN C 82 -10.63 36.98 5.09
C ASN C 82 -9.23 37.55 5.32
N LYS C 83 -9.19 38.86 5.56
CA LYS C 83 -7.93 39.57 5.71
C LYS C 83 -7.18 39.24 6.99
N ILE C 84 -7.87 39.09 8.11
CA ILE C 84 -7.22 38.75 9.38
C ILE C 84 -6.57 37.36 9.31
N PHE C 85 -7.25 36.45 8.64
CA PHE C 85 -6.75 35.08 8.44
C PHE C 85 -5.44 35.11 7.63
N ALA C 86 -5.49 35.64 6.41
CA ALA C 86 -4.29 35.75 5.58
C ALA C 86 -3.16 36.51 6.31
N ARG C 87 -3.51 37.63 6.95
CA ARG C 87 -2.52 38.45 7.69
C ARG C 87 -1.85 37.65 8.80
N GLN C 88 -2.64 36.92 9.58
CA GLN C 88 -2.07 36.07 10.63
C GLN C 88 -1.28 34.86 10.11
N TYR C 89 -1.57 34.40 8.91
CA TYR C 89 -0.76 33.37 8.25
C TYR C 89 0.57 33.99 7.88
N LEU C 90 0.53 35.13 7.19
CA LEU C 90 1.76 35.80 6.72
C LEU C 90 2.64 36.33 7.84
N GLU C 91 2.04 36.78 8.94
CA GLU C 91 2.78 37.30 10.09
C GLU C 91 3.15 36.27 11.18
N GLY C 92 2.93 34.98 10.92
CA GLY C 92 3.42 33.91 11.81
C GLY C 92 2.65 33.65 13.09
N ASP C 93 1.37 34.03 13.11
CA ASP C 93 0.48 33.76 14.26
C ASP C 93 -0.30 32.46 14.13
N VAL C 94 -0.41 31.94 12.91
CA VAL C 94 -1.29 30.82 12.60
C VAL C 94 -0.61 29.90 11.61
N GLU C 95 -0.71 28.60 11.86
CA GLU C 95 -0.38 27.58 10.86
C GLU C 95 -1.58 27.39 9.93
N LEU C 96 -1.29 27.28 8.62
CA LEU C 96 -2.34 27.15 7.59
C LEU C 96 -2.01 25.95 6.72
N GLU C 97 -2.79 24.87 6.88
CA GLU C 97 -2.66 23.68 6.05
C GLU C 97 -3.82 23.59 5.05
N PHE C 98 -3.48 23.69 3.78
CA PHE C 98 -4.45 23.51 2.69
C PHE C 98 -4.78 22.05 2.43
N CYS C 99 -6.05 21.83 2.09
CA CYS C 99 -6.55 20.53 1.68
C CYS C 99 -7.59 20.75 0.58
N PRO C 100 -7.48 20.02 -0.54
CA PRO C 100 -8.52 20.24 -1.56
C PRO C 100 -9.92 20.02 -0.99
N GLN C 101 -10.88 20.83 -1.42
CA GLN C 101 -12.22 20.84 -0.77
C GLN C 101 -12.87 19.45 -0.68
N GLY C 102 -12.86 18.70 -1.79
CA GLY C 102 -13.48 17.40 -1.84
C GLY C 102 -12.81 16.37 -0.96
N SER C 103 -11.48 16.43 -0.89
CA SER C 103 -10.73 15.60 0.01
C SER C 103 -11.00 15.96 1.47
N LEU C 104 -11.17 17.25 1.77
CA LEU C 104 -11.47 17.68 3.15
C LEU C 104 -12.82 17.11 3.56
N ALA C 105 -13.82 17.20 2.68
CA ALA C 105 -15.15 16.70 2.99
C ALA C 105 -15.17 15.17 3.14
N GLU C 106 -14.53 14.46 2.22
CA GLU C 106 -14.47 12.99 2.32
C GLU C 106 -13.67 12.48 3.53
N ARG C 107 -12.61 13.18 3.93
CA ARG C 107 -11.80 12.85 5.13
C ARG C 107 -12.60 12.98 6.42
N MET C 108 -13.42 14.01 6.51
CA MET C 108 -14.32 14.16 7.65
C MET C 108 -15.35 13.06 7.65
N ARG C 109 -15.99 12.80 6.51
CA ARG C 109 -16.93 11.68 6.38
C ARG C 109 -16.28 10.36 6.81
N ALA C 110 -15.08 10.13 6.29
CA ALA C 110 -14.31 8.95 6.56
C ALA C 110 -14.09 8.74 8.06
N GLY C 111 -13.75 9.83 8.77
CA GLY C 111 -13.58 9.77 10.22
C GLY C 111 -14.83 9.47 11.02
N GLY C 112 -15.97 9.91 10.51
CA GLY C 112 -17.25 9.51 11.01
C GLY C 112 -17.64 8.10 10.65
N ALA C 113 -17.15 7.60 9.50
CA ALA C 113 -17.55 6.33 8.90
C ALA C 113 -16.67 5.12 9.25
N GLY C 114 -15.72 5.27 10.16
CA GLY C 114 -14.75 4.21 10.45
C GLY C 114 -13.86 3.77 9.30
N ILE C 115 -13.62 4.67 8.34
CA ILE C 115 -12.73 4.41 7.22
C ILE C 115 -11.45 5.21 7.49
N PRO C 116 -10.34 4.54 7.86
CA PRO C 116 -9.13 5.31 8.25
C PRO C 116 -8.46 5.99 7.07
N ALA C 117 -8.67 5.46 5.86
CA ALA C 117 -8.11 6.06 4.66
C ALA C 117 -8.78 5.56 3.35
N PHE C 118 -8.68 6.42 2.33
CA PHE C 118 -9.28 6.20 1.03
C PHE C 118 -8.38 6.83 -0.02
N TYR C 119 -8.58 6.47 -1.27
CA TYR C 119 -7.85 7.04 -2.38
C TYR C 119 -8.67 8.01 -3.24
N THR C 120 -8.00 9.06 -3.73
CA THR C 120 -8.59 10.05 -4.64
C THR C 120 -7.53 10.49 -5.67
N PRO C 121 -7.98 10.76 -6.92
CA PRO C 121 -7.04 11.28 -7.91
C PRO C 121 -6.70 12.75 -7.64
N THR C 122 -7.50 13.42 -6.80
CA THR C 122 -7.33 14.84 -6.49
C THR C 122 -5.97 15.15 -5.88
N ALA C 123 -5.31 16.19 -6.40
CA ALA C 123 -4.02 16.72 -5.93
C ALA C 123 -2.80 15.95 -6.39
N VAL C 124 -3.00 14.88 -7.17
CA VAL C 124 -1.91 14.03 -7.68
C VAL C 124 -0.96 14.88 -8.50
N GLY C 125 0.32 14.84 -8.16
CA GLY C 125 1.35 15.59 -8.86
C GLY C 125 1.36 17.08 -8.61
N THR C 126 0.58 17.55 -7.65
CA THR C 126 0.59 18.95 -7.21
C THR C 126 1.47 19.08 -5.99
N VAL C 127 1.67 20.32 -5.54
CA VAL C 127 2.45 20.57 -4.32
C VAL C 127 1.73 20.09 -3.02
N LEU C 128 0.41 19.93 -3.06
CA LEU C 128 -0.30 19.33 -1.94
C LEU C 128 0.04 17.82 -1.82
N GLN C 129 0.49 17.18 -2.91
CA GLN C 129 1.02 15.81 -2.87
C GLN C 129 2.50 15.72 -2.49
N THR C 130 3.32 16.52 -3.13
CA THR C 130 4.77 16.44 -2.94
C THR C 130 5.27 17.05 -1.61
N GLY C 131 4.41 17.80 -0.92
CA GLY C 131 4.82 18.48 0.31
C GLY C 131 5.44 19.83 -0.01
N GLY C 132 5.93 20.52 0.99
CA GLY C 132 6.59 21.81 0.78
C GLY C 132 5.72 23.06 0.59
N GLN C 133 4.39 22.94 0.60
CA GLN C 133 3.51 24.13 0.70
C GLN C 133 3.88 24.87 1.99
N ILE C 134 4.03 26.19 1.94
CA ILE C 134 4.40 26.95 3.14
C ILE C 134 3.21 26.97 4.11
N THR C 135 3.33 26.28 5.25
CA THR C 135 2.26 26.21 6.24
C THR C 135 2.43 27.17 7.40
N LYS C 136 3.67 27.50 7.75
CA LYS C 136 3.88 28.46 8.83
C LYS C 136 5.10 29.32 8.56
N TYR C 137 4.96 30.59 8.93
CA TYR C 137 6.06 31.54 8.91
C TYR C 137 6.53 31.75 10.34
N ASP C 138 7.72 32.29 10.51
CA ASP C 138 8.11 32.88 11.80
C ASP C 138 7.55 34.32 11.89
N LYS C 139 8.01 35.09 12.87
CA LYS C 139 7.59 36.49 13.01
C LYS C 139 8.20 37.47 11.98
N ASN C 140 9.18 37.03 11.17
N ASN C 140 9.15 37.01 11.16
CA ASN C 140 9.90 37.92 10.24
CA ASN C 140 9.92 37.88 10.26
C ASN C 140 9.99 37.39 8.82
C ASN C 140 9.99 37.39 8.81
N GLY C 141 8.86 36.92 8.29
CA GLY C 141 8.78 36.45 6.89
C GLY C 141 9.58 35.20 6.52
N GLY C 142 10.07 34.47 7.51
CA GLY C 142 10.89 33.27 7.28
C GLY C 142 10.05 32.00 7.36
N VAL C 143 10.28 31.08 6.43
CA VAL C 143 9.55 29.81 6.36
C VAL C 143 9.92 28.93 7.57
N LEU C 144 8.93 28.71 8.44
CA LEU C 144 9.13 27.93 9.66
C LEU C 144 8.66 26.47 9.50
N LYS C 145 7.60 26.23 8.72
CA LYS C 145 7.05 24.86 8.56
C LYS C 145 6.50 24.67 7.18
N GLU C 146 6.53 23.41 6.73
CA GLU C 146 6.08 23.03 5.39
C GLU C 146 5.20 21.81 5.44
N SER C 147 4.27 21.74 4.49
CA SER C 147 3.33 20.63 4.39
C SER C 147 4.07 19.30 4.16
N THR C 148 3.58 18.27 4.85
CA THR C 148 4.04 16.90 4.72
C THR C 148 3.50 16.28 3.44
N PRO C 149 4.32 15.53 2.69
CA PRO C 149 3.78 14.94 1.46
C PRO C 149 2.62 13.95 1.69
N ARG C 150 1.87 13.68 0.63
CA ARG C 150 0.84 12.65 0.63
C ARG C 150 1.46 11.40 0.00
N GLU C 151 1.06 10.22 0.46
CA GLU C 151 1.45 9.00 -0.23
C GLU C 151 0.49 8.66 -1.37
N THR C 152 1.00 7.90 -2.31
CA THR C 152 0.29 7.64 -3.57
C THR C 152 0.34 6.17 -3.92
N ARG C 153 -0.68 5.70 -4.63
CA ARG C 153 -0.64 4.35 -5.23
C ARG C 153 -1.43 4.29 -6.54
N PHE C 154 -0.98 3.42 -7.43
CA PHE C 154 -1.68 3.11 -8.68
C PHE C 154 -2.85 2.17 -8.51
N PHE C 155 -3.97 2.48 -9.16
CA PHE C 155 -5.05 1.55 -9.33
C PHE C 155 -5.47 1.61 -10.78
N GLY C 156 -5.58 0.44 -11.41
CA GLY C 156 -5.99 0.36 -12.81
C GLY C 156 -5.13 1.23 -13.71
N GLY C 157 -3.85 1.36 -13.36
CA GLY C 157 -2.92 2.13 -14.15
C GLY C 157 -2.90 3.64 -13.96
N ARG C 158 -3.75 4.18 -13.07
CA ARG C 158 -3.70 5.61 -12.73
C ARG C 158 -3.27 5.81 -11.30
N LEU C 159 -2.63 6.96 -11.05
CA LEU C 159 -2.08 7.30 -9.72
C LEU C 159 -3.08 8.07 -8.86
N TYR C 160 -3.16 7.69 -7.58
CA TYR C 160 -4.11 8.27 -6.60
C TYR C 160 -3.39 8.68 -5.31
N CYS C 161 -3.89 9.71 -4.62
CA CYS C 161 -3.41 10.11 -3.30
C CYS C 161 -4.13 9.35 -2.20
N LEU C 162 -3.39 8.98 -1.15
CA LEU C 162 -4.01 8.44 0.08
C LEU C 162 -4.39 9.61 0.99
N GLU C 163 -5.65 9.64 1.38
CA GLU C 163 -6.14 10.63 2.28
C GLU C 163 -6.48 9.94 3.59
N ASN C 164 -6.26 10.63 4.71
CA ASN C 164 -6.47 10.06 6.03
C ASN C 164 -7.69 10.65 6.63
N ALA C 165 -8.41 9.83 7.40
CA ALA C 165 -9.63 10.21 8.07
C ALA C 165 -9.35 11.34 9.06
N ILE C 166 -10.29 12.26 9.17
CA ILE C 166 -10.20 13.39 10.12
C ILE C 166 -11.22 13.13 11.22
N LYS C 167 -10.72 13.09 12.46
CA LYS C 167 -11.55 12.93 13.64
C LYS C 167 -11.21 14.05 14.62
N THR C 168 -12.24 14.75 15.12
CA THR C 168 -12.04 15.90 15.98
C THR C 168 -12.63 15.69 17.38
N ASP C 169 -12.13 16.47 18.35
CA ASP C 169 -12.68 16.55 19.72
C ASP C 169 -14.12 17.11 19.67
N PHE C 170 -14.30 18.20 18.92
CA PHE C 170 -15.62 18.78 18.74
C PHE C 170 -15.94 19.03 17.26
N SER C 171 -17.24 19.02 16.96
CA SER C 171 -17.79 19.45 15.69
C SER C 171 -18.83 20.54 15.95
N ILE C 172 -18.79 21.63 15.17
CA ILE C 172 -19.76 22.72 15.31
C ILE C 172 -20.54 22.89 14.02
N VAL C 173 -21.86 22.68 14.10
CA VAL C 173 -22.72 22.76 12.93
C VAL C 173 -23.88 23.72 13.11
N LYS C 174 -24.36 24.23 11.97
CA LYS C 174 -25.55 25.05 11.89
C LYS C 174 -26.58 24.38 10.99
N ALA C 175 -27.84 24.49 11.41
CA ALA C 175 -28.96 23.91 10.66
C ALA C 175 -30.18 24.82 10.74
N TRP C 176 -31.07 24.70 9.75
CA TRP C 176 -32.34 25.43 9.71
C TRP C 176 -33.31 24.97 10.82
N LYS C 177 -33.48 23.66 10.95
CA LYS C 177 -34.36 23.10 11.94
C LYS C 177 -33.66 21.93 12.63
N GLY C 178 -33.84 21.83 13.96
CA GLY C 178 -33.48 20.62 14.69
C GLY C 178 -34.55 20.26 15.69
N ASP C 179 -34.74 18.97 15.94
CA ASP C 179 -35.62 18.54 17.05
C ASP C 179 -34.78 18.29 18.31
N ARG C 180 -35.45 18.01 19.43
CA ARG C 180 -34.80 17.83 20.73
C ARG C 180 -33.83 16.61 20.84
N CYS C 181 -33.98 15.60 19.97
CA CYS C 181 -33.05 14.46 19.96
C CYS C 181 -31.96 14.65 18.89
N GLY C 182 -31.88 15.86 18.31
CA GLY C 182 -30.75 16.28 17.52
C GLY C 182 -30.83 16.01 16.03
N ASN C 183 -31.96 15.50 15.54
CA ASN C 183 -32.19 15.42 14.08
C ASN C 183 -32.13 16.82 13.47
N LEU C 184 -31.34 17.00 12.42
CA LEU C 184 -31.17 18.31 11.75
C LEU C 184 -31.66 18.34 10.28
N VAL C 185 -32.37 19.43 9.96
CA VAL C 185 -32.73 19.75 8.59
C VAL C 185 -32.04 21.06 8.25
N PHE C 186 -31.44 21.07 7.06
CA PHE C 186 -30.75 22.21 6.47
C PHE C 186 -31.57 22.77 5.32
N ARG C 187 -31.20 23.98 4.92
CA ARG C 187 -31.93 24.73 3.93
C ARG C 187 -30.98 25.25 2.87
N GLY C 188 -31.31 25.00 1.60
CA GLY C 188 -30.48 25.53 0.49
C GLY C 188 -29.06 25.01 0.51
N THR C 189 -28.12 25.82 0.03
CA THR C 189 -26.69 25.47 0.00
C THR C 189 -25.92 25.73 1.32
N ALA C 190 -26.61 26.19 2.37
CA ALA C 190 -26.08 26.22 3.75
C ALA C 190 -25.89 24.83 4.40
N ARG C 191 -26.35 23.77 3.73
CA ARG C 191 -26.06 22.39 4.14
C ARG C 191 -24.55 22.09 4.11
N ASN C 192 -23.99 22.01 2.90
CA ASN C 192 -22.56 21.90 2.60
C ASN C 192 -21.76 20.94 3.49
N PHE C 193 -20.74 21.41 4.20
CA PHE C 193 -19.95 20.59 5.12
C PHE C 193 -20.63 20.22 6.44
N ASN C 194 -21.80 20.77 6.75
CA ASN C 194 -22.48 20.43 7.99
C ASN C 194 -22.82 18.94 8.19
N VAL C 195 -23.07 18.17 7.11
CA VAL C 195 -23.23 16.73 7.27
C VAL C 195 -21.89 16.02 7.61
N PRO C 196 -20.86 16.12 6.76
CA PRO C 196 -19.62 15.44 7.17
C PRO C 196 -19.00 15.93 8.51
N VAL C 197 -19.08 17.23 8.79
CA VAL C 197 -18.64 17.79 10.07
C VAL C 197 -19.37 17.20 11.29
N GLY C 198 -20.68 17.08 11.22
CA GLY C 198 -21.48 16.48 12.27
C GLY C 198 -21.16 15.02 12.56
N GLN C 199 -20.55 14.32 11.61
CA GLN C 199 -20.27 12.91 11.78
C GLN C 199 -18.90 12.63 12.34
N CYS C 200 -17.97 13.59 12.27
CA CYS C 200 -16.55 13.33 12.58
C CYS C 200 -16.05 13.79 13.96
N GLY C 201 -16.87 14.52 14.70
CA GLY C 201 -16.50 14.99 16.03
C GLY C 201 -16.95 14.05 17.13
N GLN C 202 -16.15 13.98 18.19
CA GLN C 202 -16.55 13.24 19.41
C GLN C 202 -17.74 13.93 20.09
N THR C 203 -17.68 15.26 20.25
CA THR C 203 -18.80 16.03 20.79
C THR C 203 -19.29 16.96 19.69
N VAL C 204 -20.54 16.78 19.26
CA VAL C 204 -21.04 17.63 18.18
C VAL C 204 -22.14 18.56 18.68
N ILE C 205 -21.94 19.83 18.34
CA ILE C 205 -22.79 20.91 18.81
C ILE C 205 -23.47 21.56 17.61
N ALA C 206 -24.80 21.60 17.65
CA ALA C 206 -25.61 22.14 16.57
C ALA C 206 -26.42 23.35 17.02
N GLU C 207 -26.17 24.50 16.41
CA GLU C 207 -27.07 25.65 16.53
C GLU C 207 -28.20 25.53 15.47
N VAL C 208 -29.43 25.83 15.89
CA VAL C 208 -30.62 25.66 15.05
C VAL C 208 -31.35 26.98 14.94
N GLU C 209 -31.80 27.30 13.74
CA GLU C 209 -32.59 28.51 13.52
C GLU C 209 -34.00 28.30 14.07
N ASN C 210 -34.46 27.05 14.07
CA ASN C 210 -35.77 26.65 14.59
C ASN C 210 -35.64 25.33 15.36
N LEU C 211 -36.00 25.33 16.63
CA LEU C 211 -36.11 24.10 17.40
C LEU C 211 -37.56 23.61 17.32
N VAL C 212 -37.75 22.33 17.01
CA VAL C 212 -39.09 21.72 17.04
C VAL C 212 -39.11 20.51 17.98
N GLU C 213 -40.29 19.99 18.30
CA GLU C 213 -40.40 18.81 19.17
C GLU C 213 -40.08 17.53 18.40
N ASN C 214 -39.72 16.49 19.16
CA ASN C 214 -39.52 15.16 18.62
C ASN C 214 -40.82 14.73 18.00
N GLY C 215 -40.76 14.35 16.72
CA GLY C 215 -41.92 14.00 15.92
C GLY C 215 -42.48 15.09 15.03
N ASP C 216 -41.94 16.31 15.11
CA ASP C 216 -42.32 17.39 14.21
C ASP C 216 -41.64 17.30 12.85
N ILE C 217 -40.45 16.70 12.80
CA ILE C 217 -39.71 16.51 11.57
C ILE C 217 -40.05 15.13 11.00
N ASP C 218 -40.56 15.11 9.78
CA ASP C 218 -40.79 13.86 9.05
C ASP C 218 -39.44 13.11 9.02
N PRO C 219 -39.41 11.86 9.49
CA PRO C 219 -38.16 11.11 9.43
C PRO C 219 -37.55 11.04 8.01
N ASP C 220 -38.40 11.11 6.98
CA ASP C 220 -37.99 11.04 5.58
C ASP C 220 -37.31 12.32 5.07
N GLU C 221 -37.36 13.38 5.88
CA GLU C 221 -36.84 14.69 5.56
C GLU C 221 -35.60 15.03 6.40
N VAL C 222 -35.11 14.10 7.22
CA VAL C 222 -33.95 14.35 8.08
C VAL C 222 -32.67 14.29 7.24
N HIS C 223 -31.83 15.29 7.41
CA HIS C 223 -30.57 15.34 6.70
C HIS C 223 -29.41 14.77 7.55
N LEU C 224 -29.38 15.09 8.85
CA LEU C 224 -28.37 14.53 9.80
C LEU C 224 -29.13 13.83 10.90
N PRO C 225 -29.12 12.48 10.91
CA PRO C 225 -29.81 11.73 11.96
C PRO C 225 -29.26 12.08 13.34
N GLY C 226 -30.17 12.20 14.32
CA GLY C 226 -29.82 12.69 15.66
C GLY C 226 -28.74 11.96 16.44
N VAL C 227 -28.53 10.69 16.11
CA VAL C 227 -27.42 9.90 16.61
C VAL C 227 -26.11 10.68 16.61
N TYR C 228 -25.88 11.45 15.54
CA TYR C 228 -24.64 12.22 15.42
C TYR C 228 -24.51 13.42 16.33
N VAL C 229 -25.64 14.01 16.73
CA VAL C 229 -25.62 15.26 17.50
C VAL C 229 -25.64 14.97 19.01
N ASP C 230 -24.81 15.68 19.78
CA ASP C 230 -24.79 15.56 21.25
C ASP C 230 -25.55 16.70 21.93
N ARG C 231 -25.43 17.90 21.37
CA ARG C 231 -25.92 19.12 22.01
C ARG C 231 -26.57 19.98 20.98
N VAL C 232 -27.80 20.47 21.27
CA VAL C 232 -28.43 21.46 20.42
C VAL C 232 -28.72 22.77 21.18
N VAL C 233 -28.37 23.87 20.54
CA VAL C 233 -28.50 25.20 21.09
C VAL C 233 -29.36 26.01 20.11
N VAL C 234 -30.17 26.91 20.67
CA VAL C 234 -31.11 27.75 19.96
C VAL C 234 -30.67 29.19 20.22
N PRO C 235 -29.77 29.73 19.38
CA PRO C 235 -29.39 31.13 19.61
C PRO C 235 -30.52 32.08 19.28
N GLU C 236 -30.40 33.32 19.72
CA GLU C 236 -31.36 34.33 19.31
C GLU C 236 -31.12 34.56 17.80
N ARG C 237 -32.20 34.75 17.07
CA ARG C 237 -32.19 34.70 15.60
C ARG C 237 -31.34 35.83 15.05
N TYR C 238 -30.60 35.55 13.98
CA TYR C 238 -29.72 36.53 13.37
C TYR C 238 -29.62 36.32 11.85
N GLN C 239 -29.28 37.39 11.14
CA GLN C 239 -29.23 37.36 9.68
C GLN C 239 -27.87 36.84 9.27
N THR C 240 -27.86 35.74 8.51
CA THR C 240 -26.62 35.23 7.93
C THR C 240 -26.02 36.30 7.01
N LEU C 241 -24.76 36.65 7.26
CA LEU C 241 -24.02 37.63 6.47
C LEU C 241 -23.95 37.22 4.99
N ILE C 242 -24.39 38.10 4.10
CA ILE C 242 -24.33 37.86 2.66
C ILE C 242 -23.08 38.55 2.10
N GLU C 243 -22.11 37.76 1.62
CA GLU C 243 -20.85 38.31 1.11
C GLU C 243 -21.04 39.08 -0.17
N HIS C 244 -21.67 38.44 -1.16
CA HIS C 244 -21.96 39.06 -2.44
C HIS C 244 -23.47 39.04 -2.73
N ARG C 245 -24.04 40.23 -2.58
CA ARG C 245 -25.46 40.44 -2.66
C ARG C 245 -25.80 40.70 -4.12
N THR C 246 -25.81 39.62 -4.90
CA THR C 246 -25.96 39.67 -6.35
C THR C 246 -27.41 39.47 -6.73
N VAL C 247 -27.93 40.37 -7.55
CA VAL C 247 -29.35 40.38 -7.88
C VAL C 247 -29.53 40.64 -9.39
N THR C 248 -30.59 40.07 -9.97
CA THR C 248 -31.03 40.47 -11.32
C THR C 248 -32.16 41.53 -11.21
N ARG C 249 -32.00 42.65 -11.91
CA ARG C 249 -33.13 43.55 -12.23
C ARG C 249 -33.02 43.90 -13.70
N GLY C 264 -15.53 48.25 -22.39
CA GLY C 264 -14.55 47.71 -21.45
C GLY C 264 -13.43 46.96 -22.15
N GLU C 265 -13.34 45.65 -21.92
CA GLU C 265 -12.48 44.74 -22.70
C GLU C 265 -13.26 43.45 -22.89
N GLU C 266 -14.10 43.46 -23.93
CA GLU C 266 -15.08 42.41 -24.19
C GLU C 266 -14.61 41.37 -25.21
N VAL C 267 -13.30 41.06 -25.16
CA VAL C 267 -12.82 39.79 -25.69
C VAL C 267 -13.53 38.68 -24.89
N ARG C 268 -13.77 38.94 -23.60
CA ARG C 268 -14.48 37.99 -22.72
C ARG C 268 -15.76 37.45 -23.34
N GLN C 269 -16.55 38.33 -23.97
CA GLN C 269 -17.79 37.94 -24.64
C GLN C 269 -17.53 37.03 -25.84
N ARG C 270 -16.46 37.30 -26.57
CA ARG C 270 -16.08 36.45 -27.69
C ARG C 270 -15.66 35.06 -27.20
N ILE C 271 -14.85 34.99 -26.15
CA ILE C 271 -14.45 33.70 -25.54
C ILE C 271 -15.71 32.97 -25.06
N ALA C 272 -16.60 33.70 -24.38
CA ALA C 272 -17.84 33.13 -23.85
C ALA C 272 -18.75 32.61 -24.96
N ARG C 273 -18.83 33.35 -26.06
CA ARG C 273 -19.67 32.94 -27.20
C ARG C 273 -19.17 31.67 -27.89
N ARG C 274 -17.86 31.44 -27.93
CA ARG C 274 -17.34 30.17 -28.47
C ARG C 274 -17.54 29.05 -27.45
N ALA C 275 -17.22 29.32 -26.18
CA ALA C 275 -17.41 28.34 -25.09
C ALA C 275 -18.84 27.82 -25.04
N ALA C 276 -19.81 28.70 -25.33
CA ALA C 276 -21.22 28.33 -25.42
C ALA C 276 -21.53 27.20 -26.43
N LEU C 277 -20.71 27.03 -27.47
CA LEU C 277 -20.91 25.91 -28.40
C LEU C 277 -20.49 24.54 -27.84
N GLU C 278 -19.83 24.53 -26.69
CA GLU C 278 -19.42 23.29 -26.03
C GLU C 278 -20.59 22.58 -25.37
N PHE C 279 -21.64 23.31 -25.00
CA PHE C 279 -22.78 22.70 -24.33
C PHE C 279 -23.58 21.86 -25.33
N ALA C 280 -24.06 20.71 -24.84
CA ALA C 280 -24.98 19.86 -25.59
C ALA C 280 -26.20 19.57 -24.71
N ASN C 281 -27.31 19.23 -25.36
CA ASN C 281 -28.59 19.02 -24.69
C ASN C 281 -28.48 17.88 -23.68
N GLY C 282 -29.04 18.09 -22.49
CA GLY C 282 -28.96 17.11 -21.40
C GLY C 282 -27.70 17.09 -20.53
N MET C 283 -26.75 17.98 -20.79
CA MET C 283 -25.50 18.01 -20.01
C MET C 283 -25.70 18.52 -18.59
N TYR C 284 -25.01 17.89 -17.64
CA TYR C 284 -24.75 18.48 -16.32
C TYR C 284 -23.35 19.10 -16.32
N VAL C 285 -23.27 20.35 -15.84
CA VAL C 285 -22.06 21.16 -16.05
C VAL C 285 -21.63 21.89 -14.78
N ASN C 286 -20.32 21.97 -14.56
CA ASN C 286 -19.81 22.87 -13.55
C ASN C 286 -19.00 23.96 -14.22
N LEU C 287 -19.36 25.20 -13.87
CA LEU C 287 -18.83 26.39 -14.53
C LEU C 287 -18.15 27.29 -13.51
N GLY C 288 -16.87 27.57 -13.72
CA GLY C 288 -16.10 28.45 -12.83
C GLY C 288 -16.53 29.90 -12.91
N ILE C 289 -16.04 30.68 -11.97
CA ILE C 289 -16.27 32.15 -11.92
C ILE C 289 -15.71 32.80 -13.21
N GLY C 290 -16.46 33.75 -13.78
CA GLY C 290 -15.99 34.52 -14.94
C GLY C 290 -16.52 34.04 -16.29
N ILE C 291 -15.60 33.75 -17.23
CA ILE C 291 -15.95 33.43 -18.61
C ILE C 291 -16.82 32.16 -18.72
N PRO C 292 -16.54 31.13 -17.90
CA PRO C 292 -17.39 29.93 -18.00
C PRO C 292 -18.86 30.20 -17.68
N THR C 293 -19.12 30.93 -16.60
CA THR C 293 -20.50 31.25 -16.20
C THR C 293 -21.16 32.15 -17.23
N GLU C 294 -20.44 33.17 -17.68
CA GLU C 294 -20.89 34.11 -18.72
C GLU C 294 -21.38 33.37 -19.97
N SER C 295 -20.65 32.33 -20.36
CA SER C 295 -20.99 31.51 -21.53
C SER C 295 -22.38 30.87 -21.47
N SER C 296 -22.88 30.60 -20.27
CA SER C 296 -24.23 30.05 -20.07
C SER C 296 -25.33 30.97 -20.57
N ASN C 297 -25.06 32.28 -20.60
CA ASN C 297 -25.99 33.28 -21.16
C ASN C 297 -26.19 33.19 -22.67
N TYR C 298 -25.27 32.51 -23.37
CA TYR C 298 -25.32 32.38 -24.83
C TYR C 298 -25.66 30.96 -25.30
N ILE C 299 -26.24 30.13 -24.42
CA ILE C 299 -26.61 28.76 -24.80
C ILE C 299 -27.84 28.84 -25.72
N PRO C 300 -27.75 28.29 -26.96
CA PRO C 300 -28.87 28.33 -27.90
C PRO C 300 -30.14 27.67 -27.39
N ALA C 301 -31.28 28.03 -27.99
CA ALA C 301 -32.55 27.38 -27.69
C ALA C 301 -32.48 25.94 -28.21
N GLY C 302 -33.04 25.01 -27.45
CA GLY C 302 -32.92 23.57 -27.73
C GLY C 302 -31.66 22.91 -27.18
N VAL C 303 -30.91 23.64 -26.33
CA VAL C 303 -29.83 23.05 -25.52
C VAL C 303 -30.12 23.34 -24.04
N ASN C 304 -30.49 22.30 -23.32
CA ASN C 304 -30.92 22.38 -21.93
C ASN C 304 -29.86 21.69 -21.11
N VAL C 305 -29.14 22.50 -20.33
CA VAL C 305 -28.10 22.01 -19.45
C VAL C 305 -28.43 22.42 -18.02
N VAL C 306 -28.00 21.59 -17.07
CA VAL C 306 -28.24 21.79 -15.64
C VAL C 306 -26.88 22.21 -15.02
N LEU C 307 -26.84 23.34 -14.32
CA LEU C 307 -25.60 23.80 -13.69
C LEU C 307 -25.46 23.24 -12.28
N GLN C 308 -24.26 22.77 -11.95
CA GLN C 308 -23.93 22.29 -10.61
C GLN C 308 -23.08 23.30 -9.89
N SER C 309 -23.34 23.46 -8.58
CA SER C 309 -22.53 24.31 -7.70
C SER C 309 -21.89 23.41 -6.66
N GLU C 310 -20.58 23.57 -6.47
CA GLU C 310 -19.81 22.61 -5.67
C GLU C 310 -20.19 22.59 -4.21
N ASN C 311 -20.77 23.69 -3.73
CA ASN C 311 -21.31 23.76 -2.37
C ASN C 311 -22.68 23.12 -2.20
N GLY C 312 -23.18 22.39 -3.22
CA GLY C 312 -24.25 21.42 -3.05
C GLY C 312 -25.59 21.55 -3.79
N LEU C 313 -25.58 22.12 -4.99
CA LEU C 313 -26.77 22.28 -5.83
C LEU C 313 -26.56 21.73 -7.22
N ILE C 314 -27.60 21.11 -7.80
CA ILE C 314 -27.79 21.07 -9.26
C ILE C 314 -29.11 21.77 -9.56
N GLY C 315 -29.15 22.47 -10.70
CA GLY C 315 -30.28 23.27 -11.15
C GLY C 315 -30.08 24.77 -10.90
N MET C 316 -28.81 25.20 -10.86
CA MET C 316 -28.49 26.54 -10.42
C MET C 316 -28.90 27.52 -11.51
N GLY C 317 -29.59 28.58 -11.08
CA GLY C 317 -30.10 29.58 -12.01
C GLY C 317 -29.27 30.86 -11.95
N PRO C 318 -29.74 31.91 -12.66
CA PRO C 318 -29.08 33.22 -12.58
C PRO C 318 -29.29 33.88 -11.22
N PHE C 319 -28.78 35.10 -11.04
CA PHE C 319 -28.93 35.78 -9.76
C PHE C 319 -30.41 35.92 -9.44
N PRO C 320 -30.76 35.90 -8.14
CA PRO C 320 -32.17 36.04 -7.80
C PRO C 320 -32.65 37.45 -8.09
N THR C 321 -33.95 37.55 -8.37
CA THR C 321 -34.68 38.79 -8.28
C THR C 321 -34.73 39.22 -6.79
N GLU C 322 -34.90 40.52 -6.53
CA GLU C 322 -34.87 41.09 -5.16
C GLU C 322 -35.57 40.21 -4.12
N ASP C 323 -36.82 39.89 -4.40
CA ASP C 323 -37.64 39.04 -3.53
C ASP C 323 -37.06 37.67 -3.17
N LYS C 324 -36.25 37.07 -4.06
CA LYS C 324 -35.74 35.70 -3.87
C LYS C 324 -34.34 35.66 -3.23
N VAL C 325 -33.76 36.82 -2.91
CA VAL C 325 -32.38 36.87 -2.38
C VAL C 325 -32.34 36.19 -1.01
N ASP C 326 -31.49 35.18 -0.89
CA ASP C 326 -31.51 34.28 0.26
C ASP C 326 -30.08 33.84 0.57
N ALA C 327 -29.61 34.18 1.77
CA ALA C 327 -28.29 33.82 2.28
C ALA C 327 -27.96 32.31 2.25
N ASP C 328 -28.98 31.49 2.40
CA ASP C 328 -28.83 30.03 2.27
C ASP C 328 -28.63 29.49 0.83
N TRP C 329 -28.79 30.34 -0.18
CA TRP C 329 -28.71 29.97 -1.59
C TRP C 329 -27.65 30.81 -2.30
N ILE C 330 -26.40 30.34 -2.23
CA ILE C 330 -25.27 31.01 -2.92
C ILE C 330 -24.50 30.00 -3.76
N ASN C 331 -23.71 30.52 -4.69
CA ASN C 331 -22.85 29.71 -5.56
C ASN C 331 -21.46 29.60 -4.96
N ALA C 332 -20.53 28.95 -5.68
CA ALA C 332 -19.16 28.74 -5.22
C ALA C 332 -18.39 30.05 -4.92
N GLY C 333 -18.71 31.13 -5.64
CA GLY C 333 -18.12 32.44 -5.39
C GLY C 333 -18.84 33.28 -4.32
N LYS C 334 -19.66 32.61 -3.51
CA LYS C 334 -20.39 33.24 -2.41
C LYS C 334 -21.38 34.31 -2.90
N GLN C 335 -21.92 34.14 -4.11
CA GLN C 335 -22.85 35.12 -4.69
C GLN C 335 -24.24 34.57 -4.53
N THR C 336 -25.20 35.43 -4.23
CA THR C 336 -26.60 35.01 -4.08
C THR C 336 -27.14 34.47 -5.41
N ILE C 337 -27.87 33.36 -5.35
CA ILE C 337 -28.24 32.59 -6.54
C ILE C 337 -29.72 32.13 -6.50
N SER C 338 -30.33 31.93 -7.67
CA SER C 338 -31.65 31.32 -7.78
C SER C 338 -31.50 29.81 -8.04
N HIS C 339 -32.62 29.11 -8.11
CA HIS C 339 -32.66 27.73 -8.60
C HIS C 339 -33.86 27.52 -9.50
N LEU C 340 -33.70 26.56 -10.41
CA LEU C 340 -34.67 26.28 -11.45
C LEU C 340 -35.46 25.02 -11.13
N ALA C 341 -36.51 24.81 -11.92
CA ALA C 341 -37.35 23.61 -11.83
C ALA C 341 -36.50 22.34 -11.90
N GLY C 342 -36.73 21.42 -10.97
CA GLY C 342 -36.01 20.15 -10.90
C GLY C 342 -34.65 20.22 -10.22
N SER C 343 -34.40 21.29 -9.46
CA SER C 343 -33.14 21.41 -8.73
C SER C 343 -33.11 20.41 -7.56
N ALA C 344 -31.91 20.25 -7.00
CA ALA C 344 -31.70 19.29 -5.93
C ALA C 344 -30.49 19.66 -5.10
N LEU C 345 -30.67 19.60 -3.78
CA LEU C 345 -29.58 19.95 -2.85
C LEU C 345 -28.97 18.70 -2.28
N PHE C 346 -27.66 18.75 -2.01
CA PHE C 346 -26.90 17.68 -1.42
C PHE C 346 -25.78 18.28 -0.55
N ASP C 347 -25.16 17.45 0.28
CA ASP C 347 -24.06 17.92 1.14
C ASP C 347 -22.74 17.91 0.38
N SER C 348 -21.70 18.42 1.03
CA SER C 348 -20.38 18.57 0.40
C SER C 348 -19.68 17.26 0.07
N ALA C 349 -19.94 16.21 0.86
CA ALA C 349 -19.37 14.92 0.55
C ALA C 349 -20.00 14.36 -0.72
N THR C 350 -21.34 14.37 -0.78
CA THR C 350 -22.05 13.95 -1.96
C THR C 350 -21.64 14.82 -3.15
N SER C 351 -21.54 16.13 -2.96
CA SER C 351 -21.13 17.01 -4.07
C SER C 351 -19.76 16.63 -4.66
N PHE C 352 -18.77 16.33 -3.82
CA PHE C 352 -17.49 15.93 -4.40
C PHE C 352 -17.43 14.47 -4.86
N ALA C 353 -18.31 13.63 -4.33
CA ALA C 353 -18.48 12.28 -4.89
C ALA C 353 -19.00 12.41 -6.31
N MET C 354 -20.01 13.26 -6.46
CA MET C 354 -20.56 13.64 -7.74
C MET C 354 -19.47 14.08 -8.72
N ILE C 355 -18.62 15.00 -8.29
CA ILE C 355 -17.57 15.59 -9.14
C ILE C 355 -16.39 14.61 -9.39
N ARG C 356 -15.81 14.11 -8.30
CA ARG C 356 -14.71 13.12 -8.35
C ARG C 356 -15.10 11.90 -9.18
N GLY C 357 -16.36 11.51 -9.07
CA GLY C 357 -16.87 10.33 -9.78
C GLY C 357 -17.15 10.58 -11.24
N GLY C 358 -16.88 11.80 -11.71
CA GLY C 358 -17.00 12.14 -13.11
C GLY C 358 -18.45 12.27 -13.55
N HIS C 359 -19.34 12.70 -12.66
CA HIS C 359 -20.74 12.80 -13.05
C HIS C 359 -21.08 14.08 -13.82
N MET C 360 -20.15 15.05 -13.87
CA MET C 360 -20.25 16.18 -14.80
C MET C 360 -19.85 15.77 -16.20
N ASP C 361 -20.60 16.27 -17.18
CA ASP C 361 -20.32 16.06 -18.61
C ASP C 361 -19.32 17.08 -19.16
N LEU C 362 -19.32 18.28 -18.57
CA LEU C 362 -18.43 19.38 -18.93
C LEU C 362 -18.01 20.16 -17.69
N THR C 363 -16.70 20.33 -17.53
CA THR C 363 -16.20 21.26 -16.52
C THR C 363 -15.39 22.38 -17.24
N MET C 364 -15.79 23.62 -16.99
CA MET C 364 -15.25 24.79 -17.67
C MET C 364 -14.68 25.73 -16.63
N LEU C 365 -13.38 26.00 -16.76
CA LEU C 365 -12.56 26.66 -15.74
C LEU C 365 -11.71 27.71 -16.40
N GLY C 366 -11.33 28.73 -15.64
CA GLY C 366 -10.29 29.67 -16.04
C GLY C 366 -8.92 29.05 -15.80
N ALA C 367 -7.87 29.73 -16.25
CA ALA C 367 -6.50 29.30 -16.00
C ALA C 367 -5.57 30.49 -16.01
N LEU C 368 -4.56 30.46 -15.15
CA LEU C 368 -3.47 31.44 -15.19
C LEU C 368 -2.41 30.96 -16.18
N GLU C 369 -2.27 29.66 -16.31
CA GLU C 369 -1.36 29.06 -17.28
C GLU C 369 -1.85 27.64 -17.55
N VAL C 370 -1.79 27.21 -18.81
CA VAL C 370 -2.24 25.87 -19.21
C VAL C 370 -1.24 25.30 -20.20
N ALA C 371 -0.91 24.02 -20.05
CA ALA C 371 0.22 23.44 -20.75
C ALA C 371 -0.24 22.51 -21.85
N ALA C 372 0.64 22.32 -22.84
CA ALA C 372 0.41 21.44 -23.99
C ALA C 372 0.08 19.99 -23.61
N ASN C 373 0.66 19.51 -22.50
CA ASN C 373 0.31 18.21 -21.93
C ASN C 373 -1.04 18.13 -21.18
N GLY C 374 -1.71 19.28 -21.01
CA GLY C 374 -3.01 19.35 -20.39
C GLY C 374 -2.97 19.67 -18.90
N ASP C 375 -1.77 19.88 -18.35
CA ASP C 375 -1.63 20.44 -17.01
C ASP C 375 -2.19 21.86 -16.99
N LEU C 376 -2.62 22.31 -15.82
CA LEU C 376 -3.00 23.71 -15.69
C LEU C 376 -2.67 24.23 -14.30
N ALA C 377 -2.44 25.53 -14.23
CA ALA C 377 -2.17 26.22 -13.01
C ALA C 377 -3.15 27.37 -12.88
N ASN C 378 -3.93 27.33 -11.81
CA ASN C 378 -4.47 28.54 -11.20
C ASN C 378 -3.94 28.48 -9.77
N PHE C 379 -4.47 27.50 -9.03
CA PHE C 379 -4.15 27.23 -7.61
C PHE C 379 -3.48 28.36 -6.83
N MET C 380 -2.19 28.59 -7.05
CA MET C 380 -1.47 29.62 -6.30
C MET C 380 -0.28 30.21 -7.04
N ILE C 381 0.38 31.15 -6.37
CA ILE C 381 1.67 31.69 -6.78
C ILE C 381 2.49 31.82 -5.48
N PRO C 382 3.57 31.02 -5.30
CA PRO C 382 4.17 30.88 -3.96
C PRO C 382 4.99 32.08 -3.46
N GLY C 383 4.79 32.45 -2.19
CA GLY C 383 5.38 33.66 -1.59
C GLY C 383 4.67 34.95 -1.97
N LYS C 384 3.46 34.82 -2.53
CA LYS C 384 2.76 35.92 -3.22
C LYS C 384 1.26 35.94 -2.82
N LEU C 385 0.35 36.21 -3.77
CA LEU C 385 -1.09 36.11 -3.53
C LEU C 385 -1.50 34.63 -3.47
N VAL C 386 -1.73 34.11 -2.26
CA VAL C 386 -2.00 32.67 -2.03
C VAL C 386 -3.34 32.46 -1.33
N LYS C 387 -4.28 31.81 -2.03
CA LYS C 387 -5.67 31.64 -1.59
C LYS C 387 -5.99 30.21 -1.12
N GLY C 388 -5.61 29.21 -1.92
CA GLY C 388 -5.90 27.78 -1.63
C GLY C 388 -6.48 27.04 -2.83
N PRO C 389 -6.55 25.69 -2.77
CA PRO C 389 -7.07 24.93 -3.93
C PRO C 389 -8.58 25.06 -4.16
N GLY C 390 -9.34 25.36 -3.12
CA GLY C 390 -10.81 25.37 -3.21
C GLY C 390 -11.27 23.99 -3.65
N GLY C 391 -12.23 23.99 -4.57
CA GLY C 391 -12.64 22.78 -5.27
C GLY C 391 -12.05 22.62 -6.66
N ALA C 392 -11.13 23.50 -7.05
CA ALA C 392 -10.52 23.45 -8.38
C ALA C 392 -9.78 22.11 -8.69
N MET C 393 -9.10 21.56 -7.68
CA MET C 393 -8.29 20.34 -7.89
C MET C 393 -9.16 19.12 -8.10
N ASP C 394 -10.27 19.06 -7.36
CA ASP C 394 -11.28 18.00 -7.54
C ASP C 394 -11.98 18.15 -8.89
N LEU C 395 -12.39 19.39 -9.21
CA LEU C 395 -13.04 19.64 -10.51
C LEU C 395 -12.21 19.15 -11.72
N VAL C 396 -10.93 19.47 -11.75
CA VAL C 396 -10.09 19.12 -12.89
C VAL C 396 -9.67 17.65 -12.95
N SER C 397 -9.60 16.98 -11.80
CA SER C 397 -9.26 15.56 -11.74
C SER C 397 -10.49 14.64 -11.81
N CYS C 398 -11.65 15.20 -12.14
CA CYS C 398 -12.91 14.45 -12.29
C CYS C 398 -12.84 13.27 -13.27
N GLY C 399 -11.88 13.31 -14.21
CA GLY C 399 -11.80 12.36 -15.31
C GLY C 399 -12.72 12.73 -16.45
N THR C 400 -13.49 13.79 -16.26
CA THR C 400 -14.52 14.21 -17.17
C THR C 400 -13.92 15.26 -18.10
N ARG C 401 -14.62 15.55 -19.19
CA ARG C 401 -14.24 16.60 -20.12
C ARG C 401 -14.05 17.98 -19.43
N VAL C 402 -12.82 18.48 -19.45
CA VAL C 402 -12.46 19.80 -18.90
C VAL C 402 -12.09 20.79 -20.02
N VAL C 403 -12.82 21.89 -20.11
CA VAL C 403 -12.51 22.95 -21.08
C VAL C 403 -12.02 24.19 -20.33
N VAL C 404 -10.91 24.76 -20.79
CA VAL C 404 -10.37 25.97 -20.18
C VAL C 404 -10.74 27.09 -21.11
N THR C 405 -11.30 28.15 -20.52
CA THR C 405 -11.63 29.38 -21.23
C THR C 405 -10.80 30.50 -20.62
N THR C 406 -9.90 31.06 -21.42
CA THR C 406 -9.01 32.06 -20.86
C THR C 406 -8.49 32.96 -21.97
N THR C 407 -8.13 34.18 -21.62
CA THR C 407 -7.52 35.06 -22.60
C THR C 407 -6.20 34.41 -22.97
N HIS C 408 -5.79 34.65 -24.20
CA HIS C 408 -4.71 33.93 -24.81
C HIS C 408 -3.38 34.31 -24.19
N CYS C 409 -3.20 35.58 -23.87
CA CYS C 409 -1.94 36.06 -23.30
C CYS C 409 -2.18 36.86 -22.05
N ASN C 410 -1.12 36.98 -21.26
CA ASN C 410 -1.08 37.97 -20.18
C ASN C 410 -1.05 39.39 -20.76
N LYS C 411 -1.47 40.39 -19.97
CA LYS C 411 -1.56 41.76 -20.46
C LYS C 411 -0.19 42.33 -20.88
N ASN C 412 0.88 41.85 -20.25
CA ASN C 412 2.25 42.18 -20.65
C ASN C 412 2.86 41.37 -21.85
N GLY C 413 2.07 40.57 -22.55
CA GLY C 413 2.55 39.82 -23.72
C GLY C 413 2.89 38.35 -23.51
N ASP C 414 3.36 37.98 -22.31
CA ASP C 414 3.70 36.59 -22.00
C ASP C 414 2.58 35.62 -22.31
N PRO C 415 2.91 34.50 -22.99
CA PRO C 415 1.87 33.54 -23.29
C PRO C 415 1.34 32.85 -22.04
N LYS C 416 0.05 32.53 -22.06
CA LYS C 416 -0.54 31.70 -21.01
C LYS C 416 -0.60 30.24 -21.45
N ILE C 417 -0.32 29.96 -22.74
CA ILE C 417 -0.31 28.60 -23.25
C ILE C 417 1.15 28.24 -23.45
N VAL C 418 1.62 27.27 -22.68
CA VAL C 418 3.04 26.93 -22.57
C VAL C 418 3.25 25.45 -22.85
N GLU C 419 4.51 25.10 -23.02
CA GLU C 419 4.92 23.71 -23.10
C GLU C 419 4.62 23.01 -21.76
N ARG C 420 5.12 23.58 -20.69
CA ARG C 420 4.95 23.00 -19.37
C ARG C 420 4.83 24.13 -18.37
N CYS C 421 4.08 23.90 -17.28
CA CYS C 421 3.73 24.95 -16.34
C CYS C 421 4.92 25.39 -15.45
N ARG C 422 5.18 26.68 -15.42
CA ARG C 422 6.09 27.30 -14.47
C ARG C 422 5.35 27.48 -13.14
N LEU C 423 4.08 27.87 -13.23
CA LEU C 423 3.27 28.15 -12.05
C LEU C 423 2.82 26.80 -11.46
N PRO C 424 2.54 26.76 -10.16
CA PRO C 424 2.17 25.47 -9.55
C PRO C 424 0.86 24.87 -10.08
N VAL C 425 0.91 23.57 -10.32
CA VAL C 425 -0.11 22.83 -11.03
C VAL C 425 -1.37 22.63 -10.16
N THR C 426 -2.54 22.84 -10.75
CA THR C 426 -3.85 22.55 -10.15
C THR C 426 -4.24 21.09 -10.40
N GLY C 427 -3.99 20.61 -11.61
CA GLY C 427 -4.19 19.21 -11.96
C GLY C 427 -3.24 18.87 -13.08
N LYS C 428 -3.00 17.57 -13.23
CA LYS C 428 -2.04 17.01 -14.18
C LYS C 428 -2.80 16.29 -15.31
N HIS C 429 -2.49 16.62 -16.57
CA HIS C 429 -3.03 15.90 -17.75
C HIS C 429 -4.57 15.81 -17.79
N CYS C 430 -5.24 16.93 -17.50
CA CYS C 430 -6.69 16.96 -17.33
C CYS C 430 -7.46 17.90 -18.27
N VAL C 431 -6.80 18.89 -18.86
CA VAL C 431 -7.46 19.79 -19.81
C VAL C 431 -7.58 19.14 -21.20
N CYS C 432 -8.80 19.13 -21.75
CA CYS C 432 -9.10 18.53 -23.06
C CYS C 432 -9.06 19.52 -24.23
N ARG C 433 -9.38 20.77 -23.90
CA ARG C 433 -9.68 21.80 -24.89
C ARG C 433 -9.39 23.16 -24.25
N ILE C 434 -8.79 24.06 -25.03
CA ILE C 434 -8.47 25.41 -24.57
C ILE C 434 -9.14 26.35 -25.53
N ILE C 435 -9.99 27.22 -24.99
CA ILE C 435 -10.68 28.23 -25.80
C ILE C 435 -10.18 29.61 -25.37
N THR C 436 -9.69 30.34 -26.36
CA THR C 436 -9.26 31.72 -26.19
C THR C 436 -9.98 32.58 -27.21
N GLU C 437 -9.71 33.89 -27.16
CA GLU C 437 -10.24 34.83 -28.13
C GLU C 437 -9.62 34.60 -29.53
N TYR C 438 -8.40 34.05 -29.58
CA TYR C 438 -7.71 33.77 -30.85
C TYR C 438 -7.92 32.37 -31.40
N ALA C 439 -8.07 31.39 -30.52
CA ALA C 439 -7.94 29.99 -30.95
C ALA C 439 -8.73 29.02 -30.09
N VAL C 440 -8.82 27.81 -30.61
CA VAL C 440 -9.34 26.65 -29.92
C VAL C 440 -8.29 25.56 -30.19
N PHE C 441 -7.68 25.06 -29.10
CA PHE C 441 -6.72 23.97 -29.12
C PHE C 441 -7.34 22.76 -28.47
N ASP C 442 -7.13 21.58 -29.06
CA ASP C 442 -7.33 20.31 -28.36
C ASP C 442 -5.99 19.80 -27.80
N VAL C 443 -6.03 19.17 -26.64
CA VAL C 443 -4.88 18.46 -26.10
C VAL C 443 -5.10 17.02 -26.54
N VAL C 444 -4.28 16.58 -27.50
CA VAL C 444 -4.40 15.24 -28.08
C VAL C 444 -3.06 14.52 -27.82
N ASP C 445 -3.08 13.45 -27.03
CA ASP C 445 -1.89 12.66 -26.67
C ASP C 445 -0.76 13.48 -26.05
N GLY C 446 -1.11 14.37 -25.13
CA GLY C 446 -0.14 15.21 -24.42
C GLY C 446 0.53 16.28 -25.26
N ARG C 447 -0.10 16.65 -26.37
CA ARG C 447 0.41 17.69 -27.25
C ARG C 447 -0.77 18.45 -27.90
N LEU C 448 -0.49 19.63 -28.44
CA LEU C 448 -1.50 20.61 -28.83
C LEU C 448 -1.85 20.52 -30.31
N VAL C 449 -3.14 20.57 -30.65
CA VAL C 449 -3.58 20.63 -32.04
C VAL C 449 -4.49 21.84 -32.21
N LEU C 450 -4.10 22.77 -33.09
CA LEU C 450 -4.88 23.95 -33.33
C LEU C 450 -6.11 23.53 -34.12
N LYS C 451 -7.28 23.71 -33.51
CA LYS C 451 -8.52 23.21 -34.07
C LYS C 451 -9.24 24.33 -34.82
N GLU C 452 -9.31 25.51 -34.20
CA GLU C 452 -9.98 26.69 -34.78
C GLU C 452 -9.17 27.97 -34.59
N ILE C 453 -9.31 28.92 -35.50
CA ILE C 453 -8.79 30.29 -35.31
C ILE C 453 -9.88 31.31 -35.59
N ALA C 454 -9.80 32.46 -34.92
CA ALA C 454 -10.84 33.48 -35.03
C ALA C 454 -10.84 34.08 -36.45
N GLU C 455 -12.04 34.39 -36.94
CA GLU C 455 -12.24 35.09 -38.21
C GLU C 455 -11.20 36.20 -38.31
N ASP C 456 -10.25 35.97 -39.20
CA ASP C 456 -9.16 36.88 -39.44
C ASP C 456 -8.36 37.25 -38.17
N THR C 457 -7.81 36.19 -37.59
CA THR C 457 -6.43 36.18 -37.16
C THR C 457 -5.78 35.32 -38.24
N THR C 458 -4.55 34.88 -38.00
CA THR C 458 -3.88 33.89 -38.84
C THR C 458 -3.31 32.81 -37.95
N VAL C 459 -3.02 31.67 -38.55
CA VAL C 459 -2.20 30.67 -37.90
C VAL C 459 -0.86 31.33 -37.46
N ASP C 460 -0.29 32.16 -38.33
CA ASP C 460 1.00 32.79 -38.03
C ASP C 460 1.03 33.64 -36.76
N GLN C 461 -0.03 34.40 -36.46
CA GLN C 461 -0.03 35.21 -35.24
C GLN C 461 -0.26 34.35 -34.00
N VAL C 462 -1.16 33.38 -34.10
CA VAL C 462 -1.35 32.43 -32.98
C VAL C 462 -0.07 31.62 -32.70
N LYS C 463 0.70 31.25 -33.71
CA LYS C 463 2.08 30.76 -33.47
C LYS C 463 2.86 31.68 -32.51
N LYS C 464 2.83 32.98 -32.81
CA LYS C 464 3.61 33.97 -32.06
C LYS C 464 3.05 34.25 -30.67
N LEU C 465 1.75 34.14 -30.50
CA LEU C 465 1.11 34.39 -29.20
C LEU C 465 1.07 33.19 -28.24
N THR C 466 1.37 31.98 -28.71
CA THR C 466 1.39 30.80 -27.83
C THR C 466 2.83 30.31 -27.65
N GLY C 467 3.15 29.91 -26.43
CA GLY C 467 4.50 29.46 -26.06
C GLY C 467 4.79 27.98 -26.30
N VAL C 468 4.15 27.36 -27.28
CA VAL C 468 4.51 26.02 -27.73
C VAL C 468 4.13 25.82 -29.16
N GLY C 469 4.76 24.80 -29.75
CA GLY C 469 4.37 24.33 -31.06
C GLY C 469 3.01 23.67 -30.99
N PHE C 470 2.45 23.41 -32.15
CA PHE C 470 1.19 22.70 -32.25
C PHE C 470 0.98 22.23 -33.69
N ASP C 471 0.13 21.21 -33.87
CA ASP C 471 -0.26 20.81 -35.21
C ASP C 471 -1.36 21.71 -35.74
N ALA C 472 -1.22 22.10 -37.01
CA ALA C 472 -2.15 23.00 -37.71
C ALA C 472 -2.49 22.49 -39.12
N ASP C 473 -2.63 21.17 -39.25
CA ASP C 473 -2.91 20.54 -40.56
C ASP C 473 -4.40 20.51 -40.92
N ASN C 474 -5.29 20.98 -40.03
CA ASN C 474 -6.72 21.08 -40.34
C ASN C 474 -7.45 22.13 -39.47
N VAL C 475 -7.20 23.41 -39.77
CA VAL C 475 -7.80 24.51 -39.00
C VAL C 475 -9.06 25.02 -39.70
N ILE C 476 -10.11 25.28 -38.91
CA ILE C 476 -11.31 25.96 -39.43
C ILE C 476 -11.41 27.31 -38.76
N THR C 477 -12.34 28.13 -39.27
CA THR C 477 -12.71 29.39 -38.63
C THR C 477 -13.54 29.10 -37.37
N MET C 478 -13.29 29.86 -36.30
CA MET C 478 -13.99 29.68 -35.03
C MET C 478 -15.40 30.24 -35.19
N PRO C 479 -16.45 29.42 -34.96
CA PRO C 479 -17.82 29.95 -34.94
C PRO C 479 -18.20 30.47 -33.57
N LEU C 480 -19.25 31.28 -33.51
CA LEU C 480 -19.73 31.89 -32.27
C LEU C 480 -21.24 31.67 -32.18
N ALA C 481 -21.76 31.48 -30.98
CA ALA C 481 -23.22 31.46 -30.75
C ALA C 481 -23.75 32.90 -30.86
N PRO C 482 -24.98 33.09 -31.36
CA PRO C 482 -25.59 34.44 -31.39
C PRO C 482 -25.91 35.03 -30.00
N LEU C 483 -26.46 36.26 -29.99
CA LEU C 483 -26.93 36.99 -28.76
C LEU C 483 -26.89 36.20 -27.43
N GLY D 2 -37.44 21.56 -17.85
CA GLY D 2 -36.10 20.90 -17.99
C GLY D 2 -36.11 19.47 -18.55
N LEU D 3 -35.12 18.67 -18.15
CA LEU D 3 -34.92 17.30 -18.68
C LEU D 3 -36.11 16.36 -18.51
N ASP D 4 -36.37 15.57 -19.55
CA ASP D 4 -37.38 14.51 -19.53
C ASP D 4 -36.68 13.18 -19.87
N LYS D 5 -36.50 12.35 -18.85
CA LYS D 5 -35.82 11.07 -18.96
C LYS D 5 -36.81 9.90 -18.90
N VAL D 6 -38.10 10.20 -19.01
CA VAL D 6 -39.14 9.18 -18.81
C VAL D 6 -39.25 8.27 -20.04
N MET D 7 -39.51 7.00 -19.78
CA MET D 7 -39.32 5.98 -20.76
C MET D 7 -40.16 4.73 -20.45
N SER D 8 -40.52 3.98 -21.49
CA SER D 8 -41.22 2.73 -21.28
C SER D 8 -40.29 1.73 -20.58
N LEU D 9 -40.92 0.71 -19.98
CA LEU D 9 -40.21 -0.37 -19.30
C LEU D 9 -39.28 -1.13 -20.25
N SER D 10 -39.84 -1.54 -21.39
CA SER D 10 -39.11 -2.28 -22.42
C SER D 10 -37.92 -1.50 -22.97
N SER D 11 -38.15 -0.24 -23.33
CA SER D 11 -37.06 0.60 -23.86
C SER D 11 -35.94 0.87 -22.83
N ALA D 12 -36.32 1.08 -21.58
CA ALA D 12 -35.34 1.39 -20.54
C ALA D 12 -34.31 0.26 -20.36
N VAL D 13 -34.78 -0.97 -20.54
CA VAL D 13 -34.04 -2.21 -20.26
C VAL D 13 -33.52 -2.92 -21.53
N GLN D 14 -33.96 -2.50 -22.73
CA GLN D 14 -33.59 -3.19 -23.97
C GLN D 14 -32.09 -3.22 -24.29
N ASP D 15 -31.34 -2.26 -23.74
CA ASP D 15 -29.89 -2.16 -23.96
C ASP D 15 -29.05 -3.06 -23.07
N ILE D 16 -29.68 -3.76 -22.10
CA ILE D 16 -28.97 -4.71 -21.25
C ILE D 16 -28.63 -5.96 -22.07
N LYS D 17 -27.33 -6.21 -22.25
CA LYS D 17 -26.87 -7.37 -23.00
C LYS D 17 -26.43 -8.51 -22.10
N ASN D 18 -26.40 -9.70 -22.71
CA ASN D 18 -25.78 -10.88 -22.15
C ASN D 18 -24.45 -10.53 -21.47
N GLY D 19 -24.26 -11.00 -20.24
CA GLY D 19 -23.00 -10.74 -19.51
C GLY D 19 -22.95 -9.44 -18.71
N ALA D 20 -23.99 -8.61 -18.82
CA ALA D 20 -24.00 -7.30 -18.17
C ALA D 20 -23.86 -7.40 -16.65
N THR D 21 -23.20 -6.41 -16.07
CA THR D 21 -23.18 -6.24 -14.63
C THR D 21 -24.29 -5.26 -14.23
N LEU D 22 -25.04 -5.63 -13.21
CA LEU D 22 -26.11 -4.81 -12.64
C LEU D 22 -25.86 -4.63 -11.15
N ALA D 23 -25.99 -3.40 -10.67
CA ALA D 23 -26.15 -3.12 -9.25
C ALA D 23 -27.65 -2.85 -9.07
N VAL D 24 -28.26 -3.51 -8.09
CA VAL D 24 -29.71 -3.52 -7.94
C VAL D 24 -30.07 -3.13 -6.50
N GLY D 25 -30.93 -2.12 -6.38
CA GLY D 25 -31.33 -1.61 -5.08
C GLY D 25 -32.22 -2.57 -4.36
N GLY D 26 -32.45 -2.26 -3.09
CA GLY D 26 -33.39 -3.03 -2.26
C GLY D 26 -32.77 -3.79 -1.10
N PHE D 27 -33.61 -4.02 -0.10
CA PHE D 27 -33.24 -4.78 1.10
C PHE D 27 -34.40 -5.73 1.29
N GLY D 28 -34.14 -7.01 1.07
CA GLY D 28 -35.19 -8.01 0.85
C GLY D 28 -36.09 -7.63 -0.32
N THR D 29 -37.36 -7.41 -0.02
CA THR D 29 -38.31 -6.86 -0.99
C THR D 29 -38.46 -5.36 -0.90
N GLY D 30 -37.94 -4.77 0.18
CA GLY D 30 -38.15 -3.34 0.43
C GLY D 30 -37.29 -2.48 -0.47
N GLY D 31 -37.91 -1.79 -1.41
CA GLY D 31 -37.17 -0.96 -2.36
C GLY D 31 -36.54 -1.73 -3.50
N MET D 32 -36.98 -2.98 -3.66
CA MET D 32 -36.49 -3.86 -4.72
C MET D 32 -37.29 -3.55 -5.97
N PRO D 33 -36.62 -3.13 -7.06
CA PRO D 33 -37.32 -2.79 -8.30
C PRO D 33 -37.88 -4.04 -9.00
N HIS D 34 -39.02 -4.51 -8.51
CA HIS D 34 -39.62 -5.77 -8.95
C HIS D 34 -40.08 -5.74 -10.39
N ALA D 35 -40.78 -4.66 -10.76
CA ALA D 35 -41.31 -4.50 -12.12
C ALA D 35 -40.20 -4.55 -13.17
N ILE D 36 -39.08 -3.86 -12.92
CA ILE D 36 -37.94 -3.89 -13.86
C ILE D 36 -37.35 -5.31 -13.96
N MET D 37 -37.26 -5.98 -12.83
CA MET D 37 -36.80 -7.37 -12.79
C MET D 37 -37.71 -8.31 -13.59
N GLN D 38 -39.02 -8.08 -13.55
CA GLN D 38 -39.93 -8.86 -14.39
C GLN D 38 -39.63 -8.60 -15.86
N GLU D 39 -39.35 -7.35 -16.23
CA GLU D 39 -39.07 -7.00 -17.63
C GLU D 39 -37.79 -7.66 -18.14
N ILE D 40 -36.78 -7.69 -17.27
CA ILE D 40 -35.53 -8.35 -17.57
C ILE D 40 -35.79 -9.84 -17.80
N LYS D 41 -36.69 -10.44 -17.02
CA LYS D 41 -37.07 -11.82 -17.27
C LYS D 41 -37.69 -11.98 -18.67
N LYS D 42 -38.68 -11.13 -18.99
CA LYS D 42 -39.35 -11.20 -20.30
C LYS D 42 -38.36 -11.06 -21.49
N MET D 43 -37.39 -10.15 -21.38
CA MET D 43 -36.40 -9.93 -22.45
C MET D 43 -35.35 -11.07 -22.57
N GLY D 44 -35.15 -11.83 -21.50
CA GLY D 44 -34.39 -13.07 -21.55
C GLY D 44 -32.86 -13.01 -21.66
N VAL D 45 -32.25 -11.85 -21.38
CA VAL D 45 -30.77 -11.77 -21.16
C VAL D 45 -30.27 -12.84 -20.21
N ARG D 46 -29.03 -13.26 -20.42
CA ARG D 46 -28.40 -14.32 -19.63
C ARG D 46 -27.04 -13.85 -19.15
N ASP D 47 -26.43 -14.65 -18.30
CA ASP D 47 -25.06 -14.44 -17.83
C ASP D 47 -24.91 -13.13 -17.05
N LEU D 48 -25.97 -12.74 -16.35
CA LEU D 48 -25.95 -11.53 -15.57
C LEU D 48 -25.03 -11.72 -14.35
N ILE D 49 -24.36 -10.62 -14.01
CA ILE D 49 -23.56 -10.50 -12.82
C ILE D 49 -24.22 -9.39 -12.03
N ILE D 50 -24.74 -9.71 -10.86
CA ILE D 50 -25.57 -8.80 -10.10
C ILE D 50 -25.00 -8.54 -8.70
N TYR D 51 -24.90 -7.26 -8.36
CA TYR D 51 -24.48 -6.82 -7.05
C TYR D 51 -25.71 -6.28 -6.35
N SER D 52 -26.00 -6.77 -5.15
CA SER D 52 -27.22 -6.39 -4.43
C SER D 52 -27.14 -6.89 -3.02
N ASP D 53 -27.88 -6.23 -2.14
CA ASP D 53 -27.81 -6.61 -0.73
C ASP D 53 -28.18 -8.11 -0.54
N GLY D 54 -29.32 -8.49 -1.12
CA GLY D 54 -29.72 -9.88 -1.28
C GLY D 54 -30.19 -10.10 -2.71
N ALA D 55 -30.90 -11.19 -2.95
CA ALA D 55 -31.40 -11.52 -4.29
C ALA D 55 -32.92 -11.67 -4.33
N GLY D 56 -33.60 -10.74 -3.66
CA GLY D 56 -35.04 -10.80 -3.51
C GLY D 56 -35.45 -12.04 -2.75
N VAL D 57 -36.60 -12.60 -3.13
CA VAL D 57 -37.09 -13.87 -2.59
C VAL D 57 -37.72 -14.65 -3.75
N ASP D 58 -38.12 -15.89 -3.52
CA ASP D 58 -38.66 -16.72 -4.63
C ASP D 58 -39.88 -15.99 -5.21
N GLY D 59 -39.93 -15.90 -6.54
CA GLY D 59 -41.03 -15.19 -7.22
C GLY D 59 -41.07 -13.67 -7.14
N TYR D 60 -40.08 -13.03 -6.52
CA TYR D 60 -40.08 -11.57 -6.34
C TYR D 60 -38.69 -10.97 -6.50
N GLY D 61 -38.57 -10.02 -7.42
CA GLY D 61 -37.43 -9.12 -7.52
C GLY D 61 -36.39 -9.84 -8.33
N ILE D 62 -35.14 -9.83 -7.87
CA ILE D 62 -34.03 -10.52 -8.54
C ILE D 62 -34.31 -12.04 -8.62
N GLY D 63 -35.08 -12.54 -7.64
CA GLY D 63 -35.52 -13.92 -7.55
C GLY D 63 -36.11 -14.52 -8.80
N VAL D 64 -36.89 -13.70 -9.51
CA VAL D 64 -37.58 -14.14 -10.71
C VAL D 64 -36.59 -14.47 -11.83
N LEU D 65 -35.46 -13.75 -11.89
CA LEU D 65 -34.40 -14.04 -12.89
C LEU D 65 -33.66 -15.37 -12.68
N PHE D 66 -33.77 -15.97 -11.50
CA PHE D 66 -33.21 -17.30 -11.23
C PHE D 66 -33.91 -18.43 -11.98
N GLU D 67 -35.21 -18.31 -12.23
CA GLU D 67 -36.00 -19.48 -12.65
C GLU D 67 -35.76 -19.95 -14.10
N ASN D 68 -35.35 -19.05 -15.00
CA ASN D 68 -34.78 -19.44 -16.31
C ASN D 68 -33.22 -19.37 -16.35
N LYS D 69 -32.59 -19.38 -15.17
CA LYS D 69 -31.13 -19.32 -15.00
C LYS D 69 -30.46 -18.21 -15.84
N GLN D 70 -30.90 -16.98 -15.61
CA GLN D 70 -30.33 -15.78 -16.26
C GLN D 70 -29.11 -15.21 -15.52
N ILE D 71 -28.84 -15.73 -14.31
CA ILE D 71 -27.84 -15.14 -13.43
C ILE D 71 -26.61 -16.06 -13.39
N ASN D 72 -25.48 -15.53 -13.82
CA ASN D 72 -24.17 -16.17 -13.68
C ASN D 72 -23.65 -16.03 -12.24
N LYS D 73 -23.59 -14.79 -11.76
CA LYS D 73 -22.95 -14.51 -10.48
C LYS D 73 -23.72 -13.47 -9.70
N MET D 74 -23.87 -13.76 -8.40
CA MET D 74 -24.47 -12.88 -7.44
C MET D 74 -23.34 -12.45 -6.51
N ILE D 75 -23.22 -11.14 -6.29
CA ILE D 75 -22.41 -10.59 -5.20
C ILE D 75 -23.36 -9.95 -4.18
N VAL D 76 -23.42 -10.51 -2.99
CA VAL D 76 -24.55 -10.33 -2.08
C VAL D 76 -24.08 -10.29 -0.62
N SER D 77 -24.85 -9.66 0.27
CA SER D 77 -24.57 -9.76 1.72
C SER D 77 -25.32 -10.84 2.43
N TYR D 78 -26.50 -11.19 1.93
CA TYR D 78 -27.40 -12.11 2.61
C TYR D 78 -28.29 -12.80 1.62
N VAL D 79 -28.41 -14.12 1.69
CA VAL D 79 -29.30 -14.86 0.79
C VAL D 79 -30.78 -14.61 1.13
N GLY D 80 -31.07 -14.52 2.43
CA GLY D 80 -32.41 -14.21 2.91
C GLY D 80 -33.30 -15.42 2.72
N ASN D 81 -34.61 -15.19 2.59
CA ASN D 81 -35.58 -16.28 2.38
C ASN D 81 -35.70 -16.59 0.90
N ASN D 82 -34.65 -17.20 0.34
CA ASN D 82 -34.57 -17.46 -1.10
C ASN D 82 -34.05 -18.87 -1.39
N LYS D 83 -34.99 -19.73 -1.77
CA LYS D 83 -34.76 -21.17 -1.93
C LYS D 83 -34.10 -21.46 -3.27
N ILE D 84 -34.62 -20.86 -4.33
CA ILE D 84 -34.03 -21.04 -5.67
C ILE D 84 -32.58 -20.51 -5.73
N PHE D 85 -32.32 -19.39 -5.07
CA PHE D 85 -30.95 -18.84 -4.99
C PHE D 85 -30.02 -19.81 -4.26
N ALA D 86 -30.38 -20.14 -3.02
CA ALA D 86 -29.62 -21.09 -2.22
C ALA D 86 -29.47 -22.45 -2.93
N ARG D 87 -30.54 -22.93 -3.55
CA ARG D 87 -30.51 -24.20 -4.30
C ARG D 87 -29.48 -24.15 -5.42
N GLN D 88 -29.59 -23.13 -6.27
CA GLN D 88 -28.69 -22.99 -7.42
C GLN D 88 -27.20 -22.80 -7.06
N TYR D 89 -26.91 -22.09 -5.97
CA TYR D 89 -25.54 -22.03 -5.45
C TYR D 89 -25.03 -23.43 -5.13
N LEU D 90 -25.74 -24.17 -4.28
CA LEU D 90 -25.31 -25.54 -3.90
C LEU D 90 -25.18 -26.50 -5.10
N GLU D 91 -26.08 -26.40 -6.06
CA GLU D 91 -26.07 -27.30 -7.22
C GLU D 91 -25.11 -26.90 -8.34
N GLY D 92 -24.50 -25.72 -8.23
CA GLY D 92 -23.50 -25.25 -9.21
C GLY D 92 -24.03 -24.49 -10.40
N ASP D 93 -25.27 -24.00 -10.32
CA ASP D 93 -25.87 -23.22 -11.41
C ASP D 93 -25.53 -21.74 -11.30
N VAL D 94 -25.30 -21.26 -10.07
CA VAL D 94 -24.94 -19.86 -9.84
C VAL D 94 -23.66 -19.78 -9.01
N GLU D 95 -22.88 -18.73 -9.28
CA GLU D 95 -21.71 -18.38 -8.49
C GLU D 95 -22.13 -17.34 -7.44
N LEU D 96 -21.73 -17.57 -6.18
CA LEU D 96 -22.07 -16.71 -5.03
C LEU D 96 -20.83 -16.16 -4.28
N GLU D 97 -20.55 -14.86 -4.41
CA GLU D 97 -19.57 -14.18 -3.55
C GLU D 97 -20.31 -13.35 -2.49
N PHE D 98 -20.04 -13.63 -1.22
CA PHE D 98 -20.56 -12.80 -0.13
C PHE D 98 -19.66 -11.59 0.09
N CYS D 99 -20.29 -10.44 0.31
CA CYS D 99 -19.61 -9.22 0.72
C CYS D 99 -20.30 -8.66 1.97
N PRO D 100 -19.54 -8.28 3.03
CA PRO D 100 -20.24 -7.67 4.17
C PRO D 100 -21.04 -6.49 3.70
N GLN D 101 -22.18 -6.27 4.34
CA GLN D 101 -23.17 -5.33 3.82
C GLN D 101 -22.69 -3.88 3.80
N GLY D 102 -22.02 -3.49 4.88
CA GLY D 102 -21.38 -2.19 4.94
C GLY D 102 -20.35 -1.97 3.87
N SER D 103 -19.56 -3.01 3.58
CA SER D 103 -18.56 -2.95 2.53
C SER D 103 -19.19 -2.93 1.14
N LEU D 104 -20.26 -3.69 0.93
CA LEU D 104 -20.98 -3.66 -0.35
C LEU D 104 -21.53 -2.26 -0.63
N ALA D 105 -22.22 -1.69 0.34
CA ALA D 105 -22.82 -0.36 0.17
C ALA D 105 -21.76 0.73 -0.11
N GLU D 106 -20.64 0.68 0.60
CA GLU D 106 -19.62 1.69 0.49
C GLU D 106 -18.78 1.49 -0.79
N ARG D 107 -18.57 0.25 -1.20
CA ARG D 107 -17.91 -0.03 -2.50
C ARG D 107 -18.69 0.51 -3.67
N MET D 108 -20.02 0.35 -3.61
CA MET D 108 -20.90 1.00 -4.58
C MET D 108 -20.76 2.51 -4.52
N ARG D 109 -20.82 3.12 -3.32
CA ARG D 109 -20.65 4.55 -3.20
C ARG D 109 -19.30 4.99 -3.77
N ALA D 110 -18.24 4.30 -3.39
CA ALA D 110 -16.90 4.62 -3.88
C ALA D 110 -16.81 4.54 -5.42
N GLY D 111 -17.45 3.54 -6.01
CA GLY D 111 -17.69 3.44 -7.44
C GLY D 111 -18.33 4.68 -8.03
N GLY D 112 -19.41 5.14 -7.40
CA GLY D 112 -20.02 6.39 -7.79
C GLY D 112 -19.23 7.65 -7.52
N ALA D 113 -18.33 7.61 -6.54
CA ALA D 113 -17.60 8.77 -6.05
C ALA D 113 -16.15 8.91 -6.54
N GLY D 114 -15.73 8.08 -7.48
CA GLY D 114 -14.37 8.17 -8.01
C GLY D 114 -13.27 7.81 -7.01
N ILE D 115 -13.64 6.99 -6.02
CA ILE D 115 -12.73 6.56 -4.96
C ILE D 115 -12.46 5.12 -5.37
N PRO D 116 -11.24 4.83 -5.86
CA PRO D 116 -10.97 3.46 -6.32
C PRO D 116 -10.87 2.41 -5.20
N ALA D 117 -10.50 2.82 -4.00
CA ALA D 117 -10.40 1.90 -2.88
C ALA D 117 -10.41 2.64 -1.58
N PHE D 118 -10.78 1.92 -0.52
CA PHE D 118 -10.85 2.46 0.83
C PHE D 118 -10.61 1.32 1.82
N TYR D 119 -10.25 1.68 3.04
CA TYR D 119 -10.01 0.68 4.08
C TYR D 119 -11.16 0.57 5.10
N THR D 120 -11.42 -0.65 5.56
CA THR D 120 -12.43 -0.91 6.60
C THR D 120 -11.93 -2.02 7.52
N PRO D 121 -12.27 -1.91 8.83
CA PRO D 121 -11.88 -2.98 9.74
C PRO D 121 -12.74 -4.20 9.54
N THR D 122 -13.92 -4.04 8.93
CA THR D 122 -14.82 -5.14 8.58
C THR D 122 -14.23 -6.34 7.81
N ALA D 123 -14.55 -7.52 8.33
CA ALA D 123 -14.16 -8.79 7.78
C ALA D 123 -12.69 -9.19 7.97
N VAL D 124 -11.88 -8.41 8.69
CA VAL D 124 -10.46 -8.78 8.84
C VAL D 124 -10.38 -10.09 9.63
N GLY D 125 -9.43 -10.94 9.27
CA GLY D 125 -9.28 -12.26 9.89
C GLY D 125 -10.36 -13.31 9.60
N THR D 126 -11.36 -12.98 8.78
CA THR D 126 -12.43 -13.90 8.43
C THR D 126 -12.09 -14.56 7.11
N VAL D 127 -12.90 -15.55 6.75
CA VAL D 127 -12.76 -16.20 5.45
C VAL D 127 -12.99 -15.22 4.28
N LEU D 128 -13.78 -14.16 4.50
CA LEU D 128 -14.01 -13.12 3.49
C LEU D 128 -12.77 -12.29 3.21
N GLN D 129 -11.81 -12.26 4.14
CA GLN D 129 -10.53 -11.59 3.89
C GLN D 129 -9.46 -12.58 3.40
N THR D 130 -9.42 -13.79 3.96
CA THR D 130 -8.34 -14.74 3.65
C THR D 130 -8.53 -15.49 2.33
N GLY D 131 -9.74 -15.46 1.76
CA GLY D 131 -10.11 -16.36 0.66
C GLY D 131 -10.62 -17.66 1.25
N GLY D 132 -10.98 -18.59 0.39
CA GLY D 132 -11.47 -19.91 0.84
C GLY D 132 -12.91 -19.95 1.34
N GLN D 133 -13.74 -19.05 0.87
CA GLN D 133 -15.18 -19.29 0.87
C GLN D 133 -15.45 -19.91 -0.49
N ILE D 134 -16.32 -20.93 -0.52
CA ILE D 134 -16.71 -21.57 -1.77
C ILE D 134 -17.68 -20.62 -2.47
N THR D 135 -17.30 -20.14 -3.64
CA THR D 135 -18.17 -19.28 -4.45
C THR D 135 -18.88 -20.01 -5.58
N LYS D 136 -18.26 -21.05 -6.13
CA LYS D 136 -18.92 -21.92 -7.11
C LYS D 136 -18.62 -23.38 -6.79
N TYR D 137 -19.66 -24.20 -6.91
CA TYR D 137 -19.54 -25.66 -6.93
C TYR D 137 -19.68 -26.12 -8.37
N ASP D 138 -19.13 -27.30 -8.67
CA ASP D 138 -19.54 -28.03 -9.86
C ASP D 138 -20.87 -28.70 -9.51
N LYS D 139 -21.38 -29.59 -10.35
CA LYS D 139 -22.72 -30.17 -10.14
C LYS D 139 -22.81 -31.39 -9.21
N ASN D 140 -21.69 -31.83 -8.61
CA ASN D 140 -21.69 -32.96 -7.65
C ASN D 140 -21.08 -32.63 -6.27
N GLY D 141 -21.38 -31.44 -5.74
CA GLY D 141 -20.90 -31.03 -4.41
C GLY D 141 -19.45 -30.58 -4.26
N GLY D 142 -18.63 -30.78 -5.30
CA GLY D 142 -17.19 -30.46 -5.24
C GLY D 142 -16.91 -28.99 -5.57
N VAL D 143 -15.82 -28.46 -5.02
CA VAL D 143 -15.48 -27.04 -5.19
C VAL D 143 -14.96 -26.75 -6.59
N LEU D 144 -15.57 -25.76 -7.26
CA LEU D 144 -15.09 -25.27 -8.56
C LEU D 144 -14.25 -23.98 -8.42
N LYS D 145 -14.74 -23.02 -7.62
CA LYS D 145 -14.08 -21.70 -7.43
C LYS D 145 -14.16 -21.25 -5.97
N GLU D 146 -13.16 -20.48 -5.53
CA GLU D 146 -13.08 -19.94 -4.16
C GLU D 146 -12.92 -18.42 -4.18
N SER D 147 -13.29 -17.75 -3.09
CA SER D 147 -13.17 -16.29 -3.02
C SER D 147 -11.69 -15.88 -3.00
N THR D 148 -11.39 -14.79 -3.68
CA THR D 148 -10.05 -14.21 -3.74
C THR D 148 -9.81 -13.46 -2.43
N PRO D 149 -8.59 -13.55 -1.86
CA PRO D 149 -8.30 -12.77 -0.65
C PRO D 149 -8.42 -11.26 -0.84
N ARG D 150 -8.70 -10.55 0.24
CA ARG D 150 -8.58 -9.08 0.28
C ARG D 150 -7.21 -8.71 0.80
N GLU D 151 -6.64 -7.63 0.28
CA GLU D 151 -5.41 -7.07 0.81
C GLU D 151 -5.67 -6.49 2.17
N THR D 152 -4.60 -6.37 2.94
CA THR D 152 -4.66 -5.76 4.27
C THR D 152 -3.57 -4.71 4.46
N ARG D 153 -3.86 -3.77 5.35
CA ARG D 153 -2.91 -2.73 5.69
C ARG D 153 -3.14 -2.25 7.12
N PHE D 154 -2.04 -1.91 7.81
CA PHE D 154 -2.11 -1.36 9.15
C PHE D 154 -2.25 0.16 9.14
N PHE D 155 -3.10 0.67 10.04
CA PHE D 155 -3.25 2.09 10.32
C PHE D 155 -3.41 2.23 11.85
N GLY D 156 -2.59 3.07 12.47
CA GLY D 156 -2.59 3.26 13.91
C GLY D 156 -2.55 1.96 14.68
N GLY D 157 -1.69 1.03 14.22
CA GLY D 157 -1.46 -0.25 14.86
C GLY D 157 -2.58 -1.28 14.74
N ARG D 158 -3.50 -1.07 13.80
CA ARG D 158 -4.70 -1.89 13.65
C ARG D 158 -4.85 -2.25 12.17
N LEU D 159 -5.34 -3.45 11.91
CA LEU D 159 -5.39 -3.99 10.55
C LEU D 159 -6.74 -3.76 9.86
N TYR D 160 -6.72 -3.34 8.59
CA TYR D 160 -7.93 -3.07 7.81
C TYR D 160 -7.87 -3.79 6.47
N CYS D 161 -9.05 -4.08 5.90
CA CYS D 161 -9.18 -4.65 4.58
C CYS D 161 -9.29 -3.55 3.54
N LEU D 162 -8.59 -3.71 2.43
CA LEU D 162 -8.80 -2.84 1.26
C LEU D 162 -10.04 -3.30 0.49
N GLU D 163 -10.99 -2.39 0.28
CA GLU D 163 -12.20 -2.69 -0.51
C GLU D 163 -12.10 -1.96 -1.85
N ASN D 164 -12.52 -2.59 -2.93
CA ASN D 164 -12.39 -2.00 -4.27
C ASN D 164 -13.72 -1.42 -4.73
N ALA D 165 -13.64 -0.33 -5.48
CA ALA D 165 -14.82 0.34 -6.01
C ALA D 165 -15.62 -0.66 -6.85
N ILE D 166 -16.94 -0.60 -6.76
CA ILE D 166 -17.82 -1.35 -7.67
C ILE D 166 -18.41 -0.38 -8.69
N LYS D 167 -18.21 -0.68 -9.97
N LYS D 167 -18.23 -0.68 -9.97
CA LYS D 167 -18.89 0.02 -11.05
CA LYS D 167 -18.90 0.07 -11.04
C LYS D 167 -19.57 -1.03 -11.91
C LYS D 167 -19.53 -0.92 -12.00
N THR D 168 -20.84 -0.78 -12.22
CA THR D 168 -21.64 -1.70 -12.99
C THR D 168 -22.02 -1.09 -14.33
N ASP D 169 -22.38 -1.93 -15.29
CA ASP D 169 -22.93 -1.43 -16.59
C ASP D 169 -24.28 -0.76 -16.37
N PHE D 170 -25.11 -1.40 -15.57
CA PHE D 170 -26.43 -0.85 -15.22
C PHE D 170 -26.57 -0.80 -13.72
N SER D 171 -27.33 0.18 -13.23
CA SER D 171 -27.88 0.15 -11.89
C SER D 171 -29.39 0.26 -12.02
N ILE D 172 -30.10 -0.43 -11.13
CA ILE D 172 -31.56 -0.55 -11.15
C ILE D 172 -32.08 -0.20 -9.76
N VAL D 173 -33.03 0.72 -9.73
CA VAL D 173 -33.40 1.43 -8.54
C VAL D 173 -34.93 1.60 -8.52
N LYS D 174 -35.54 1.56 -7.32
CA LYS D 174 -36.97 1.78 -7.14
C LYS D 174 -37.12 2.92 -6.15
N ALA D 175 -38.02 3.86 -6.45
CA ALA D 175 -38.26 5.03 -5.61
C ALA D 175 -39.74 5.24 -5.47
N TRP D 176 -40.11 5.89 -4.37
CA TRP D 176 -41.51 6.24 -4.13
C TRP D 176 -41.93 7.29 -5.15
N LYS D 177 -41.10 8.31 -5.33
CA LYS D 177 -41.42 9.38 -6.25
C LYS D 177 -40.18 9.76 -7.00
N GLY D 178 -40.36 10.16 -8.25
CA GLY D 178 -39.30 10.75 -9.04
C GLY D 178 -39.92 11.81 -9.92
N ASP D 179 -39.11 12.75 -10.35
CA ASP D 179 -39.58 13.73 -11.31
C ASP D 179 -39.01 13.39 -12.69
N ARG D 180 -39.37 14.16 -13.71
CA ARG D 180 -39.03 13.79 -15.08
C ARG D 180 -37.52 13.79 -15.30
N CYS D 181 -36.82 14.69 -14.61
CA CYS D 181 -35.37 14.81 -14.73
C CYS D 181 -34.54 13.89 -13.81
N GLY D 182 -35.23 13.00 -13.08
CA GLY D 182 -34.55 11.90 -12.41
C GLY D 182 -34.40 12.01 -10.92
N ASN D 183 -34.60 13.19 -10.34
CA ASN D 183 -34.57 13.33 -8.86
C ASN D 183 -35.47 12.32 -8.19
N LEU D 184 -34.94 11.60 -7.20
CA LEU D 184 -35.70 10.61 -6.49
C LEU D 184 -35.89 10.95 -5.03
N VAL D 185 -37.07 10.58 -4.52
CA VAL D 185 -37.38 10.57 -3.11
C VAL D 185 -37.87 9.15 -2.78
N PHE D 186 -37.34 8.59 -1.71
CA PHE D 186 -37.70 7.30 -1.21
C PHE D 186 -38.58 7.44 0.01
N ARG D 187 -39.10 6.31 0.48
CA ARG D 187 -40.03 6.27 1.58
C ARG D 187 -39.67 5.14 2.55
N GLY D 188 -39.68 5.44 3.85
CA GLY D 188 -39.39 4.43 4.87
C GLY D 188 -37.98 3.85 4.73
N THR D 189 -37.82 2.59 5.13
CA THR D 189 -36.58 1.87 4.96
C THR D 189 -36.45 1.23 3.56
N ALA D 190 -37.37 1.52 2.64
CA ALA D 190 -37.21 1.15 1.21
C ALA D 190 -36.10 1.93 0.48
N ARG D 191 -35.50 2.92 1.14
CA ARG D 191 -34.35 3.64 0.59
C ARG D 191 -33.13 2.74 0.49
N ASN D 192 -32.57 2.36 1.63
CA ASN D 192 -31.48 1.37 1.75
C ASN D 192 -30.42 1.50 0.66
N PHE D 193 -30.23 0.48 -0.16
CA PHE D 193 -29.14 0.49 -1.16
C PHE D 193 -29.45 1.31 -2.40
N ASN D 194 -30.69 1.77 -2.54
CA ASN D 194 -31.06 2.49 -3.73
C ASN D 194 -30.23 3.75 -4.01
N VAL D 195 -29.76 4.43 -2.96
CA VAL D 195 -28.89 5.59 -3.14
C VAL D 195 -27.49 5.17 -3.64
N PRO D 196 -26.74 4.35 -2.86
CA PRO D 196 -25.43 4.00 -3.42
C PRO D 196 -25.49 3.27 -4.79
N VAL D 197 -26.44 2.32 -4.97
CA VAL D 197 -26.68 1.64 -6.25
C VAL D 197 -26.87 2.63 -7.37
N GLY D 198 -27.71 3.62 -7.08
CA GLY D 198 -27.98 4.74 -7.98
C GLY D 198 -26.74 5.46 -8.49
N GLN D 199 -25.72 5.53 -7.67
CA GLN D 199 -24.53 6.30 -7.98
C GLN D 199 -23.46 5.55 -8.77
N CYS D 200 -23.53 4.21 -8.82
CA CYS D 200 -22.43 3.37 -9.32
C CYS D 200 -22.60 2.76 -10.73
N GLY D 201 -23.77 2.94 -11.36
CA GLY D 201 -24.02 2.38 -12.70
C GLY D 201 -23.71 3.35 -13.83
N GLN D 202 -23.18 2.82 -14.93
CA GLN D 202 -22.99 3.60 -16.16
C GLN D 202 -24.36 4.07 -16.64
N THR D 203 -25.30 3.13 -16.75
CA THR D 203 -26.67 3.45 -17.11
C THR D 203 -27.59 3.17 -15.95
N VAL D 204 -28.23 4.21 -15.43
CA VAL D 204 -29.03 4.08 -14.22
C VAL D 204 -30.53 4.19 -14.55
N ILE D 205 -31.26 3.16 -14.15
CA ILE D 205 -32.71 3.02 -14.40
C ILE D 205 -33.48 3.03 -13.08
N ALA D 206 -34.49 3.90 -13.01
CA ALA D 206 -35.27 4.13 -11.83
C ALA D 206 -36.74 3.90 -12.14
N GLU D 207 -37.33 2.98 -11.38
CA GLU D 207 -38.72 2.62 -11.42
C GLU D 207 -39.38 3.47 -10.34
N VAL D 208 -40.39 4.26 -10.70
CA VAL D 208 -41.02 5.10 -9.69
C VAL D 208 -42.46 4.71 -9.45
N GLU D 209 -42.89 4.79 -8.19
CA GLU D 209 -44.28 4.58 -7.86
C GLU D 209 -45.12 5.79 -8.23
N ASN D 210 -44.53 6.99 -8.22
CA ASN D 210 -45.24 8.22 -8.60
C ASN D 210 -44.33 9.10 -9.39
N LEU D 211 -44.79 9.52 -10.57
CA LEU D 211 -44.03 10.44 -11.42
C LEU D 211 -44.57 11.82 -11.13
N VAL D 212 -43.69 12.81 -11.01
CA VAL D 212 -44.15 14.19 -10.90
C VAL D 212 -43.34 15.04 -11.84
N GLU D 213 -43.81 16.25 -12.06
CA GLU D 213 -43.18 17.17 -12.96
C GLU D 213 -41.98 17.83 -12.27
N ASN D 214 -41.05 18.32 -13.08
CA ASN D 214 -39.88 19.01 -12.53
C ASN D 214 -40.37 20.26 -11.80
N GLY D 215 -39.90 20.45 -10.58
CA GLY D 215 -40.39 21.51 -9.72
C GLY D 215 -41.50 21.11 -8.73
N ASP D 216 -42.01 19.89 -8.82
CA ASP D 216 -42.96 19.36 -7.80
C ASP D 216 -42.25 18.84 -6.55
N ILE D 217 -40.97 18.47 -6.68
CA ILE D 217 -40.20 17.99 -5.53
C ILE D 217 -39.43 19.15 -4.93
N ASP D 218 -39.47 19.26 -3.61
CA ASP D 218 -38.72 20.31 -2.91
C ASP D 218 -37.26 19.88 -3.12
N PRO D 219 -36.40 20.82 -3.57
CA PRO D 219 -34.95 20.54 -3.73
C PRO D 219 -34.28 19.99 -2.46
N ASP D 220 -34.78 20.42 -1.30
CA ASP D 220 -34.27 19.91 -0.03
C ASP D 220 -34.74 18.52 0.39
N GLU D 221 -35.66 17.94 -0.36
CA GLU D 221 -36.23 16.63 -0.06
C GLU D 221 -35.78 15.55 -1.06
N VAL D 222 -34.98 15.93 -2.04
CA VAL D 222 -34.44 14.96 -3.00
C VAL D 222 -33.40 14.10 -2.32
N HIS D 223 -33.54 12.79 -2.42
CA HIS D 223 -32.61 11.83 -1.83
C HIS D 223 -31.55 11.38 -2.82
N LEU D 224 -31.93 11.13 -4.07
CA LEU D 224 -30.94 10.84 -5.12
C LEU D 224 -31.02 11.95 -6.16
N PRO D 225 -30.00 12.80 -6.22
CA PRO D 225 -30.03 13.85 -7.25
C PRO D 225 -30.17 13.31 -8.70
N GLY D 226 -30.92 14.03 -9.53
CA GLY D 226 -31.28 13.56 -10.87
C GLY D 226 -30.10 13.32 -11.81
N VAL D 227 -28.98 14.02 -11.58
CA VAL D 227 -27.71 13.76 -12.30
C VAL D 227 -27.30 12.26 -12.32
N TYR D 228 -27.65 11.49 -11.27
CA TYR D 228 -27.34 10.05 -11.20
C TYR D 228 -28.26 9.09 -11.99
N VAL D 229 -29.45 9.55 -12.37
CA VAL D 229 -30.45 8.71 -13.03
C VAL D 229 -30.43 9.01 -14.52
N ASP D 230 -30.37 7.97 -15.35
CA ASP D 230 -30.48 8.15 -16.80
C ASP D 230 -31.88 7.92 -17.36
N ARG D 231 -32.64 7.00 -16.77
CA ARG D 231 -33.90 6.52 -17.31
C ARG D 231 -34.92 6.36 -16.19
N VAL D 232 -36.11 6.95 -16.34
CA VAL D 232 -37.16 6.74 -15.35
C VAL D 232 -38.36 6.05 -15.99
N VAL D 233 -38.86 5.05 -15.26
CA VAL D 233 -39.97 4.26 -15.71
C VAL D 233 -41.05 4.27 -14.66
N VAL D 234 -42.29 4.29 -15.13
CA VAL D 234 -43.46 4.41 -14.29
C VAL D 234 -44.27 3.13 -14.53
N PRO D 235 -43.96 2.04 -13.81
CA PRO D 235 -44.71 0.81 -14.06
C PRO D 235 -46.17 0.89 -13.64
N GLU D 236 -46.98 0.02 -14.23
CA GLU D 236 -48.29 -0.36 -13.67
C GLU D 236 -48.08 -0.51 -12.16
N ARG D 237 -48.91 0.15 -11.36
N ARG D 237 -48.97 0.11 -11.38
CA ARG D 237 -48.71 0.18 -9.91
CA ARG D 237 -48.84 0.19 -9.93
C ARG D 237 -49.03 -1.19 -9.32
C ARG D 237 -49.05 -1.20 -9.32
N TYR D 238 -48.19 -1.60 -8.37
CA TYR D 238 -48.28 -2.92 -7.72
C TYR D 238 -47.92 -2.78 -6.25
N GLN D 239 -48.33 -3.74 -5.43
CA GLN D 239 -47.99 -3.70 -4.00
C GLN D 239 -46.62 -4.36 -3.79
N THR D 240 -45.77 -3.73 -2.97
CA THR D 240 -44.54 -4.39 -2.49
C THR D 240 -44.90 -5.62 -1.66
N LEU D 241 -44.26 -6.74 -1.97
CA LEU D 241 -44.47 -7.99 -1.24
C LEU D 241 -43.97 -7.77 0.18
N ILE D 242 -44.82 -8.07 1.16
CA ILE D 242 -44.47 -8.02 2.57
C ILE D 242 -44.12 -9.45 2.94
N GLU D 243 -42.89 -9.71 3.37
CA GLU D 243 -42.48 -11.07 3.73
C GLU D 243 -43.17 -11.54 5.00
N HIS D 244 -43.12 -10.69 6.03
CA HIS D 244 -43.66 -10.98 7.35
C HIS D 244 -44.56 -9.83 7.78
N ARG D 245 -45.87 -10.06 7.70
CA ARG D 245 -46.88 -9.07 8.05
C ARG D 245 -47.13 -9.08 9.57
N THR D 246 -46.17 -8.54 10.31
CA THR D 246 -46.20 -8.55 11.78
C THR D 246 -46.98 -7.35 12.30
N VAL D 247 -47.91 -7.62 13.21
CA VAL D 247 -48.90 -6.66 13.72
C VAL D 247 -48.99 -6.77 15.26
N THR D 248 -49.46 -5.71 15.93
CA THR D 248 -49.63 -5.71 17.41
C THR D 248 -51.01 -6.24 17.85
N GLY D 264 -43.50 -23.69 25.23
CA GLY D 264 -42.20 -24.22 25.63
C GLY D 264 -41.05 -23.38 25.11
N GLU D 265 -41.08 -22.09 25.44
CA GLU D 265 -40.13 -21.07 24.91
C GLU D 265 -39.20 -20.44 25.96
N GLU D 266 -39.39 -20.76 27.24
CA GLU D 266 -38.82 -19.98 28.37
C GLU D 266 -37.34 -19.63 28.27
N VAL D 267 -36.54 -20.48 27.62
CA VAL D 267 -35.09 -20.23 27.46
C VAL D 267 -34.78 -18.87 26.80
N ARG D 268 -35.49 -18.54 25.72
CA ARG D 268 -35.28 -17.28 24.99
C ARG D 268 -35.76 -16.04 25.75
N GLN D 269 -36.74 -16.23 26.65
CA GLN D 269 -37.26 -15.15 27.48
C GLN D 269 -36.26 -14.72 28.56
N ARG D 270 -35.68 -15.69 29.27
CA ARG D 270 -34.76 -15.40 30.39
C ARG D 270 -33.45 -14.75 29.94
N ILE D 271 -32.93 -15.20 28.80
CA ILE D 271 -31.72 -14.63 28.20
C ILE D 271 -32.02 -13.18 27.76
N ALA D 272 -33.16 -12.99 27.07
CA ALA D 272 -33.65 -11.67 26.69
C ALA D 272 -33.97 -10.77 27.90
N ARG D 273 -34.45 -11.36 29.00
CA ARG D 273 -34.70 -10.62 30.24
C ARG D 273 -33.41 -10.22 30.96
N ARG D 274 -32.38 -11.07 30.92
CA ARG D 274 -31.09 -10.66 31.45
C ARG D 274 -30.44 -9.61 30.53
N ALA D 275 -30.61 -9.76 29.22
CA ALA D 275 -29.96 -8.89 28.23
C ALA D 275 -30.51 -7.46 28.19
N ALA D 276 -31.78 -7.31 28.61
CA ALA D 276 -32.41 -5.99 28.74
C ALA D 276 -31.79 -5.11 29.82
N LEU D 277 -31.11 -5.72 30.81
CA LEU D 277 -30.37 -4.95 31.83
C LEU D 277 -29.05 -4.33 31.29
N GLU D 278 -28.61 -4.73 30.10
CA GLU D 278 -27.46 -4.10 29.42
C GLU D 278 -27.79 -2.70 28.87
N PHE D 279 -29.07 -2.41 28.64
CA PHE D 279 -29.51 -1.09 28.16
C PHE D 279 -29.39 -0.05 29.25
N ALA D 280 -28.67 1.01 28.93
CA ALA D 280 -28.58 2.18 29.77
C ALA D 280 -29.29 3.29 29.04
N ASN D 281 -29.58 4.35 29.77
CA ASN D 281 -30.41 5.43 29.27
C ASN D 281 -29.64 6.23 28.22
N GLY D 282 -30.32 6.68 27.18
CA GLY D 282 -29.70 7.49 26.12
C GLY D 282 -28.89 6.74 25.07
N MET D 283 -28.88 5.41 25.12
CA MET D 283 -28.08 4.59 24.20
C MET D 283 -28.72 4.52 22.83
N TYR D 284 -27.88 4.42 21.80
CA TYR D 284 -28.29 3.99 20.48
C TYR D 284 -27.85 2.54 20.31
N VAL D 285 -28.79 1.67 19.94
CA VAL D 285 -28.56 0.21 19.97
C VAL D 285 -29.02 -0.46 18.67
N ASN D 286 -28.24 -1.44 18.22
CA ASN D 286 -28.62 -2.28 17.10
C ASN D 286 -28.80 -3.68 17.64
N LEU D 287 -30.01 -4.23 17.49
CA LEU D 287 -30.34 -5.59 17.95
C LEU D 287 -30.39 -6.61 16.81
N GLY D 288 -29.87 -7.81 17.03
CA GLY D 288 -30.13 -8.96 16.13
C GLY D 288 -31.56 -9.49 16.24
N ILE D 289 -32.02 -10.16 15.19
CA ILE D 289 -33.28 -10.94 15.29
C ILE D 289 -33.13 -12.13 16.25
N GLY D 290 -34.27 -12.63 16.72
CA GLY D 290 -34.30 -13.67 17.73
C GLY D 290 -34.14 -13.03 19.09
N ILE D 291 -33.31 -13.64 19.94
CA ILE D 291 -33.21 -13.25 21.35
C ILE D 291 -32.87 -11.76 21.55
N PRO D 292 -31.86 -11.23 20.82
CA PRO D 292 -31.53 -9.81 21.04
C PRO D 292 -32.69 -8.83 20.81
N THR D 293 -33.53 -9.09 19.79
CA THR D 293 -34.73 -8.27 19.52
C THR D 293 -35.83 -8.40 20.57
N GLU D 294 -36.08 -9.61 21.04
CA GLU D 294 -37.06 -9.81 22.12
C GLU D 294 -36.62 -9.17 23.44
N SER D 295 -35.31 -8.93 23.62
CA SER D 295 -34.80 -8.21 24.82
C SER D 295 -35.36 -6.80 24.95
N SER D 296 -35.67 -6.17 23.81
CA SER D 296 -36.29 -4.83 23.79
C SER D 296 -37.64 -4.76 24.50
N ASN D 297 -38.42 -5.85 24.43
CA ASN D 297 -39.77 -5.87 25.02
C ASN D 297 -39.77 -5.82 26.56
N TYR D 298 -38.62 -6.13 27.17
CA TYR D 298 -38.41 -5.96 28.60
C TYR D 298 -37.48 -4.78 28.95
N ILE D 299 -37.49 -3.74 28.11
CA ILE D 299 -36.81 -2.46 28.42
C ILE D 299 -37.38 -1.87 29.73
N PRO D 300 -36.53 -1.75 30.78
CA PRO D 300 -37.05 -1.45 32.12
C PRO D 300 -37.67 -0.06 32.26
N ALA D 301 -38.24 0.17 33.44
CA ALA D 301 -39.03 1.37 33.77
C ALA D 301 -38.56 2.69 33.13
N GLY D 302 -37.39 3.17 33.54
CA GLY D 302 -36.90 4.52 33.18
C GLY D 302 -35.65 4.53 32.30
N VAL D 303 -35.69 3.76 31.22
CA VAL D 303 -34.56 3.62 30.30
C VAL D 303 -35.01 3.95 28.87
N ASN D 304 -34.49 5.06 28.35
CA ASN D 304 -34.73 5.50 26.98
C ASN D 304 -33.63 5.05 26.03
N VAL D 305 -33.96 4.07 25.21
CA VAL D 305 -33.06 3.60 24.15
C VAL D 305 -33.62 4.05 22.80
N VAL D 306 -32.75 4.19 21.82
CA VAL D 306 -33.16 4.46 20.45
C VAL D 306 -32.64 3.26 19.65
N LEU D 307 -33.54 2.60 18.92
CA LEU D 307 -33.20 1.39 18.20
C LEU D 307 -32.81 1.70 16.76
N GLN D 308 -31.64 1.22 16.34
CA GLN D 308 -31.18 1.35 14.97
C GLN D 308 -31.50 0.04 14.21
N SER D 309 -31.88 0.19 12.96
CA SER D 309 -32.11 -0.90 12.04
C SER D 309 -31.17 -0.66 10.86
N GLU D 310 -30.43 -1.69 10.46
CA GLU D 310 -29.33 -1.50 9.51
C GLU D 310 -29.82 -1.10 8.13
N ASN D 311 -31.07 -1.44 7.81
CA ASN D 311 -31.65 -1.07 6.51
C ASN D 311 -32.01 0.42 6.40
N GLY D 312 -31.80 1.19 7.48
CA GLY D 312 -31.71 2.64 7.40
C GLY D 312 -32.62 3.50 8.27
N LEU D 313 -32.84 3.07 9.52
CA LEU D 313 -33.73 3.73 10.46
C LEU D 313 -33.12 3.87 11.86
N ILE D 314 -33.19 5.05 12.47
CA ILE D 314 -33.19 5.16 13.96
C ILE D 314 -34.55 5.63 14.47
N GLY D 315 -34.92 5.13 15.66
CA GLY D 315 -36.27 5.33 16.21
C GLY D 315 -37.28 4.29 15.78
N MET D 316 -36.80 3.06 15.57
CA MET D 316 -37.65 1.89 15.30
C MET D 316 -38.54 1.53 16.50
N GLY D 317 -39.81 1.23 16.22
CA GLY D 317 -40.80 0.90 17.26
C GLY D 317 -41.26 -0.54 17.20
N PRO D 318 -42.32 -0.87 17.97
CA PRO D 318 -42.88 -2.23 17.88
C PRO D 318 -43.66 -2.44 16.56
N PHE D 319 -44.11 -3.68 16.32
CA PHE D 319 -44.89 -4.03 15.13
C PHE D 319 -46.05 -3.04 14.97
N PRO D 320 -46.43 -2.68 13.74
CA PRO D 320 -47.49 -1.69 13.61
C PRO D 320 -48.85 -2.25 14.01
N THR D 321 -49.80 -1.36 14.26
CA THR D 321 -51.18 -1.74 14.41
C THR D 321 -51.73 -2.12 13.02
N GLU D 322 -52.70 -3.01 12.97
CA GLU D 322 -53.19 -3.62 11.71
C GLU D 322 -53.37 -2.62 10.56
N ASP D 323 -54.04 -1.50 10.81
CA ASP D 323 -54.33 -0.53 9.74
C ASP D 323 -53.17 0.42 9.37
N LYS D 324 -52.17 0.55 10.25
CA LYS D 324 -50.97 1.37 9.97
C LYS D 324 -49.79 0.55 9.37
N VAL D 325 -50.04 -0.70 8.99
CA VAL D 325 -49.04 -1.54 8.32
C VAL D 325 -48.59 -0.95 6.97
N ASP D 326 -47.28 -0.94 6.74
CA ASP D 326 -46.69 -0.26 5.60
C ASP D 326 -45.51 -1.10 5.08
N ALA D 327 -45.58 -1.49 3.80
CA ALA D 327 -44.56 -2.34 3.18
C ALA D 327 -43.16 -1.71 3.09
N ASP D 328 -43.10 -0.37 3.11
CA ASP D 328 -41.79 0.34 3.13
C ASP D 328 -41.21 0.52 4.54
N TRP D 329 -41.89 0.05 5.57
CA TRP D 329 -41.41 0.25 6.94
C TRP D 329 -41.16 -1.10 7.58
N ILE D 330 -39.97 -1.62 7.34
CA ILE D 330 -39.58 -2.95 7.78
C ILE D 330 -38.22 -2.96 8.49
N ASN D 331 -38.08 -3.89 9.44
CA ASN D 331 -36.83 -4.11 10.20
C ASN D 331 -35.89 -5.07 9.44
N ALA D 332 -34.74 -5.39 10.04
CA ALA D 332 -33.72 -6.22 9.40
C ALA D 332 -34.20 -7.63 9.07
N GLY D 333 -35.05 -8.18 9.93
CA GLY D 333 -35.68 -9.47 9.70
C GLY D 333 -36.87 -9.46 8.77
N LYS D 334 -37.13 -8.32 8.10
CA LYS D 334 -38.14 -8.18 7.05
C LYS D 334 -39.57 -8.12 7.60
N GLN D 335 -39.70 -7.63 8.82
CA GLN D 335 -40.98 -7.56 9.50
C GLN D 335 -41.48 -6.14 9.38
N THR D 336 -42.78 -5.96 9.25
CA THR D 336 -43.38 -4.63 9.30
C THR D 336 -43.14 -4.04 10.70
N ILE D 337 -42.92 -2.74 10.74
CA ILE D 337 -42.46 -2.05 11.94
C ILE D 337 -43.11 -0.67 11.99
N SER D 338 -42.96 0.02 13.12
CA SER D 338 -43.45 1.39 13.26
C SER D 338 -42.26 2.30 13.49
N HIS D 339 -42.52 3.59 13.53
CA HIS D 339 -41.51 4.56 13.94
C HIS D 339 -41.99 5.34 15.16
N LEU D 340 -41.06 5.67 16.04
CA LEU D 340 -41.34 6.43 17.24
C LEU D 340 -41.00 7.87 16.94
N ALA D 341 -41.47 8.77 17.79
CA ALA D 341 -41.19 10.20 17.64
C ALA D 341 -39.67 10.46 17.66
N GLY D 342 -39.23 11.33 16.75
CA GLY D 342 -37.82 11.65 16.59
C GLY D 342 -37.04 10.69 15.72
N SER D 343 -37.75 9.88 14.92
CA SER D 343 -37.08 8.90 14.08
C SER D 343 -36.38 9.58 12.90
N ALA D 344 -35.35 8.91 12.37
CA ALA D 344 -34.67 9.41 11.17
C ALA D 344 -34.32 8.27 10.21
N LEU D 345 -34.52 8.54 8.94
CA LEU D 345 -34.29 7.62 7.84
C LEU D 345 -33.00 8.02 7.12
N PHE D 346 -32.32 7.03 6.57
CA PHE D 346 -31.03 7.26 5.90
C PHE D 346 -30.72 6.04 5.03
N ASP D 347 -29.80 6.20 4.08
CA ASP D 347 -29.49 5.13 3.11
C ASP D 347 -28.45 4.17 3.68
N SER D 348 -28.20 3.07 2.97
CA SER D 348 -27.35 2.00 3.51
C SER D 348 -25.86 2.38 3.65
N ALA D 349 -25.36 3.25 2.77
CA ALA D 349 -23.99 3.75 2.92
C ALA D 349 -23.87 4.51 4.24
N THR D 350 -24.89 5.34 4.51
CA THR D 350 -24.96 6.14 5.74
C THR D 350 -25.22 5.21 6.92
N SER D 351 -26.06 4.19 6.73
CA SER D 351 -26.30 3.25 7.82
C SER D 351 -25.01 2.62 8.34
N PHE D 352 -24.15 2.19 7.42
CA PHE D 352 -22.92 1.50 7.79
C PHE D 352 -21.77 2.43 8.10
N ALA D 353 -21.85 3.68 7.63
CA ALA D 353 -20.94 4.71 8.12
C ALA D 353 -21.23 4.95 9.61
N MET D 354 -22.52 4.94 9.96
CA MET D 354 -22.95 5.06 11.36
C MET D 354 -22.43 3.89 12.21
N ILE D 355 -22.62 2.69 11.70
CA ILE D 355 -22.21 1.48 12.41
C ILE D 355 -20.69 1.33 12.46
N ARG D 356 -20.03 1.38 11.29
CA ARG D 356 -18.59 1.20 11.20
C ARG D 356 -17.82 2.31 11.92
N GLY D 357 -18.45 3.48 12.04
CA GLY D 357 -17.88 4.61 12.77
C GLY D 357 -18.08 4.59 14.27
N GLY D 358 -18.66 3.51 14.80
CA GLY D 358 -18.80 3.36 16.23
C GLY D 358 -19.85 4.27 16.81
N HIS D 359 -20.90 4.61 16.07
CA HIS D 359 -21.95 5.51 16.58
C HIS D 359 -23.05 4.74 17.33
N MET D 360 -23.04 3.42 17.28
CA MET D 360 -23.88 2.60 18.16
C MET D 360 -23.19 2.51 19.52
N ASP D 361 -23.96 2.58 20.60
CA ASP D 361 -23.41 2.32 21.94
C ASP D 361 -23.46 0.84 22.34
N LEU D 362 -24.43 0.11 21.83
CA LEU D 362 -24.52 -1.34 22.04
C LEU D 362 -24.97 -2.01 20.76
N THR D 363 -24.37 -3.15 20.44
CA THR D 363 -24.99 -4.05 19.49
C THR D 363 -25.14 -5.39 20.20
N MET D 364 -26.28 -6.02 19.98
CA MET D 364 -26.60 -7.26 20.62
C MET D 364 -26.97 -8.24 19.53
N LEU D 365 -26.28 -9.39 19.49
CA LEU D 365 -26.50 -10.41 18.43
C LEU D 365 -26.51 -11.82 19.04
N GLY D 366 -26.89 -12.80 18.22
CA GLY D 366 -26.78 -14.23 18.56
C GLY D 366 -25.54 -14.86 17.99
N ALA D 367 -25.42 -16.20 18.16
CA ALA D 367 -24.19 -16.93 17.82
C ALA D 367 -24.44 -18.41 17.54
N LEU D 368 -23.60 -18.96 16.69
CA LEU D 368 -23.43 -20.40 16.56
C LEU D 368 -22.30 -20.84 17.48
N GLU D 369 -21.23 -20.04 17.54
CA GLU D 369 -20.12 -20.26 18.48
C GLU D 369 -19.56 -18.93 18.98
N VAL D 370 -19.19 -18.88 20.26
CA VAL D 370 -18.47 -17.73 20.80
C VAL D 370 -17.28 -18.21 21.64
N ALA D 371 -16.11 -17.61 21.41
CA ALA D 371 -14.86 -18.04 22.05
C ALA D 371 -14.54 -17.26 23.30
N ALA D 372 -13.56 -17.76 24.05
CA ALA D 372 -12.96 -17.05 25.18
C ALA D 372 -12.03 -15.94 24.69
N ASN D 373 -11.54 -16.11 23.47
CA ASN D 373 -10.77 -15.10 22.75
C ASN D 373 -11.60 -13.85 22.42
N GLY D 374 -12.92 -13.98 22.38
CA GLY D 374 -13.82 -12.93 21.89
C GLY D 374 -14.30 -13.18 20.46
N ASP D 375 -13.73 -14.20 19.80
CA ASP D 375 -14.14 -14.61 18.46
C ASP D 375 -15.60 -15.00 18.44
N LEU D 376 -16.29 -14.71 17.33
CA LEU D 376 -17.71 -15.08 17.17
C LEU D 376 -17.94 -15.63 15.76
N ALA D 377 -18.56 -16.81 15.67
CA ALA D 377 -19.03 -17.38 14.41
C ALA D 377 -20.56 -17.34 14.35
N ASN D 378 -21.11 -16.56 13.42
CA ASN D 378 -22.58 -16.47 13.32
C ASN D 378 -23.19 -16.22 11.94
N PHE D 379 -22.45 -16.51 10.87
CA PHE D 379 -22.91 -16.22 9.50
C PHE D 379 -23.02 -17.38 8.51
N MET D 380 -22.28 -18.47 8.74
CA MET D 380 -22.57 -19.76 8.07
C MET D 380 -21.93 -20.99 8.72
N ILE D 381 -22.46 -22.15 8.34
CA ILE D 381 -21.82 -23.46 8.60
C ILE D 381 -21.66 -24.07 7.19
N PRO D 382 -20.40 -24.36 6.77
CA PRO D 382 -20.08 -24.62 5.34
C PRO D 382 -20.86 -25.78 4.72
N GLY D 383 -21.48 -25.52 3.57
CA GLY D 383 -22.23 -26.53 2.84
C GLY D 383 -23.64 -26.82 3.32
N LYS D 384 -24.02 -26.34 4.51
CA LYS D 384 -25.30 -26.70 5.13
C LYS D 384 -26.22 -25.48 5.25
N LEU D 385 -25.98 -24.62 6.24
CA LEU D 385 -26.74 -23.37 6.40
C LEU D 385 -25.87 -22.19 5.99
N VAL D 386 -26.09 -21.70 4.77
CA VAL D 386 -25.32 -20.58 4.22
C VAL D 386 -26.26 -19.42 3.89
N LYS D 387 -26.17 -18.38 4.72
CA LYS D 387 -26.97 -17.16 4.61
C LYS D 387 -26.13 -15.95 4.20
N GLY D 388 -24.87 -15.88 4.63
CA GLY D 388 -23.99 -14.73 4.36
C GLY D 388 -23.83 -13.85 5.60
N PRO D 389 -22.83 -12.93 5.59
CA PRO D 389 -22.49 -12.12 6.76
C PRO D 389 -23.52 -11.07 7.15
N GLY D 390 -24.39 -10.68 6.22
CA GLY D 390 -25.35 -9.61 6.48
C GLY D 390 -24.61 -8.36 6.87
N GLY D 391 -25.14 -7.63 7.84
CA GLY D 391 -24.44 -6.53 8.48
C GLY D 391 -23.64 -6.94 9.70
N ALA D 392 -23.67 -8.22 10.06
CA ALA D 392 -23.04 -8.74 11.29
C ALA D 392 -21.55 -8.49 11.36
N MET D 393 -20.84 -8.67 10.24
CA MET D 393 -19.39 -8.43 10.17
C MET D 393 -19.03 -6.98 10.51
N ASP D 394 -19.78 -6.02 9.96
CA ASP D 394 -19.64 -4.62 10.35
C ASP D 394 -19.93 -4.34 11.82
N LEU D 395 -21.05 -4.90 12.31
CA LEU D 395 -21.52 -4.65 13.68
C LEU D 395 -20.46 -5.09 14.71
N VAL D 396 -19.82 -6.23 14.47
CA VAL D 396 -18.85 -6.78 15.42
C VAL D 396 -17.51 -6.04 15.41
N SER D 397 -17.12 -5.44 14.30
CA SER D 397 -15.72 -5.01 14.13
C SER D 397 -15.50 -3.50 14.25
N CYS D 398 -16.45 -2.77 14.83
CA CYS D 398 -16.42 -1.29 14.82
C CYS D 398 -16.09 -0.65 16.18
N GLY D 399 -15.71 -1.47 17.16
CA GLY D 399 -15.35 -0.97 18.48
C GLY D 399 -16.54 -0.71 19.38
N THR D 400 -17.74 -1.03 18.92
CA THR D 400 -18.92 -0.92 19.73
C THR D 400 -18.97 -2.15 20.63
N ARG D 401 -19.40 -1.92 21.88
CA ARG D 401 -19.64 -3.00 22.81
C ARG D 401 -20.60 -4.01 22.21
N VAL D 402 -20.13 -5.26 22.09
CA VAL D 402 -20.91 -6.37 21.58
C VAL D 402 -21.21 -7.34 22.71
N VAL D 403 -22.51 -7.62 22.86
CA VAL D 403 -23.04 -8.57 23.79
C VAL D 403 -23.72 -9.62 22.95
N VAL D 404 -23.33 -10.88 23.12
CA VAL D 404 -23.99 -11.99 22.45
C VAL D 404 -25.03 -12.60 23.39
N THR D 405 -26.21 -12.85 22.85
CA THR D 405 -27.27 -13.56 23.56
C THR D 405 -27.49 -14.89 22.87
N THR D 406 -27.34 -15.99 23.62
CA THR D 406 -27.52 -17.34 23.07
C THR D 406 -27.77 -18.37 24.18
N THR D 407 -28.45 -19.46 23.84
CA THR D 407 -28.63 -20.59 24.77
C THR D 407 -27.28 -21.24 24.98
N HIS D 408 -27.02 -21.72 26.20
CA HIS D 408 -25.67 -22.13 26.59
C HIS D 408 -25.09 -23.23 25.69
N CYS D 409 -25.92 -24.22 25.41
CA CYS D 409 -25.57 -25.35 24.54
C CYS D 409 -26.43 -25.31 23.27
N ASN D 410 -25.88 -25.77 22.15
CA ASN D 410 -26.64 -25.95 20.89
C ASN D 410 -27.76 -27.03 20.93
N LYS D 411 -28.20 -27.57 19.78
CA LYS D 411 -29.25 -28.61 19.76
C LYS D 411 -28.74 -30.05 19.87
N ASN D 412 -27.41 -30.20 19.96
CA ASN D 412 -26.80 -31.30 20.70
C ASN D 412 -26.58 -30.81 22.14
N GLY D 413 -25.78 -31.52 22.95
CA GLY D 413 -25.30 -31.01 24.26
C GLY D 413 -23.99 -30.22 24.20
N ASP D 414 -23.50 -29.96 22.98
CA ASP D 414 -22.20 -29.34 22.77
C ASP D 414 -22.22 -27.84 23.12
N PRO D 415 -21.19 -27.38 23.85
CA PRO D 415 -21.22 -26.01 24.32
C PRO D 415 -21.02 -25.04 23.15
N LYS D 416 -21.99 -24.13 22.98
CA LYS D 416 -21.84 -23.00 22.06
C LYS D 416 -20.74 -22.04 22.54
N ILE D 417 -20.21 -22.26 23.76
CA ILE D 417 -19.08 -21.52 24.29
C ILE D 417 -17.83 -22.41 24.25
N VAL D 418 -16.98 -22.18 23.23
CA VAL D 418 -15.77 -22.99 22.99
C VAL D 418 -14.51 -22.15 23.22
N GLU D 419 -13.34 -22.79 23.25
CA GLU D 419 -12.08 -22.08 23.52
C GLU D 419 -11.65 -21.27 22.30
N ARG D 420 -11.77 -21.89 21.14
CA ARG D 420 -11.55 -21.23 19.86
C ARG D 420 -12.60 -21.78 18.90
N CYS D 421 -13.10 -20.92 18.00
CA CYS D 421 -14.16 -21.31 17.06
C CYS D 421 -13.66 -22.31 16.03
N ARG D 422 -14.58 -23.17 15.59
CA ARG D 422 -14.36 -24.15 14.54
C ARG D 422 -15.17 -23.84 13.25
N LEU D 423 -16.38 -23.29 13.40
CA LEU D 423 -17.13 -22.71 12.27
C LEU D 423 -16.51 -21.36 11.83
N PRO D 424 -16.74 -20.92 10.57
CA PRO D 424 -16.15 -19.67 10.07
C PRO D 424 -16.47 -18.41 10.91
N VAL D 425 -15.44 -17.66 11.26
CA VAL D 425 -15.57 -16.54 12.18
C VAL D 425 -16.25 -15.33 11.49
N THR D 426 -17.31 -14.81 12.12
CA THR D 426 -17.93 -13.52 11.78
C THR D 426 -17.01 -12.38 12.19
N GLY D 427 -16.37 -12.51 13.35
CA GLY D 427 -15.35 -11.57 13.78
C GLY D 427 -14.50 -12.03 14.96
N LYS D 428 -13.33 -11.42 15.07
CA LYS D 428 -12.28 -11.85 15.98
C LYS D 428 -12.14 -10.82 17.12
N HIS D 429 -11.96 -11.30 18.35
CA HIS D 429 -11.66 -10.44 19.53
C HIS D 429 -12.69 -9.33 19.76
N CYS D 430 -13.98 -9.65 19.54
CA CYS D 430 -15.02 -8.61 19.43
C CYS D 430 -16.15 -8.69 20.48
N VAL D 431 -16.42 -9.88 21.00
CA VAL D 431 -17.49 -10.04 21.97
C VAL D 431 -16.98 -9.56 23.34
N CYS D 432 -17.72 -8.66 23.96
CA CYS D 432 -17.35 -8.11 25.27
C CYS D 432 -18.01 -8.89 26.40
N ARG D 433 -19.32 -9.15 26.25
CA ARG D 433 -20.07 -9.98 27.22
C ARG D 433 -20.81 -11.09 26.48
N ILE D 434 -20.99 -12.21 27.18
CA ILE D 434 -21.80 -13.33 26.70
C ILE D 434 -22.86 -13.60 27.76
N ILE D 435 -24.12 -13.69 27.33
CA ILE D 435 -25.25 -13.86 28.23
C ILE D 435 -26.02 -15.12 27.82
N THR D 436 -26.14 -16.09 28.74
CA THR D 436 -26.93 -17.31 28.53
C THR D 436 -27.98 -17.51 29.62
N GLU D 437 -28.81 -18.54 29.45
CA GLU D 437 -29.87 -18.87 30.41
C GLU D 437 -29.31 -19.29 31.79
N TYR D 438 -28.07 -19.77 31.81
CA TYR D 438 -27.41 -20.21 33.05
C TYR D 438 -26.30 -19.27 33.57
N ALA D 439 -25.57 -18.61 32.66
CA ALA D 439 -24.38 -17.85 33.06
C ALA D 439 -24.19 -16.58 32.24
N VAL D 440 -23.31 -15.71 32.75
CA VAL D 440 -22.88 -14.52 32.05
C VAL D 440 -21.36 -14.41 32.13
N PHE D 441 -20.72 -14.20 30.98
CA PHE D 441 -19.27 -14.11 30.87
C PHE D 441 -18.82 -12.76 30.36
N ASP D 442 -17.65 -12.33 30.82
CA ASP D 442 -16.92 -11.20 30.28
C ASP D 442 -15.61 -11.69 29.67
N VAL D 443 -15.18 -10.98 28.63
CA VAL D 443 -13.91 -11.23 27.95
C VAL D 443 -12.92 -10.21 28.50
N VAL D 444 -11.90 -10.70 29.20
CA VAL D 444 -10.85 -9.85 29.76
C VAL D 444 -9.52 -10.47 29.35
N ASP D 445 -8.62 -9.65 28.83
CA ASP D 445 -7.26 -10.08 28.42
C ASP D 445 -7.29 -11.29 27.46
N GLY D 446 -8.30 -11.33 26.58
CA GLY D 446 -8.49 -12.45 25.66
C GLY D 446 -8.81 -13.79 26.30
N ARG D 447 -9.66 -13.78 27.35
CA ARG D 447 -10.04 -15.00 28.05
C ARG D 447 -11.35 -14.80 28.84
N LEU D 448 -12.02 -15.90 29.19
CA LEU D 448 -13.35 -15.91 29.83
C LEU D 448 -13.30 -15.85 31.37
N VAL D 449 -14.16 -15.00 31.96
CA VAL D 449 -14.29 -14.83 33.42
C VAL D 449 -15.78 -14.71 33.81
N LEU D 450 -16.23 -15.62 34.68
CA LEU D 450 -17.64 -15.70 35.08
C LEU D 450 -17.99 -14.57 36.03
N LYS D 451 -18.91 -13.69 35.59
CA LYS D 451 -19.39 -12.58 36.41
C LYS D 451 -20.78 -12.81 37.04
N GLU D 452 -21.64 -13.61 36.41
CA GLU D 452 -22.98 -13.92 36.95
C GLU D 452 -23.45 -15.35 36.67
N ILE D 453 -24.38 -15.83 37.50
CA ILE D 453 -25.08 -17.14 37.35
C ILE D 453 -26.52 -17.10 37.94
N ALA D 454 -27.48 -17.73 37.25
CA ALA D 454 -28.88 -17.81 37.74
C ALA D 454 -29.68 -18.93 37.07
N GLU D 455 -30.84 -19.22 37.67
CA GLU D 455 -31.49 -20.55 37.72
C GLU D 455 -30.85 -21.36 38.88
N ASP D 456 -29.65 -20.93 39.32
CA ASP D 456 -28.96 -21.33 40.55
C ASP D 456 -28.23 -22.68 40.41
N THR D 457 -27.75 -22.95 39.19
CA THR D 457 -26.70 -23.95 38.97
C THR D 457 -25.38 -23.36 39.50
N THR D 458 -24.61 -24.18 40.22
CA THR D 458 -23.32 -23.74 40.76
C THR D 458 -22.25 -23.68 39.67
N VAL D 459 -21.08 -23.14 40.03
CA VAL D 459 -19.94 -22.98 39.11
C VAL D 459 -19.58 -24.31 38.44
N ASP D 460 -19.51 -25.40 39.22
CA ASP D 460 -19.05 -26.72 38.71
C ASP D 460 -19.89 -27.31 37.57
N GLN D 461 -21.22 -27.17 37.66
CA GLN D 461 -22.13 -27.73 36.66
C GLN D 461 -22.13 -26.92 35.36
N VAL D 462 -22.13 -25.58 35.46
CA VAL D 462 -21.93 -24.73 34.27
C VAL D 462 -20.54 -24.96 33.67
N LYS D 463 -19.50 -25.02 34.52
CA LYS D 463 -18.10 -25.28 34.09
C LYS D 463 -17.94 -26.51 33.20
N LYS D 464 -18.76 -27.53 33.46
CA LYS D 464 -18.85 -28.72 32.61
C LYS D 464 -19.71 -28.46 31.36
N LEU D 465 -20.79 -27.69 31.52
CA LEU D 465 -21.64 -27.30 30.39
C LEU D 465 -20.99 -26.35 29.36
N THR D 466 -19.89 -25.67 29.72
CA THR D 466 -19.13 -24.86 28.74
C THR D 466 -17.97 -25.69 28.18
N GLY D 467 -17.43 -25.23 27.06
CA GLY D 467 -16.29 -25.89 26.41
C GLY D 467 -14.93 -25.31 26.79
N VAL D 468 -14.89 -24.35 27.72
CA VAL D 468 -13.65 -23.71 28.16
C VAL D 468 -13.58 -23.62 29.68
N GLY D 469 -12.36 -23.43 30.18
CA GLY D 469 -12.13 -23.02 31.55
C GLY D 469 -12.32 -21.52 31.68
N PHE D 470 -12.41 -21.06 32.92
CA PHE D 470 -12.61 -19.65 33.19
C PHE D 470 -12.29 -19.28 34.63
N ASP D 471 -11.80 -18.06 34.81
CA ASP D 471 -11.72 -17.37 36.09
C ASP D 471 -13.15 -17.19 36.67
N ALA D 472 -13.30 -17.24 38.00
CA ALA D 472 -14.64 -17.24 38.63
C ALA D 472 -14.64 -16.82 40.12
N ASP D 473 -14.03 -15.68 40.40
CA ASP D 473 -13.77 -15.25 41.80
C ASP D 473 -14.69 -14.15 42.36
N ASN D 474 -15.09 -13.20 41.52
CA ASN D 474 -16.11 -12.20 41.90
C ASN D 474 -17.47 -12.52 41.27
N VAL D 475 -17.94 -13.74 41.51
CA VAL D 475 -19.23 -14.20 40.96
C VAL D 475 -20.36 -13.77 41.88
N ILE D 476 -21.22 -12.90 41.35
CA ILE D 476 -22.50 -12.57 42.00
C ILE D 476 -23.57 -13.49 41.41
N THR D 477 -24.83 -13.25 41.78
CA THR D 477 -25.96 -13.96 41.18
C THR D 477 -26.59 -13.08 40.10
N MET D 478 -27.06 -13.72 39.03
CA MET D 478 -27.55 -13.02 37.84
C MET D 478 -28.97 -12.50 38.13
N PRO D 479 -29.21 -11.19 37.89
CA PRO D 479 -30.60 -10.67 37.87
C PRO D 479 -31.32 -10.84 36.53
N LEU D 480 -32.63 -10.60 36.56
CA LEU D 480 -33.49 -10.62 35.38
C LEU D 480 -34.27 -9.31 35.31
N ALA D 481 -34.65 -8.91 34.10
CA ALA D 481 -35.58 -7.79 33.90
C ALA D 481 -37.03 -8.30 33.97
N PRO D 482 -37.94 -7.54 34.63
CA PRO D 482 -39.31 -7.99 34.80
C PRO D 482 -40.16 -7.87 33.53
#